data_3BOD
# 
_entry.id   3BOD 
# 
_audit_conform.dict_name       mmcif_pdbx.dic 
_audit_conform.dict_version    5.387 
_audit_conform.dict_location   http://mmcif.pdb.org/dictionaries/ascii/mmcif_pdbx.dic 
# 
loop_
_database_2.database_id 
_database_2.database_code 
_database_2.pdbx_database_accession 
_database_2.pdbx_DOI 
PDB   3BOD         pdb_00003bod 10.2210/pdb3bod/pdb 
RCSB  RCSB045765   ?            ?                   
WWPDB D_1000045765 ?            ?                   
# 
loop_
_pdbx_audit_revision_history.ordinal 
_pdbx_audit_revision_history.data_content_type 
_pdbx_audit_revision_history.major_revision 
_pdbx_audit_revision_history.minor_revision 
_pdbx_audit_revision_history.revision_date 
1 'Structure model' 1 0 2008-03-25 
2 'Structure model' 1 1 2011-07-13 
3 'Structure model' 1 2 2017-08-02 
4 'Structure model' 1 3 2024-02-21 
# 
_pdbx_audit_revision_details.ordinal             1 
_pdbx_audit_revision_details.revision_ordinal    1 
_pdbx_audit_revision_details.data_content_type   'Structure model' 
_pdbx_audit_revision_details.provider            repository 
_pdbx_audit_revision_details.type                'Initial release' 
_pdbx_audit_revision_details.description         ? 
_pdbx_audit_revision_details.details             ? 
# 
loop_
_pdbx_audit_revision_group.ordinal 
_pdbx_audit_revision_group.revision_ordinal 
_pdbx_audit_revision_group.data_content_type 
_pdbx_audit_revision_group.group 
1 2 'Structure model' 'Version format compliance' 
2 3 'Structure model' 'Refinement description'    
3 3 'Structure model' 'Source and taxonomy'       
4 4 'Structure model' 'Data collection'           
5 4 'Structure model' 'Database references'       
6 4 'Structure model' 'Derived calculations'      
# 
loop_
_pdbx_audit_revision_category.ordinal 
_pdbx_audit_revision_category.revision_ordinal 
_pdbx_audit_revision_category.data_content_type 
_pdbx_audit_revision_category.category 
1 3 'Structure model' entity_src_gen     
2 3 'Structure model' software           
3 4 'Structure model' chem_comp_atom     
4 4 'Structure model' chem_comp_bond     
5 4 'Structure model' database_2         
6 4 'Structure model' struct_conn        
7 4 'Structure model' struct_ref_seq_dif 
8 4 'Structure model' struct_site        
# 
loop_
_pdbx_audit_revision_item.ordinal 
_pdbx_audit_revision_item.revision_ordinal 
_pdbx_audit_revision_item.data_content_type 
_pdbx_audit_revision_item.item 
1  4 'Structure model' '_database_2.pdbx_DOI'                
2  4 'Structure model' '_database_2.pdbx_database_accession' 
3  4 'Structure model' '_struct_conn.ptnr1_auth_comp_id'     
4  4 'Structure model' '_struct_conn.ptnr1_auth_seq_id'      
5  4 'Structure model' '_struct_conn.ptnr1_label_asym_id'    
6  4 'Structure model' '_struct_conn.ptnr1_label_atom_id'    
7  4 'Structure model' '_struct_conn.ptnr1_label_comp_id'    
8  4 'Structure model' '_struct_conn.ptnr1_label_seq_id'     
9  4 'Structure model' '_struct_conn.ptnr2_auth_comp_id'     
10 4 'Structure model' '_struct_conn.ptnr2_auth_seq_id'      
11 4 'Structure model' '_struct_conn.ptnr2_label_asym_id'    
12 4 'Structure model' '_struct_conn.ptnr2_label_atom_id'    
13 4 'Structure model' '_struct_conn.ptnr2_label_comp_id'    
14 4 'Structure model' '_struct_conn.ptnr2_label_seq_id'     
15 4 'Structure model' '_struct_ref_seq_dif.details'         
16 4 'Structure model' '_struct_site.pdbx_auth_asym_id'      
17 4 'Structure model' '_struct_site.pdbx_auth_comp_id'      
18 4 'Structure model' '_struct_site.pdbx_auth_seq_id'       
# 
_pdbx_database_status.entry_id                        3BOD 
_pdbx_database_status.deposit_site                    RCSB 
_pdbx_database_status.process_site                    RCSB 
_pdbx_database_status.recvd_initial_deposition_date   2007-12-17 
_pdbx_database_status.status_code                     REL 
_pdbx_database_status.status_code_sf                  REL 
_pdbx_database_status.status_code_mr                  ? 
_pdbx_database_status.SG_entry                        ? 
_pdbx_database_status.pdb_format_compatible           Y 
_pdbx_database_status.status_code_cs                  ? 
_pdbx_database_status.methods_development_category    ? 
_pdbx_database_status.status_code_nmr_data            ? 
# 
loop_
_audit_author.name 
_audit_author.pdbx_ordinal 
'Koehnke, J.' 1 
'Jin, X.'     2 
'Shapiro, L.' 3 
# 
_citation.id                        primary 
_citation.title                     
'Crystal Structures of beta-Neurexin 1 and beta-Neurexin 2 Ectodomains and Dynamics of Splice Insertion Sequence 4.' 
_citation.journal_abbrev            Structure 
_citation.journal_volume            16 
_citation.page_first                410 
_citation.page_last                 421 
_citation.year                      2008 
_citation.journal_id_ASTM           STRUE6 
_citation.country                   UK 
_citation.journal_id_ISSN           0969-2126 
_citation.journal_id_CSD            2005 
_citation.book_publisher            ? 
_citation.pdbx_database_id_PubMed   18334216 
_citation.pdbx_database_id_DOI      10.1016/j.str.2007.12.024 
# 
loop_
_citation_author.citation_id 
_citation_author.name 
_citation_author.ordinal 
_citation_author.identifier_ORCID 
primary 'Koehnke, J.'    1  ? 
primary 'Jin, X.'        2  ? 
primary 'Trbovic, N.'    3  ? 
primary 'Katsamba, P.S.' 4  ? 
primary 'Brasch, J.'     5  ? 
primary 'Ahlsen, G.'     6  ? 
primary 'Scheiffele, P.' 7  ? 
primary 'Honig, B.'      8  ? 
primary 'Palmer, A.G.'   9  ? 
primary 'Shapiro, L.'    10 ? 
# 
loop_
_entity.id 
_entity.type 
_entity.src_method 
_entity.pdbx_description 
_entity.formula_weight 
_entity.pdbx_number_of_molecules 
_entity.pdbx_ec 
_entity.pdbx_mutation 
_entity.pdbx_fragment 
_entity.details 
1 polymer     man Neurexin-1-alpha 19311.711 1   ? ? 'LNS domain' ? 
2 non-polymer syn 'CALCIUM ION'    40.078    1   ? ? ?            ? 
3 water       nat water            18.015    188 ? ? ?            ? 
# 
_entity_name_com.entity_id   1 
_entity_name_com.name        'Neurexin I-alpha' 
# 
_entity_poly.entity_id                      1 
_entity_poly.type                           'polypeptide(L)' 
_entity_poly.nstd_linkage                   no 
_entity_poly.nstd_monomer                   no 
_entity_poly.pdbx_seq_one_letter_code       
;APLGSTYIFSKGGGQITYKWPPNDRPSTRADRLAIGFSTVQKEAVLVRVDSSSGLGDYLELHIHQGKIGVKFNVGTDDIA
IEESNAIINDGKYHVVRFTRSGGNATLQVDSWPVIERYPAGRQLTIFNSQATIIIGGKEQGQPFQGQLSGLYYNGLKVLN
MAAENDANIAIVGNVRLV
;
_entity_poly.pdbx_seq_one_letter_code_can   
;APLGSTYIFSKGGGQITYKWPPNDRPSTRADRLAIGFSTVQKEAVLVRVDSSSGLGDYLELHIHQGKIGVKFNVGTDDIA
IEESNAIINDGKYHVVRFTRSGGNATLQVDSWPVIERYPAGRQLTIFNSQATIIIGGKEQGQPFQGQLSGLYYNGLKVLN
MAAENDANIAIVGNVRLV
;
_entity_poly.pdbx_strand_id                 A 
_entity_poly.pdbx_target_identifier         ? 
# 
loop_
_pdbx_entity_nonpoly.entity_id 
_pdbx_entity_nonpoly.name 
_pdbx_entity_nonpoly.comp_id 
2 'CALCIUM ION' CA  
3 water         HOH 
# 
loop_
_entity_poly_seq.entity_id 
_entity_poly_seq.num 
_entity_poly_seq.mon_id 
_entity_poly_seq.hetero 
1 1   ALA n 
1 2   PRO n 
1 3   LEU n 
1 4   GLY n 
1 5   SER n 
1 6   THR n 
1 7   TYR n 
1 8   ILE n 
1 9   PHE n 
1 10  SER n 
1 11  LYS n 
1 12  GLY n 
1 13  GLY n 
1 14  GLY n 
1 15  GLN n 
1 16  ILE n 
1 17  THR n 
1 18  TYR n 
1 19  LYS n 
1 20  TRP n 
1 21  PRO n 
1 22  PRO n 
1 23  ASN n 
1 24  ASP n 
1 25  ARG n 
1 26  PRO n 
1 27  SER n 
1 28  THR n 
1 29  ARG n 
1 30  ALA n 
1 31  ASP n 
1 32  ARG n 
1 33  LEU n 
1 34  ALA n 
1 35  ILE n 
1 36  GLY n 
1 37  PHE n 
1 38  SER n 
1 39  THR n 
1 40  VAL n 
1 41  GLN n 
1 42  LYS n 
1 43  GLU n 
1 44  ALA n 
1 45  VAL n 
1 46  LEU n 
1 47  VAL n 
1 48  ARG n 
1 49  VAL n 
1 50  ASP n 
1 51  SER n 
1 52  SER n 
1 53  SER n 
1 54  GLY n 
1 55  LEU n 
1 56  GLY n 
1 57  ASP n 
1 58  TYR n 
1 59  LEU n 
1 60  GLU n 
1 61  LEU n 
1 62  HIS n 
1 63  ILE n 
1 64  HIS n 
1 65  GLN n 
1 66  GLY n 
1 67  LYS n 
1 68  ILE n 
1 69  GLY n 
1 70  VAL n 
1 71  LYS n 
1 72  PHE n 
1 73  ASN n 
1 74  VAL n 
1 75  GLY n 
1 76  THR n 
1 77  ASP n 
1 78  ASP n 
1 79  ILE n 
1 80  ALA n 
1 81  ILE n 
1 82  GLU n 
1 83  GLU n 
1 84  SER n 
1 85  ASN n 
1 86  ALA n 
1 87  ILE n 
1 88  ILE n 
1 89  ASN n 
1 90  ASP n 
1 91  GLY n 
1 92  LYS n 
1 93  TYR n 
1 94  HIS n 
1 95  VAL n 
1 96  VAL n 
1 97  ARG n 
1 98  PHE n 
1 99  THR n 
1 100 ARG n 
1 101 SER n 
1 102 GLY n 
1 103 GLY n 
1 104 ASN n 
1 105 ALA n 
1 106 THR n 
1 107 LEU n 
1 108 GLN n 
1 109 VAL n 
1 110 ASP n 
1 111 SER n 
1 112 TRP n 
1 113 PRO n 
1 114 VAL n 
1 115 ILE n 
1 116 GLU n 
1 117 ARG n 
1 118 TYR n 
1 119 PRO n 
1 120 ALA n 
1 121 GLY n 
1 122 ARG n 
1 123 GLN n 
1 124 LEU n 
1 125 THR n 
1 126 ILE n 
1 127 PHE n 
1 128 ASN n 
1 129 SER n 
1 130 GLN n 
1 131 ALA n 
1 132 THR n 
1 133 ILE n 
1 134 ILE n 
1 135 ILE n 
1 136 GLY n 
1 137 GLY n 
1 138 LYS n 
1 139 GLU n 
1 140 GLN n 
1 141 GLY n 
1 142 GLN n 
1 143 PRO n 
1 144 PHE n 
1 145 GLN n 
1 146 GLY n 
1 147 GLN n 
1 148 LEU n 
1 149 SER n 
1 150 GLY n 
1 151 LEU n 
1 152 TYR n 
1 153 TYR n 
1 154 ASN n 
1 155 GLY n 
1 156 LEU n 
1 157 LYS n 
1 158 VAL n 
1 159 LEU n 
1 160 ASN n 
1 161 MET n 
1 162 ALA n 
1 163 ALA n 
1 164 GLU n 
1 165 ASN n 
1 166 ASP n 
1 167 ALA n 
1 168 ASN n 
1 169 ILE n 
1 170 ALA n 
1 171 ILE n 
1 172 VAL n 
1 173 GLY n 
1 174 ASN n 
1 175 VAL n 
1 176 ARG n 
1 177 LEU n 
1 178 VAL n 
# 
loop_
_entity_src_gen.entity_id 
_entity_src_gen.pdbx_src_id 
_entity_src_gen.pdbx_alt_source_flag 
_entity_src_gen.pdbx_seq_type 
_entity_src_gen.pdbx_beg_seq_num 
_entity_src_gen.pdbx_end_seq_num 
_entity_src_gen.gene_src_common_name 
_entity_src_gen.gene_src_genus 
_entity_src_gen.pdbx_gene_src_gene 
_entity_src_gen.gene_src_species 
_entity_src_gen.gene_src_strain 
_entity_src_gen.gene_src_tissue 
_entity_src_gen.gene_src_tissue_fraction 
_entity_src_gen.gene_src_details 
_entity_src_gen.pdbx_gene_src_fragment 
_entity_src_gen.pdbx_gene_src_scientific_name 
_entity_src_gen.pdbx_gene_src_ncbi_taxonomy_id 
_entity_src_gen.pdbx_gene_src_variant 
_entity_src_gen.pdbx_gene_src_cell_line 
_entity_src_gen.pdbx_gene_src_atcc 
_entity_src_gen.pdbx_gene_src_organ 
_entity_src_gen.pdbx_gene_src_organelle 
_entity_src_gen.pdbx_gene_src_cell 
_entity_src_gen.pdbx_gene_src_cellular_location 
_entity_src_gen.host_org_common_name 
_entity_src_gen.pdbx_host_org_scientific_name 
_entity_src_gen.pdbx_host_org_ncbi_taxonomy_id 
_entity_src_gen.host_org_genus 
_entity_src_gen.pdbx_host_org_gene 
_entity_src_gen.pdbx_host_org_organ 
_entity_src_gen.host_org_species 
_entity_src_gen.pdbx_host_org_tissue 
_entity_src_gen.pdbx_host_org_tissue_fraction 
_entity_src_gen.pdbx_host_org_strain 
_entity_src_gen.pdbx_host_org_variant 
_entity_src_gen.pdbx_host_org_cell_line 
_entity_src_gen.pdbx_host_org_atcc 
_entity_src_gen.pdbx_host_org_culture_collection 
_entity_src_gen.pdbx_host_org_cell 
_entity_src_gen.pdbx_host_org_organelle 
_entity_src_gen.pdbx_host_org_cellular_location 
_entity_src_gen.pdbx_host_org_vector_type 
_entity_src_gen.pdbx_host_org_vector 
_entity_src_gen.host_org_details 
_entity_src_gen.expression_system_id 
_entity_src_gen.plasmid_name 
_entity_src_gen.plasmid_details 
_entity_src_gen.pdbx_description 
1 1 sample ? 6   120 'house mouse' Mus 'Nrxn1, Kiaa0578' ? ? ? ? ? ? 'Mus musculus' 10090 ? ? ? ? ? ? ? ? 'Escherichia coli BL21' 
511693 Escherichia ? ? 'Escherichia coli' ? ? BL21 ? ? ? ? ? ? ? plasmid ? ? ? pGEX-NRX1D ? ? 
1 2 sample ? 121 178 'house mouse' Mus 'Nrxn1, Kiaa0578' ? ? ? ? ? ? 'Mus musculus' 10090 ? ? ? ? ? ? ? ? 'Escherichia coli BL21' 
511693 Escherichia ? ? 'Escherichia coli' ? ? BL21 ? ? ? ? ? ? ? plasmid ? ? ? pGEX-NRX1D ? ? 
# 
loop_
_chem_comp.id 
_chem_comp.type 
_chem_comp.mon_nstd_flag 
_chem_comp.name 
_chem_comp.pdbx_synonyms 
_chem_comp.formula 
_chem_comp.formula_weight 
ALA 'L-peptide linking' y ALANINE         ? 'C3 H7 N O2'     89.093  
ARG 'L-peptide linking' y ARGININE        ? 'C6 H15 N4 O2 1' 175.209 
ASN 'L-peptide linking' y ASPARAGINE      ? 'C4 H8 N2 O3'    132.118 
ASP 'L-peptide linking' y 'ASPARTIC ACID' ? 'C4 H7 N O4'     133.103 
CA  non-polymer         . 'CALCIUM ION'   ? 'Ca 2'           40.078  
GLN 'L-peptide linking' y GLUTAMINE       ? 'C5 H10 N2 O3'   146.144 
GLU 'L-peptide linking' y 'GLUTAMIC ACID' ? 'C5 H9 N O4'     147.129 
GLY 'peptide linking'   y GLYCINE         ? 'C2 H5 N O2'     75.067  
HIS 'L-peptide linking' y HISTIDINE       ? 'C6 H10 N3 O2 1' 156.162 
HOH non-polymer         . WATER           ? 'H2 O'           18.015  
ILE 'L-peptide linking' y ISOLEUCINE      ? 'C6 H13 N O2'    131.173 
LEU 'L-peptide linking' y LEUCINE         ? 'C6 H13 N O2'    131.173 
LYS 'L-peptide linking' y LYSINE          ? 'C6 H15 N2 O2 1' 147.195 
MET 'L-peptide linking' y METHIONINE      ? 'C5 H11 N O2 S'  149.211 
PHE 'L-peptide linking' y PHENYLALANINE   ? 'C9 H11 N O2'    165.189 
PRO 'L-peptide linking' y PROLINE         ? 'C5 H9 N O2'     115.130 
SER 'L-peptide linking' y SERINE          ? 'C3 H7 N O3'     105.093 
THR 'L-peptide linking' y THREONINE       ? 'C4 H9 N O3'     119.119 
TRP 'L-peptide linking' y TRYPTOPHAN      ? 'C11 H12 N2 O2'  204.225 
TYR 'L-peptide linking' y TYROSINE        ? 'C9 H11 N O3'    181.189 
VAL 'L-peptide linking' y VALINE          ? 'C5 H11 N O2'    117.146 
# 
loop_
_pdbx_poly_seq_scheme.asym_id 
_pdbx_poly_seq_scheme.entity_id 
_pdbx_poly_seq_scheme.seq_id 
_pdbx_poly_seq_scheme.mon_id 
_pdbx_poly_seq_scheme.ndb_seq_num 
_pdbx_poly_seq_scheme.pdb_seq_num 
_pdbx_poly_seq_scheme.auth_seq_num 
_pdbx_poly_seq_scheme.pdb_mon_id 
_pdbx_poly_seq_scheme.auth_mon_id 
_pdbx_poly_seq_scheme.pdb_strand_id 
_pdbx_poly_seq_scheme.pdb_ins_code 
_pdbx_poly_seq_scheme.hetero 
A 1 1   ALA 1   81  81  ALA ALA A . n 
A 1 2   PRO 2   82  82  PRO PRO A . n 
A 1 3   LEU 3   83  83  LEU LEU A . n 
A 1 4   GLY 4   84  84  GLY GLY A . n 
A 1 5   SER 5   85  85  SER SER A . n 
A 1 6   THR 6   86  86  THR THR A . n 
A 1 7   TYR 7   87  87  TYR TYR A . n 
A 1 8   ILE 8   88  88  ILE ILE A . n 
A 1 9   PHE 9   89  89  PHE PHE A . n 
A 1 10  SER 10  90  90  SER SER A . n 
A 1 11  LYS 11  91  91  LYS LYS A . n 
A 1 12  GLY 12  92  92  GLY GLY A . n 
A 1 13  GLY 13  93  93  GLY GLY A . n 
A 1 14  GLY 14  94  94  GLY GLY A . n 
A 1 15  GLN 15  95  95  GLN GLN A . n 
A 1 16  ILE 16  96  96  ILE ILE A . n 
A 1 17  THR 17  97  97  THR THR A . n 
A 1 18  TYR 18  98  98  TYR TYR A . n 
A 1 19  LYS 19  99  99  LYS LYS A . n 
A 1 20  TRP 20  100 100 TRP TRP A . n 
A 1 21  PRO 21  101 101 PRO PRO A . n 
A 1 22  PRO 22  102 102 PRO PRO A . n 
A 1 23  ASN 23  103 103 ASN ASN A . n 
A 1 24  ASP 24  104 104 ASP ASP A . n 
A 1 25  ARG 25  105 105 ARG ARG A . n 
A 1 26  PRO 26  106 106 PRO PRO A . n 
A 1 27  SER 27  107 107 SER SER A . n 
A 1 28  THR 28  108 108 THR THR A . n 
A 1 29  ARG 29  109 109 ARG ARG A . n 
A 1 30  ALA 30  110 110 ALA ALA A . n 
A 1 31  ASP 31  111 111 ASP ASP A . n 
A 1 32  ARG 32  112 112 ARG ARG A . n 
A 1 33  LEU 33  113 113 LEU LEU A . n 
A 1 34  ALA 34  114 114 ALA ALA A . n 
A 1 35  ILE 35  115 115 ILE ILE A . n 
A 1 36  GLY 36  116 116 GLY GLY A . n 
A 1 37  PHE 37  117 117 PHE PHE A . n 
A 1 38  SER 38  118 118 SER SER A . n 
A 1 39  THR 39  119 119 THR THR A . n 
A 1 40  VAL 40  120 120 VAL VAL A . n 
A 1 41  GLN 41  121 121 GLN GLN A . n 
A 1 42  LYS 42  122 122 LYS LYS A . n 
A 1 43  GLU 43  123 123 GLU GLU A . n 
A 1 44  ALA 44  124 124 ALA ALA A . n 
A 1 45  VAL 45  125 125 VAL VAL A . n 
A 1 46  LEU 46  126 126 LEU LEU A . n 
A 1 47  VAL 47  127 127 VAL VAL A . n 
A 1 48  ARG 48  128 128 ARG ARG A . n 
A 1 49  VAL 49  129 129 VAL VAL A . n 
A 1 50  ASP 50  130 130 ASP ASP A . n 
A 1 51  SER 51  131 131 SER SER A . n 
A 1 52  SER 52  132 132 SER SER A . n 
A 1 53  SER 53  133 133 SER SER A . n 
A 1 54  GLY 54  134 134 GLY GLY A . n 
A 1 55  LEU 55  135 135 LEU LEU A . n 
A 1 56  GLY 56  136 136 GLY GLY A . n 
A 1 57  ASP 57  137 137 ASP ASP A . n 
A 1 58  TYR 58  138 138 TYR TYR A . n 
A 1 59  LEU 59  139 139 LEU LEU A . n 
A 1 60  GLU 60  140 140 GLU GLU A . n 
A 1 61  LEU 61  141 141 LEU LEU A . n 
A 1 62  HIS 62  142 142 HIS HIS A . n 
A 1 63  ILE 63  143 143 ILE ILE A . n 
A 1 64  HIS 64  144 144 HIS HIS A . n 
A 1 65  GLN 65  145 145 GLN GLN A . n 
A 1 66  GLY 66  146 146 GLY GLY A . n 
A 1 67  LYS 67  147 147 LYS LYS A . n 
A 1 68  ILE 68  148 148 ILE ILE A . n 
A 1 69  GLY 69  149 149 GLY GLY A . n 
A 1 70  VAL 70  150 150 VAL VAL A . n 
A 1 71  LYS 71  151 151 LYS LYS A . n 
A 1 72  PHE 72  152 152 PHE PHE A . n 
A 1 73  ASN 73  153 153 ASN ASN A . n 
A 1 74  VAL 74  154 154 VAL VAL A . n 
A 1 75  GLY 75  155 155 GLY GLY A . n 
A 1 76  THR 76  156 156 THR THR A . n 
A 1 77  ASP 77  157 157 ASP ASP A . n 
A 1 78  ASP 78  158 158 ASP ASP A . n 
A 1 79  ILE 79  159 159 ILE ILE A . n 
A 1 80  ALA 80  160 160 ALA ALA A . n 
A 1 81  ILE 81  161 161 ILE ILE A . n 
A 1 82  GLU 82  162 162 GLU GLU A . n 
A 1 83  GLU 83  163 163 GLU GLU A . n 
A 1 84  SER 84  164 164 SER SER A . n 
A 1 85  ASN 85  165 165 ASN ASN A . n 
A 1 86  ALA 86  166 166 ALA ALA A . n 
A 1 87  ILE 87  167 167 ILE ILE A . n 
A 1 88  ILE 88  168 168 ILE ILE A . n 
A 1 89  ASN 89  169 169 ASN ASN A . n 
A 1 90  ASP 90  170 170 ASP ASP A . n 
A 1 91  GLY 91  171 171 GLY GLY A . n 
A 1 92  LYS 92  172 172 LYS LYS A . n 
A 1 93  TYR 93  173 173 TYR TYR A . n 
A 1 94  HIS 94  174 174 HIS HIS A . n 
A 1 95  VAL 95  175 175 VAL VAL A . n 
A 1 96  VAL 96  176 176 VAL VAL A . n 
A 1 97  ARG 97  177 177 ARG ARG A . n 
A 1 98  PHE 98  178 178 PHE PHE A . n 
A 1 99  THR 99  179 179 THR THR A . n 
A 1 100 ARG 100 180 180 ARG ARG A . n 
A 1 101 SER 101 181 181 SER SER A . n 
A 1 102 GLY 102 182 182 GLY GLY A . n 
A 1 103 GLY 103 183 183 GLY GLY A . n 
A 1 104 ASN 104 184 184 ASN ASN A . n 
A 1 105 ALA 105 185 185 ALA ALA A . n 
A 1 106 THR 106 186 186 THR THR A . n 
A 1 107 LEU 107 187 187 LEU LEU A . n 
A 1 108 GLN 108 188 188 GLN GLN A . n 
A 1 109 VAL 109 189 189 VAL VAL A . n 
A 1 110 ASP 110 190 190 ASP ASP A . n 
A 1 111 SER 111 191 191 SER SER A . n 
A 1 112 TRP 112 192 192 TRP TRP A . n 
A 1 113 PRO 113 193 193 PRO PRO A . n 
A 1 114 VAL 114 194 194 VAL VAL A . n 
A 1 115 ILE 115 195 195 ILE ILE A . n 
A 1 116 GLU 116 196 196 GLU GLU A . n 
A 1 117 ARG 117 197 197 ARG ARG A . n 
A 1 118 TYR 118 198 198 TYR TYR A . n 
A 1 119 PRO 119 199 199 PRO PRO A . n 
A 1 120 ALA 120 200 200 ALA ALA A . n 
A 1 121 GLY 121 201 201 GLY GLY A . n 
A 1 122 ARG 122 202 202 ARG ARG A . n 
A 1 123 GLN 123 203 203 GLN GLN A . n 
A 1 124 LEU 124 204 204 LEU LEU A . n 
A 1 125 THR 125 205 205 THR THR A . n 
A 1 126 ILE 126 206 206 ILE ILE A . n 
A 1 127 PHE 127 207 207 PHE PHE A . n 
A 1 128 ASN 128 208 208 ASN ASN A . n 
A 1 129 SER 129 209 209 SER SER A . n 
A 1 130 GLN 130 210 210 GLN GLN A . n 
A 1 131 ALA 131 211 211 ALA ALA A . n 
A 1 132 THR 132 212 212 THR THR A . n 
A 1 133 ILE 133 213 213 ILE ILE A . n 
A 1 134 ILE 134 214 214 ILE ILE A . n 
A 1 135 ILE 135 215 215 ILE ILE A . n 
A 1 136 GLY 136 216 216 GLY GLY A . n 
A 1 137 GLY 137 217 217 GLY GLY A . n 
A 1 138 LYS 138 218 218 LYS LYS A . n 
A 1 139 GLU 139 219 219 GLU GLU A . n 
A 1 140 GLN 140 220 220 GLN GLN A . n 
A 1 141 GLY 141 221 221 GLY GLY A . n 
A 1 142 GLN 142 222 222 GLN GLN A . n 
A 1 143 PRO 143 223 223 PRO PRO A . n 
A 1 144 PHE 144 224 224 PHE PHE A . n 
A 1 145 GLN 145 225 225 GLN GLN A . n 
A 1 146 GLY 146 226 226 GLY GLY A . n 
A 1 147 GLN 147 227 227 GLN GLN A . n 
A 1 148 LEU 148 228 228 LEU LEU A . n 
A 1 149 SER 149 229 229 SER SER A . n 
A 1 150 GLY 150 230 230 GLY GLY A . n 
A 1 151 LEU 151 231 231 LEU LEU A . n 
A 1 152 TYR 152 232 232 TYR TYR A . n 
A 1 153 TYR 153 233 233 TYR TYR A . n 
A 1 154 ASN 154 234 234 ASN ASN A . n 
A 1 155 GLY 155 235 235 GLY GLY A . n 
A 1 156 LEU 156 236 236 LEU LEU A . n 
A 1 157 LYS 157 237 237 LYS LYS A . n 
A 1 158 VAL 158 238 238 VAL VAL A . n 
A 1 159 LEU 159 239 239 LEU LEU A . n 
A 1 160 ASN 160 240 240 ASN ASN A . n 
A 1 161 MET 161 241 241 MET MET A . n 
A 1 162 ALA 162 242 242 ALA ALA A . n 
A 1 163 ALA 163 243 243 ALA ALA A . n 
A 1 164 GLU 164 244 244 GLU GLU A . n 
A 1 165 ASN 165 245 245 ASN ASN A . n 
A 1 166 ASP 166 246 246 ASP ASP A . n 
A 1 167 ALA 167 247 247 ALA ALA A . n 
A 1 168 ASN 168 248 248 ASN ASN A . n 
A 1 169 ILE 169 249 249 ILE ILE A . n 
A 1 170 ALA 170 250 250 ALA ALA A . n 
A 1 171 ILE 171 251 251 ILE ILE A . n 
A 1 172 VAL 172 252 252 VAL VAL A . n 
A 1 173 GLY 173 253 253 GLY GLY A . n 
A 1 174 ASN 174 254 254 ASN ASN A . n 
A 1 175 VAL 175 255 255 VAL VAL A . n 
A 1 176 ARG 176 256 256 ARG ARG A . n 
A 1 177 LEU 177 257 257 LEU LEU A . n 
A 1 178 VAL 178 258 258 VAL VAL A . n 
# 
loop_
_pdbx_nonpoly_scheme.asym_id 
_pdbx_nonpoly_scheme.entity_id 
_pdbx_nonpoly_scheme.mon_id 
_pdbx_nonpoly_scheme.ndb_seq_num 
_pdbx_nonpoly_scheme.pdb_seq_num 
_pdbx_nonpoly_scheme.auth_seq_num 
_pdbx_nonpoly_scheme.pdb_mon_id 
_pdbx_nonpoly_scheme.auth_mon_id 
_pdbx_nonpoly_scheme.pdb_strand_id 
_pdbx_nonpoly_scheme.pdb_ins_code 
B 2 CA  1   1   1   CA  CA  A . 
C 3 HOH 1   259 1   HOH HOH A . 
C 3 HOH 2   260 2   HOH HOH A . 
C 3 HOH 3   261 3   HOH HOH A . 
C 3 HOH 4   262 4   HOH HOH A . 
C 3 HOH 5   263 5   HOH HOH A . 
C 3 HOH 6   264 6   HOH HOH A . 
C 3 HOH 7   265 7   HOH HOH A . 
C 3 HOH 8   266 8   HOH HOH A . 
C 3 HOH 9   267 9   HOH HOH A . 
C 3 HOH 10  268 10  HOH HOH A . 
C 3 HOH 11  269 11  HOH HOH A . 
C 3 HOH 12  270 12  HOH HOH A . 
C 3 HOH 13  271 13  HOH HOH A . 
C 3 HOH 14  272 14  HOH HOH A . 
C 3 HOH 15  273 15  HOH HOH A . 
C 3 HOH 16  274 16  HOH HOH A . 
C 3 HOH 17  275 17  HOH HOH A . 
C 3 HOH 18  276 18  HOH HOH A . 
C 3 HOH 19  277 19  HOH HOH A . 
C 3 HOH 20  278 20  HOH HOH A . 
C 3 HOH 21  279 21  HOH HOH A . 
C 3 HOH 22  280 22  HOH HOH A . 
C 3 HOH 23  281 23  HOH HOH A . 
C 3 HOH 24  282 24  HOH HOH A . 
C 3 HOH 25  283 25  HOH HOH A . 
C 3 HOH 26  284 26  HOH HOH A . 
C 3 HOH 27  285 27  HOH HOH A . 
C 3 HOH 28  286 28  HOH HOH A . 
C 3 HOH 29  287 29  HOH HOH A . 
C 3 HOH 30  288 30  HOH HOH A . 
C 3 HOH 31  289 31  HOH HOH A . 
C 3 HOH 32  290 32  HOH HOH A . 
C 3 HOH 33  291 33  HOH HOH A . 
C 3 HOH 34  292 34  HOH HOH A . 
C 3 HOH 35  293 35  HOH HOH A . 
C 3 HOH 36  294 36  HOH HOH A . 
C 3 HOH 37  295 37  HOH HOH A . 
C 3 HOH 38  296 38  HOH HOH A . 
C 3 HOH 39  297 39  HOH HOH A . 
C 3 HOH 40  298 40  HOH HOH A . 
C 3 HOH 41  299 41  HOH HOH A . 
C 3 HOH 42  300 42  HOH HOH A . 
C 3 HOH 43  301 43  HOH HOH A . 
C 3 HOH 44  302 44  HOH HOH A . 
C 3 HOH 45  303 45  HOH HOH A . 
C 3 HOH 46  304 46  HOH HOH A . 
C 3 HOH 47  305 47  HOH HOH A . 
C 3 HOH 48  306 48  HOH HOH A . 
C 3 HOH 49  307 49  HOH HOH A . 
C 3 HOH 50  308 50  HOH HOH A . 
C 3 HOH 51  309 51  HOH HOH A . 
C 3 HOH 52  310 52  HOH HOH A . 
C 3 HOH 53  311 53  HOH HOH A . 
C 3 HOH 54  312 54  HOH HOH A . 
C 3 HOH 55  313 55  HOH HOH A . 
C 3 HOH 56  314 56  HOH HOH A . 
C 3 HOH 57  315 57  HOH HOH A . 
C 3 HOH 58  316 58  HOH HOH A . 
C 3 HOH 59  317 59  HOH HOH A . 
C 3 HOH 60  318 60  HOH HOH A . 
C 3 HOH 61  319 61  HOH HOH A . 
C 3 HOH 62  320 62  HOH HOH A . 
C 3 HOH 63  321 63  HOH HOH A . 
C 3 HOH 64  322 64  HOH HOH A . 
C 3 HOH 65  323 65  HOH HOH A . 
C 3 HOH 66  324 66  HOH HOH A . 
C 3 HOH 67  325 67  HOH HOH A . 
C 3 HOH 68  326 68  HOH HOH A . 
C 3 HOH 69  327 69  HOH HOH A . 
C 3 HOH 70  328 70  HOH HOH A . 
C 3 HOH 71  329 71  HOH HOH A . 
C 3 HOH 72  330 72  HOH HOH A . 
C 3 HOH 73  331 73  HOH HOH A . 
C 3 HOH 74  332 74  HOH HOH A . 
C 3 HOH 75  333 75  HOH HOH A . 
C 3 HOH 76  334 76  HOH HOH A . 
C 3 HOH 77  335 77  HOH HOH A . 
C 3 HOH 78  336 78  HOH HOH A . 
C 3 HOH 79  337 79  HOH HOH A . 
C 3 HOH 80  338 80  HOH HOH A . 
C 3 HOH 81  339 81  HOH HOH A . 
C 3 HOH 82  340 82  HOH HOH A . 
C 3 HOH 83  341 83  HOH HOH A . 
C 3 HOH 84  342 84  HOH HOH A . 
C 3 HOH 85  343 85  HOH HOH A . 
C 3 HOH 86  344 86  HOH HOH A . 
C 3 HOH 87  345 87  HOH HOH A . 
C 3 HOH 88  346 88  HOH HOH A . 
C 3 HOH 89  347 89  HOH HOH A . 
C 3 HOH 90  348 90  HOH HOH A . 
C 3 HOH 91  349 91  HOH HOH A . 
C 3 HOH 92  350 92  HOH HOH A . 
C 3 HOH 93  351 93  HOH HOH A . 
C 3 HOH 94  352 94  HOH HOH A . 
C 3 HOH 95  353 95  HOH HOH A . 
C 3 HOH 96  354 96  HOH HOH A . 
C 3 HOH 97  355 97  HOH HOH A . 
C 3 HOH 98  356 98  HOH HOH A . 
C 3 HOH 99  357 99  HOH HOH A . 
C 3 HOH 100 358 100 HOH HOH A . 
C 3 HOH 101 359 101 HOH HOH A . 
C 3 HOH 102 360 102 HOH HOH A . 
C 3 HOH 103 361 103 HOH HOH A . 
C 3 HOH 104 362 104 HOH HOH A . 
C 3 HOH 105 363 105 HOH HOH A . 
C 3 HOH 106 364 106 HOH HOH A . 
C 3 HOH 107 365 107 HOH HOH A . 
C 3 HOH 108 366 108 HOH HOH A . 
C 3 HOH 109 367 109 HOH HOH A . 
C 3 HOH 110 368 110 HOH HOH A . 
C 3 HOH 111 369 111 HOH HOH A . 
C 3 HOH 112 370 112 HOH HOH A . 
C 3 HOH 113 371 113 HOH HOH A . 
C 3 HOH 114 372 114 HOH HOH A . 
C 3 HOH 115 373 115 HOH HOH A . 
C 3 HOH 116 374 116 HOH HOH A . 
C 3 HOH 117 375 117 HOH HOH A . 
C 3 HOH 118 376 118 HOH HOH A . 
C 3 HOH 119 377 119 HOH HOH A . 
C 3 HOH 120 378 120 HOH HOH A . 
C 3 HOH 121 379 121 HOH HOH A . 
C 3 HOH 122 380 122 HOH HOH A . 
C 3 HOH 123 381 123 HOH HOH A . 
C 3 HOH 124 382 124 HOH HOH A . 
C 3 HOH 125 383 125 HOH HOH A . 
C 3 HOH 126 384 126 HOH HOH A . 
C 3 HOH 127 385 127 HOH HOH A . 
C 3 HOH 128 386 128 HOH HOH A . 
C 3 HOH 129 387 129 HOH HOH A . 
C 3 HOH 130 388 130 HOH HOH A . 
C 3 HOH 131 389 131 HOH HOH A . 
C 3 HOH 132 390 132 HOH HOH A . 
C 3 HOH 133 391 133 HOH HOH A . 
C 3 HOH 134 392 134 HOH HOH A . 
C 3 HOH 135 393 135 HOH HOH A . 
C 3 HOH 136 394 136 HOH HOH A . 
C 3 HOH 137 395 137 HOH HOH A . 
C 3 HOH 138 396 138 HOH HOH A . 
C 3 HOH 139 397 139 HOH HOH A . 
C 3 HOH 140 398 140 HOH HOH A . 
C 3 HOH 141 399 141 HOH HOH A . 
C 3 HOH 142 400 142 HOH HOH A . 
C 3 HOH 143 401 143 HOH HOH A . 
C 3 HOH 144 402 144 HOH HOH A . 
C 3 HOH 145 403 145 HOH HOH A . 
C 3 HOH 146 404 146 HOH HOH A . 
C 3 HOH 147 405 147 HOH HOH A . 
C 3 HOH 148 406 148 HOH HOH A . 
C 3 HOH 149 407 149 HOH HOH A . 
C 3 HOH 150 408 150 HOH HOH A . 
C 3 HOH 151 409 151 HOH HOH A . 
C 3 HOH 152 410 152 HOH HOH A . 
C 3 HOH 153 411 153 HOH HOH A . 
C 3 HOH 154 412 154 HOH HOH A . 
C 3 HOH 155 413 155 HOH HOH A . 
C 3 HOH 156 414 156 HOH HOH A . 
C 3 HOH 157 415 157 HOH HOH A . 
C 3 HOH 158 416 158 HOH HOH A . 
C 3 HOH 159 417 159 HOH HOH A . 
C 3 HOH 160 418 160 HOH HOH A . 
C 3 HOH 161 419 161 HOH HOH A . 
C 3 HOH 162 420 162 HOH HOH A . 
C 3 HOH 163 421 163 HOH HOH A . 
C 3 HOH 164 422 164 HOH HOH A . 
C 3 HOH 165 423 165 HOH HOH A . 
C 3 HOH 166 424 166 HOH HOH A . 
C 3 HOH 167 425 167 HOH HOH A . 
C 3 HOH 168 426 168 HOH HOH A . 
C 3 HOH 169 427 169 HOH HOH A . 
C 3 HOH 170 428 170 HOH HOH A . 
C 3 HOH 171 429 171 HOH HOH A . 
C 3 HOH 172 430 172 HOH HOH A . 
C 3 HOH 173 431 173 HOH HOH A . 
C 3 HOH 174 432 174 HOH HOH A . 
C 3 HOH 175 433 175 HOH HOH A . 
C 3 HOH 176 434 176 HOH HOH A . 
C 3 HOH 177 435 177 HOH HOH A . 
C 3 HOH 178 436 178 HOH HOH A . 
C 3 HOH 179 437 179 HOH HOH A . 
C 3 HOH 180 438 180 HOH HOH A . 
C 3 HOH 181 439 181 HOH HOH A . 
C 3 HOH 182 440 182 HOH HOH A . 
C 3 HOH 183 441 183 HOH HOH A . 
C 3 HOH 184 442 184 HOH HOH A . 
C 3 HOH 185 443 185 HOH HOH A . 
C 3 HOH 186 444 186 HOH HOH A . 
C 3 HOH 187 445 187 HOH HOH A . 
C 3 HOH 188 446 188 HOH HOH A . 
# 
loop_
_software.name 
_software.version 
_software.date 
_software.type 
_software.contact_author 
_software.contact_author_email 
_software.classification 
_software.location 
_software.language 
_software.citation_id 
_software.pdbx_ordinal 
REFMAC      5.2.0019 ?                    program 'Murshudov, G.N.' ccp4@dl.ac.uk            refinement        
http://www.ccp4.ac.uk/main.html  Fortran_77 ? 1 
PDB_EXTRACT 3.004    'September 10, 2007' package PDB               sw-help@rcsb.rutgers.edu 'data extraction' 
http://pdb.rutgers.edu/software/ C++        ? 2 
ADSC        Quantum  ?                    ?       ?                 ?                        'data collection' ? ?          ? 3 
DENZO       .        ?                    ?       ?                 ?                        'data reduction'  ? ?          ? 4 
SCALEPACK   .        ?                    ?       ?                 ?                        'data scaling'    ? ?          ? 5 
PHASER      .        ?                    ?       ?                 ?                        phasing           ? ?          ? 6 
# 
_cell.length_a           44.997 
_cell.length_b           49.137 
_cell.length_c           63.556 
_cell.angle_alpha        90.000 
_cell.angle_beta         90.000 
_cell.angle_gamma        90.000 
_cell.entry_id           3BOD 
_cell.pdbx_unique_axis   ? 
_cell.Z_PDB              4 
_cell.length_a_esd       ? 
_cell.length_b_esd       ? 
_cell.length_c_esd       ? 
_cell.angle_alpha_esd    ? 
_cell.angle_beta_esd     ? 
_cell.angle_gamma_esd    ? 
# 
_symmetry.space_group_name_H-M             'P 21 21 21' 
_symmetry.entry_id                         3BOD 
_symmetry.pdbx_full_space_group_name_H-M   ? 
_symmetry.Int_Tables_number                19 
_symmetry.cell_setting                     ? 
_symmetry.space_group_name_Hall            ? 
# 
_exptl.crystals_number   1 
_exptl.entry_id          3BOD 
_exptl.method            'X-RAY DIFFRACTION' 
# 
_exptl_crystal.id                    1 
_exptl_crystal.density_Matthews      1.82 
_exptl_crystal.density_meas          ? 
_exptl_crystal.density_percent_sol   32.39 
_exptl_crystal.description           ? 
_exptl_crystal.F_000                 ? 
_exptl_crystal.preparation           ? 
# 
_exptl_crystal_grow.crystal_id      1 
_exptl_crystal_grow.method          'VAPOR DIFFUSION, HANGING DROP' 
_exptl_crystal_grow.pH              9.0 
_exptl_crystal_grow.temp            293 
_exptl_crystal_grow.temp_details    ? 
_exptl_crystal_grow.pdbx_details    '0.1 M Tris-HCl, 18% PEG 8000, pH 9.0, VAPOR DIFFUSION, HANGING DROP, temperature 293K' 
_exptl_crystal_grow.pdbx_pH_range   . 
# 
_diffrn.id                     1 
_diffrn.ambient_temp           100 
_diffrn.ambient_temp_details   ? 
_diffrn.crystal_id             1 
# 
_diffrn_detector.diffrn_id              1 
_diffrn_detector.detector               CCD 
_diffrn_detector.type                   'MAR CCD 165 mm' 
_diffrn_detector.pdbx_collection_date   2007-06-08 
_diffrn_detector.details                Si111 
# 
_diffrn_radiation.diffrn_id                        1 
_diffrn_radiation.wavelength_id                    1 
_diffrn_radiation.pdbx_diffrn_protocol             'SINGLE WAVELENGTH' 
_diffrn_radiation.monochromator                    ? 
_diffrn_radiation.pdbx_monochromatic_or_laue_m_l   M 
_diffrn_radiation.pdbx_scattering_type             x-ray 
# 
_diffrn_radiation_wavelength.id           1 
_diffrn_radiation_wavelength.wavelength   0.9793 
_diffrn_radiation_wavelength.wt           1.0 
# 
_diffrn_source.diffrn_id                   1 
_diffrn_source.source                      SYNCHROTRON 
_diffrn_source.type                        'NSLS BEAMLINE X4C' 
_diffrn_source.pdbx_wavelength             ? 
_diffrn_source.pdbx_wavelength_list        0.9793 
_diffrn_source.pdbx_synchrotron_site       NSLS 
_diffrn_source.pdbx_synchrotron_beamline   X4C 
# 
_reflns.entry_id                     3BOD 
_reflns.observed_criterion_sigma_F   0 
_reflns.observed_criterion_sigma_I   0 
_reflns.d_resolution_high            1.7 
_reflns.d_resolution_low             30 
_reflns.number_all                   16011 
_reflns.number_obs                   15154 
_reflns.percent_possible_obs         94.6 
_reflns.pdbx_Rmerge_I_obs            0.058 
_reflns.pdbx_Rsym_value              ? 
_reflns.pdbx_netI_over_sigmaI        27.3 
_reflns.B_iso_Wilson_estimate        ? 
_reflns.pdbx_redundancy              6.5 
_reflns.R_free_details               ? 
_reflns.limit_h_max                  ? 
_reflns.limit_h_min                  ? 
_reflns.limit_k_max                  ? 
_reflns.limit_k_min                  ? 
_reflns.limit_l_max                  ? 
_reflns.limit_l_min                  ? 
_reflns.observed_criterion_F_max     ? 
_reflns.observed_criterion_F_min     ? 
_reflns.pdbx_chi_squared             ? 
_reflns.pdbx_scaling_rejects         ? 
_reflns.pdbx_diffrn_id               1 
_reflns.pdbx_ordinal                 1 
# 
_reflns_shell.d_res_high             1.7 
_reflns_shell.d_res_low              1.76 
_reflns_shell.percent_possible_obs   ? 
_reflns_shell.percent_possible_all   95.5 
_reflns_shell.Rmerge_I_obs           0.193 
_reflns_shell.meanI_over_sigI_obs    6.4 
_reflns_shell.pdbx_Rsym_value        ? 
_reflns_shell.pdbx_redundancy        4.7 
_reflns_shell.number_unique_all      1491 
_reflns_shell.number_measured_all    ? 
_reflns_shell.number_measured_obs    ? 
_reflns_shell.number_unique_obs      ? 
_reflns_shell.pdbx_chi_squared       ? 
_reflns_shell.pdbx_diffrn_id         ? 
_reflns_shell.pdbx_ordinal           1 
# 
_refine.entry_id                                 3BOD 
_refine.ls_d_res_high                            1.700 
_refine.ls_d_res_low                             20.000 
_refine.pdbx_ls_sigma_F                          0.00 
_refine.ls_percent_reflns_obs                    99.540 
_refine.ls_number_reflns_obs                     15154 
_refine.pdbx_ls_cross_valid_method               THROUGHOUT 
_refine.pdbx_R_Free_selection_details            RANDOM 
_refine.details                                  'HYDROGENS HAVE BEEN ADDED IN THE RIDING POSITIONS' 
_refine.ls_R_factor_obs                          0.178 
_refine.ls_R_factor_R_work                       0.176 
_refine.ls_R_factor_R_free                       0.220 
_refine.ls_percent_reflns_R_free                 5.000 
_refine.ls_number_reflns_R_free                  796 
_refine.B_iso_mean                               16.345 
_refine.aniso_B[1][1]                            0.020 
_refine.aniso_B[2][2]                            0.000 
_refine.aniso_B[3][3]                            -0.020 
_refine.aniso_B[1][2]                            0.000 
_refine.aniso_B[1][3]                            0.000 
_refine.aniso_B[2][3]                            0.000 
_refine.correlation_coeff_Fo_to_Fc               0.958 
_refine.correlation_coeff_Fo_to_Fc_free          0.932 
_refine.pdbx_overall_ESU_R                       0.129 
_refine.pdbx_overall_ESU_R_Free                  0.123 
_refine.overall_SU_ML                            0.078 
_refine.overall_SU_B                             2.301 
_refine.solvent_model_details                    MASK 
_refine.pdbx_solvent_vdw_probe_radii             1.400 
_refine.pdbx_solvent_ion_probe_radii             0.800 
_refine.pdbx_solvent_shrinkage_radii             0.800 
_refine.pdbx_method_to_determine_struct          ? 
_refine.pdbx_stereochemistry_target_values       'MAXIMUM LIKELIHOOD' 
_refine.pdbx_ls_sigma_I                          ? 
_refine.ls_number_reflns_all                     ? 
_refine.ls_R_factor_all                          ? 
_refine.ls_redundancy_reflns_obs                 ? 
_refine.pdbx_data_cutoff_high_absF               ? 
_refine.pdbx_data_cutoff_low_absF                ? 
_refine.ls_number_parameters                     ? 
_refine.ls_number_restraints                     ? 
_refine.ls_R_factor_R_free_error                 ? 
_refine.ls_R_factor_R_free_error_details         ? 
_refine.pdbx_starting_model                      ? 
_refine.pdbx_stereochem_target_val_spec_case     ? 
_refine.solvent_model_param_bsol                 ? 
_refine.solvent_model_param_ksol                 ? 
_refine.occupancy_max                            ? 
_refine.occupancy_min                            ? 
_refine.pdbx_isotropic_thermal_model             ? 
_refine.B_iso_min                                ? 
_refine.B_iso_max                                ? 
_refine.overall_SU_R_Cruickshank_DPI             ? 
_refine.overall_SU_R_free                        ? 
_refine.pdbx_data_cutoff_high_rms_absF           ? 
_refine.ls_wR_factor_R_free                      ? 
_refine.ls_wR_factor_R_work                      ? 
_refine.overall_FOM_free_R_set                   ? 
_refine.overall_FOM_work_R_set                   ? 
_refine.pdbx_refine_id                           'X-RAY DIFFRACTION' 
_refine.pdbx_diffrn_id                           1 
_refine.pdbx_TLS_residual_ADP_flag               ? 
_refine.pdbx_overall_phase_error                 ? 
_refine.pdbx_overall_SU_R_free_Cruickshank_DPI   ? 
_refine.pdbx_overall_SU_R_Blow_DPI               ? 
_refine.pdbx_overall_SU_R_free_Blow_DPI          ? 
# 
_refine_hist.pdbx_refine_id                   'X-RAY DIFFRACTION' 
_refine_hist.cycle_id                         LAST 
_refine_hist.pdbx_number_atoms_protein        1393 
_refine_hist.pdbx_number_atoms_nucleic_acid   0 
_refine_hist.pdbx_number_atoms_ligand         1 
_refine_hist.number_atoms_solvent             188 
_refine_hist.number_atoms_total               1582 
_refine_hist.d_res_high                       1.700 
_refine_hist.d_res_low                        20.000 
# 
loop_
_refine_ls_restr.type 
_refine_ls_restr.number 
_refine_ls_restr.dev_ideal 
_refine_ls_restr.dev_ideal_target 
_refine_ls_restr.weight 
_refine_ls_restr.pdbx_refine_id 
_refine_ls_restr.pdbx_restraint_function 
r_bond_refined_d             1426 0.012  0.022  ? 'X-RAY DIFFRACTION' ? 
r_angle_refined_deg          1943 1.417  1.950  ? 'X-RAY DIFFRACTION' ? 
r_dihedral_angle_1_deg       189  6.486  5.000  ? 'X-RAY DIFFRACTION' ? 
r_dihedral_angle_2_deg       65   40.180 24.308 ? 'X-RAY DIFFRACTION' ? 
r_dihedral_angle_3_deg       235  11.409 15.000 ? 'X-RAY DIFFRACTION' ? 
r_dihedral_angle_4_deg       9    16.620 15.000 ? 'X-RAY DIFFRACTION' ? 
r_chiral_restr               215  0.102  0.200  ? 'X-RAY DIFFRACTION' ? 
r_gen_planes_refined         1105 0.005  0.020  ? 'X-RAY DIFFRACTION' ? 
r_nbd_refined                624  0.217  0.200  ? 'X-RAY DIFFRACTION' ? 
r_nbtor_refined              984  0.310  0.200  ? 'X-RAY DIFFRACTION' ? 
r_xyhbond_nbd_refined        158  0.138  0.200  ? 'X-RAY DIFFRACTION' ? 
r_metal_ion_refined          5    0.136  0.200  ? 'X-RAY DIFFRACTION' ? 
r_symmetry_vdw_refined       62   0.235  0.200  ? 'X-RAY DIFFRACTION' ? 
r_symmetry_hbond_refined     28   0.199  0.200  ? 'X-RAY DIFFRACTION' ? 
r_symmetry_metal_ion_refined 1    0.151  0.200  ? 'X-RAY DIFFRACTION' ? 
r_mcbond_it                  921  0.877  1.500  ? 'X-RAY DIFFRACTION' ? 
r_mcangle_it                 1448 1.404  2.000  ? 'X-RAY DIFFRACTION' ? 
r_scbond_it                  570  2.350  3.000  ? 'X-RAY DIFFRACTION' ? 
r_scangle_it                 490  3.497  4.500  ? 'X-RAY DIFFRACTION' ? 
# 
_refine_ls_shell.d_res_high                       1.70 
_refine_ls_shell.d_res_low                        1.745 
_refine_ls_shell.pdbx_total_number_of_bins_used   20 
_refine_ls_shell.percent_reflns_obs               94.890 
_refine_ls_shell.number_reflns_R_work             1033 
_refine_ls_shell.R_factor_all                     ? 
_refine_ls_shell.R_factor_R_work                  0.210 
_refine_ls_shell.R_factor_R_free                  0.277 
_refine_ls_shell.percent_reflns_R_free            ? 
_refine_ls_shell.number_reflns_R_free             63 
_refine_ls_shell.R_factor_R_free_error            ? 
_refine_ls_shell.number_reflns_all                1096 
_refine_ls_shell.number_reflns_obs                ? 
_refine_ls_shell.redundancy_reflns_obs            ? 
_refine_ls_shell.pdbx_refine_id                   'X-RAY DIFFRACTION' 
# 
_struct.entry_id                  3BOD 
_struct.title                     'Structure of mouse beta-neurexin 1' 
_struct.pdbx_model_details        ? 
_struct.pdbx_CASP_flag            ? 
_struct.pdbx_model_type_details   ? 
# 
_struct_keywords.entry_id        3BOD 
_struct_keywords.pdbx_keywords   'CELL ADHESION' 
_struct_keywords.text            
;Neurexin1D, LNS6, Alternative splicing, Calcium, Cell adhesion, EGF-like domain, Glycoprotein, Membrane, Metal-binding, Transmembrane
;
# 
loop_
_struct_asym.id 
_struct_asym.pdbx_blank_PDB_chainid_flag 
_struct_asym.pdbx_modified 
_struct_asym.entity_id 
_struct_asym.details 
A N N 1 ? 
B N N 2 ? 
C N N 3 ? 
# 
loop_
_struct_ref.id 
_struct_ref.db_name 
_struct_ref.db_code 
_struct_ref.pdbx_db_accession 
_struct_ref.entity_id 
_struct_ref.pdbx_seq_one_letter_code 
_struct_ref.pdbx_align_begin 
_struct_ref.pdbx_db_isoform 
1 UNP NRX1A_MOUSE Q9CS84 1 
;TYIFSKGGGQITYKWPPNDRPSTRADRLAIGFSTVQKEAVLVRVDSSSGLGDYLELHIHQGKIGVKFNVGTDDIAIEESN
AIINDGKYHVVRFTRSGGNATLQVDSWPVIERYPA
;
1132 ? 
2 UNP NRX1A_MOUSE Q9CS84 1 GRQLTIFNSQATIIIGGKEQGQPFQGQLSGLYYNGLKVLNMAAENDANIAIVGNVRLV 1277 ? 
# 
loop_
_struct_ref_seq.align_id 
_struct_ref_seq.ref_id 
_struct_ref_seq.pdbx_PDB_id_code 
_struct_ref_seq.pdbx_strand_id 
_struct_ref_seq.seq_align_beg 
_struct_ref_seq.pdbx_seq_align_beg_ins_code 
_struct_ref_seq.seq_align_end 
_struct_ref_seq.pdbx_seq_align_end_ins_code 
_struct_ref_seq.pdbx_db_accession 
_struct_ref_seq.db_align_beg 
_struct_ref_seq.pdbx_db_align_beg_ins_code 
_struct_ref_seq.db_align_end 
_struct_ref_seq.pdbx_db_align_end_ins_code 
_struct_ref_seq.pdbx_auth_seq_align_beg 
_struct_ref_seq.pdbx_auth_seq_align_end 
1 1 3BOD A 6   ? 120 ? Q9CS84 1132 ? 1246 ? 86  200 
2 2 3BOD A 121 ? 178 ? Q9CS84 1277 ? 1334 ? 201 258 
# 
loop_
_struct_ref_seq_dif.align_id 
_struct_ref_seq_dif.pdbx_pdb_id_code 
_struct_ref_seq_dif.mon_id 
_struct_ref_seq_dif.pdbx_pdb_strand_id 
_struct_ref_seq_dif.seq_num 
_struct_ref_seq_dif.pdbx_pdb_ins_code 
_struct_ref_seq_dif.pdbx_seq_db_name 
_struct_ref_seq_dif.pdbx_seq_db_accession_code 
_struct_ref_seq_dif.db_mon_id 
_struct_ref_seq_dif.pdbx_seq_db_seq_num 
_struct_ref_seq_dif.details 
_struct_ref_seq_dif.pdbx_auth_seq_num 
_struct_ref_seq_dif.pdbx_ordinal 
1 3BOD ALA A 1 ? UNP Q9CS84 ? ? 'expression tag' 81 1 
1 3BOD PRO A 2 ? UNP Q9CS84 ? ? 'expression tag' 82 2 
1 3BOD LEU A 3 ? UNP Q9CS84 ? ? 'expression tag' 83 3 
1 3BOD GLY A 4 ? UNP Q9CS84 ? ? 'expression tag' 84 4 
1 3BOD SER A 5 ? UNP Q9CS84 ? ? 'expression tag' 85 5 
# 
_pdbx_struct_assembly.id                   1 
_pdbx_struct_assembly.details              author_and_software_defined_assembly 
_pdbx_struct_assembly.method_details       PISA 
_pdbx_struct_assembly.oligomeric_details   monomeric 
_pdbx_struct_assembly.oligomeric_count     1 
# 
_pdbx_struct_assembly_gen.assembly_id       1 
_pdbx_struct_assembly_gen.oper_expression   1 
_pdbx_struct_assembly_gen.asym_id_list      A,B,C 
# 
_pdbx_struct_oper_list.id                   1 
_pdbx_struct_oper_list.type                 'identity operation' 
_pdbx_struct_oper_list.name                 1_555 
_pdbx_struct_oper_list.symmetry_operation   x,y,z 
_pdbx_struct_oper_list.matrix[1][1]         1.0000000000 
_pdbx_struct_oper_list.matrix[1][2]         0.0000000000 
_pdbx_struct_oper_list.matrix[1][3]         0.0000000000 
_pdbx_struct_oper_list.vector[1]            0.0000000000 
_pdbx_struct_oper_list.matrix[2][1]         0.0000000000 
_pdbx_struct_oper_list.matrix[2][2]         1.0000000000 
_pdbx_struct_oper_list.matrix[2][3]         0.0000000000 
_pdbx_struct_oper_list.vector[2]            0.0000000000 
_pdbx_struct_oper_list.matrix[3][1]         0.0000000000 
_pdbx_struct_oper_list.matrix[3][2]         0.0000000000 
_pdbx_struct_oper_list.matrix[3][3]         1.0000000000 
_pdbx_struct_oper_list.vector[3]            0.0000000000 
# 
_struct_biol.id        1 
_struct_biol.details   ? 
# 
_struct_conf.conf_type_id            HELX_P 
_struct_conf.id                      HELX_P1 
_struct_conf.pdbx_PDB_helix_id       1 
_struct_conf.beg_label_comp_id       VAL 
_struct_conf.beg_label_asym_id       A 
_struct_conf.beg_label_seq_id        158 
_struct_conf.pdbx_beg_PDB_ins_code   ? 
_struct_conf.end_label_comp_id       GLU 
_struct_conf.end_label_asym_id       A 
_struct_conf.end_label_seq_id        164 
_struct_conf.pdbx_end_PDB_ins_code   ? 
_struct_conf.beg_auth_comp_id        VAL 
_struct_conf.beg_auth_asym_id        A 
_struct_conf.beg_auth_seq_id         238 
_struct_conf.end_auth_comp_id        GLU 
_struct_conf.end_auth_asym_id        A 
_struct_conf.end_auth_seq_id         244 
_struct_conf.pdbx_PDB_helix_class    1 
_struct_conf.details                 ? 
_struct_conf.pdbx_PDB_helix_length   7 
# 
_struct_conf_type.id          HELX_P 
_struct_conf_type.criteria    ? 
_struct_conf_type.reference   ? 
# 
loop_
_struct_conn.id 
_struct_conn.conn_type_id 
_struct_conn.pdbx_leaving_atom_flag 
_struct_conn.pdbx_PDB_id 
_struct_conn.ptnr1_label_asym_id 
_struct_conn.ptnr1_label_comp_id 
_struct_conn.ptnr1_label_seq_id 
_struct_conn.ptnr1_label_atom_id 
_struct_conn.pdbx_ptnr1_label_alt_id 
_struct_conn.pdbx_ptnr1_PDB_ins_code 
_struct_conn.pdbx_ptnr1_standard_comp_id 
_struct_conn.ptnr1_symmetry 
_struct_conn.ptnr2_label_asym_id 
_struct_conn.ptnr2_label_comp_id 
_struct_conn.ptnr2_label_seq_id 
_struct_conn.ptnr2_label_atom_id 
_struct_conn.pdbx_ptnr2_label_alt_id 
_struct_conn.pdbx_ptnr2_PDB_ins_code 
_struct_conn.ptnr1_auth_asym_id 
_struct_conn.ptnr1_auth_comp_id 
_struct_conn.ptnr1_auth_seq_id 
_struct_conn.ptnr2_auth_asym_id 
_struct_conn.ptnr2_auth_comp_id 
_struct_conn.ptnr2_auth_seq_id 
_struct_conn.ptnr2_symmetry 
_struct_conn.pdbx_ptnr3_label_atom_id 
_struct_conn.pdbx_ptnr3_label_seq_id 
_struct_conn.pdbx_ptnr3_label_comp_id 
_struct_conn.pdbx_ptnr3_label_asym_id 
_struct_conn.pdbx_ptnr3_label_alt_id 
_struct_conn.pdbx_ptnr3_PDB_ins_code 
_struct_conn.details 
_struct_conn.pdbx_dist_value 
_struct_conn.pdbx_value_order 
_struct_conn.pdbx_role 
metalc1 metalc ? ? B CA . CA ? ? ? 1_555 A ASP 57  OD2 ? ? A CA 1 A ASP 137 1_555 ? ? ? ? ? ? ? 2.409 ? ? 
metalc2 metalc ? ? B CA . CA ? ? ? 1_555 A VAL 74  O   ? ? A CA 1 A VAL 154 1_555 ? ? ? ? ? ? ? 2.260 ? ? 
metalc3 metalc ? ? B CA . CA ? ? ? 1_555 A ILE 126 O   ? ? A CA 1 A ILE 206 1_555 ? ? ? ? ? ? ? 2.244 ? ? 
metalc4 metalc ? ? B CA . CA ? ? ? 1_555 A ASN 128 OD1 ? ? A CA 1 A ASN 208 1_555 ? ? ? ? ? ? ? 2.230 ? ? 
metalc5 metalc ? ? B CA . CA ? ? ? 1_555 C HOH .   O   ? ? A CA 1 A HOH 330 1_555 ? ? ? ? ? ? ? 2.416 ? ? 
# 
_struct_conn_type.id          metalc 
_struct_conn_type.criteria    ? 
_struct_conn_type.reference   ? 
# 
loop_
_pdbx_struct_conn_angle.id 
_pdbx_struct_conn_angle.ptnr1_label_atom_id 
_pdbx_struct_conn_angle.ptnr1_label_alt_id 
_pdbx_struct_conn_angle.ptnr1_label_asym_id 
_pdbx_struct_conn_angle.ptnr1_label_comp_id 
_pdbx_struct_conn_angle.ptnr1_label_seq_id 
_pdbx_struct_conn_angle.ptnr1_auth_atom_id 
_pdbx_struct_conn_angle.ptnr1_auth_asym_id 
_pdbx_struct_conn_angle.ptnr1_auth_comp_id 
_pdbx_struct_conn_angle.ptnr1_auth_seq_id 
_pdbx_struct_conn_angle.ptnr1_PDB_ins_code 
_pdbx_struct_conn_angle.ptnr1_symmetry 
_pdbx_struct_conn_angle.ptnr2_label_atom_id 
_pdbx_struct_conn_angle.ptnr2_label_alt_id 
_pdbx_struct_conn_angle.ptnr2_label_asym_id 
_pdbx_struct_conn_angle.ptnr2_label_comp_id 
_pdbx_struct_conn_angle.ptnr2_label_seq_id 
_pdbx_struct_conn_angle.ptnr2_auth_atom_id 
_pdbx_struct_conn_angle.ptnr2_auth_asym_id 
_pdbx_struct_conn_angle.ptnr2_auth_comp_id 
_pdbx_struct_conn_angle.ptnr2_auth_seq_id 
_pdbx_struct_conn_angle.ptnr2_PDB_ins_code 
_pdbx_struct_conn_angle.ptnr2_symmetry 
_pdbx_struct_conn_angle.ptnr3_label_atom_id 
_pdbx_struct_conn_angle.ptnr3_label_alt_id 
_pdbx_struct_conn_angle.ptnr3_label_asym_id 
_pdbx_struct_conn_angle.ptnr3_label_comp_id 
_pdbx_struct_conn_angle.ptnr3_label_seq_id 
_pdbx_struct_conn_angle.ptnr3_auth_atom_id 
_pdbx_struct_conn_angle.ptnr3_auth_asym_id 
_pdbx_struct_conn_angle.ptnr3_auth_comp_id 
_pdbx_struct_conn_angle.ptnr3_auth_seq_id 
_pdbx_struct_conn_angle.ptnr3_PDB_ins_code 
_pdbx_struct_conn_angle.ptnr3_symmetry 
_pdbx_struct_conn_angle.value 
_pdbx_struct_conn_angle.value_esd 
1  OD2 ? A ASP 57  ? A ASP 137 ? 1_555 CA ? B CA . ? A CA 1 ? 1_555 O   ? A VAL 74  ? A VAL 154 ? 1_555 89.2  ? 
2  OD2 ? A ASP 57  ? A ASP 137 ? 1_555 CA ? B CA . ? A CA 1 ? 1_555 O   ? A ILE 126 ? A ILE 206 ? 1_555 82.4  ? 
3  O   ? A VAL 74  ? A VAL 154 ? 1_555 CA ? B CA . ? A CA 1 ? 1_555 O   ? A ILE 126 ? A ILE 206 ? 1_555 93.7  ? 
4  OD2 ? A ASP 57  ? A ASP 137 ? 1_555 CA ? B CA . ? A CA 1 ? 1_555 OD1 ? A ASN 128 ? A ASN 208 ? 1_555 87.0  ? 
5  O   ? A VAL 74  ? A VAL 154 ? 1_555 CA ? B CA . ? A CA 1 ? 1_555 OD1 ? A ASN 128 ? A ASN 208 ? 1_555 176.1 ? 
6  O   ? A ILE 126 ? A ILE 206 ? 1_555 CA ? B CA . ? A CA 1 ? 1_555 OD1 ? A ASN 128 ? A ASN 208 ? 1_555 84.5  ? 
7  OD2 ? A ASP 57  ? A ASP 137 ? 1_555 CA ? B CA . ? A CA 1 ? 1_555 O   ? C HOH .   ? A HOH 330 ? 1_555 82.7  ? 
8  O   ? A VAL 74  ? A VAL 154 ? 1_555 CA ? B CA . ? A CA 1 ? 1_555 O   ? C HOH .   ? A HOH 330 ? 1_555 86.0  ? 
9  O   ? A ILE 126 ? A ILE 206 ? 1_555 CA ? B CA . ? A CA 1 ? 1_555 O   ? C HOH .   ? A HOH 330 ? 1_555 165.1 ? 
10 OD1 ? A ASN 128 ? A ASN 208 ? 1_555 CA ? B CA . ? A CA 1 ? 1_555 O   ? C HOH .   ? A HOH 330 ? 1_555 94.8  ? 
# 
loop_
_struct_sheet.id 
_struct_sheet.type 
_struct_sheet.number_strands 
_struct_sheet.details 
A ? 8 ? 
B ? 7 ? 
# 
loop_
_struct_sheet_order.sheet_id 
_struct_sheet_order.range_id_1 
_struct_sheet_order.range_id_2 
_struct_sheet_order.offset 
_struct_sheet_order.sense 
A 1 2 ? anti-parallel 
A 2 3 ? anti-parallel 
A 3 4 ? anti-parallel 
A 4 5 ? anti-parallel 
A 5 6 ? anti-parallel 
A 6 7 ? anti-parallel 
A 7 8 ? anti-parallel 
B 1 2 ? anti-parallel 
B 2 3 ? anti-parallel 
B 3 4 ? anti-parallel 
B 4 5 ? anti-parallel 
B 5 6 ? anti-parallel 
B 6 7 ? anti-parallel 
# 
loop_
_struct_sheet_range.sheet_id 
_struct_sheet_range.id 
_struct_sheet_range.beg_label_comp_id 
_struct_sheet_range.beg_label_asym_id 
_struct_sheet_range.beg_label_seq_id 
_struct_sheet_range.pdbx_beg_PDB_ins_code 
_struct_sheet_range.end_label_comp_id 
_struct_sheet_range.end_label_asym_id 
_struct_sheet_range.end_label_seq_id 
_struct_sheet_range.pdbx_end_PDB_ins_code 
_struct_sheet_range.beg_auth_comp_id 
_struct_sheet_range.beg_auth_asym_id 
_struct_sheet_range.beg_auth_seq_id 
_struct_sheet_range.end_auth_comp_id 
_struct_sheet_range.end_auth_asym_id 
_struct_sheet_range.end_auth_seq_id 
A 1 ILE A 79  ? GLU A 82  ? ILE A 159 GLU A 162 
A 2 LYS A 67  ? ASN A 73  ? LYS A 147 ASN A 153 
A 3 TYR A 58  ? HIS A 64  ? TYR A 138 HIS A 144 
A 4 ALA A 44  ? SER A 51  ? ALA A 124 SER A 131 
A 5 GLN A 130 ? ILE A 135 ? GLN A 210 ILE A 215 
A 6 THR A 6   ? LYS A 19  ? THR A 86  LYS A 99  
A 7 GLY A 146 ? TYR A 153 ? GLY A 226 TYR A 233 
A 8 LEU A 156 ? LYS A 157 ? LEU A 236 LYS A 237 
B 1 ILE A 115 ? ARG A 117 ? ILE A 195 ARG A 197 
B 2 ASN A 104 ? VAL A 109 ? ASN A 184 VAL A 189 
B 3 HIS A 94  ? SER A 101 ? HIS A 174 SER A 181 
B 4 ALA A 30  ? SER A 38  ? ALA A 110 SER A 118 
B 5 GLY A 146 ? TYR A 153 ? GLY A 226 TYR A 233 
B 6 THR A 6   ? LYS A 19  ? THR A 86  LYS A 99  
B 7 ILE A 169 ? LEU A 177 ? ILE A 249 LEU A 257 
# 
loop_
_pdbx_struct_sheet_hbond.sheet_id 
_pdbx_struct_sheet_hbond.range_id_1 
_pdbx_struct_sheet_hbond.range_id_2 
_pdbx_struct_sheet_hbond.range_1_label_atom_id 
_pdbx_struct_sheet_hbond.range_1_label_comp_id 
_pdbx_struct_sheet_hbond.range_1_label_asym_id 
_pdbx_struct_sheet_hbond.range_1_label_seq_id 
_pdbx_struct_sheet_hbond.range_1_PDB_ins_code 
_pdbx_struct_sheet_hbond.range_1_auth_atom_id 
_pdbx_struct_sheet_hbond.range_1_auth_comp_id 
_pdbx_struct_sheet_hbond.range_1_auth_asym_id 
_pdbx_struct_sheet_hbond.range_1_auth_seq_id 
_pdbx_struct_sheet_hbond.range_2_label_atom_id 
_pdbx_struct_sheet_hbond.range_2_label_comp_id 
_pdbx_struct_sheet_hbond.range_2_label_asym_id 
_pdbx_struct_sheet_hbond.range_2_label_seq_id 
_pdbx_struct_sheet_hbond.range_2_PDB_ins_code 
_pdbx_struct_sheet_hbond.range_2_auth_atom_id 
_pdbx_struct_sheet_hbond.range_2_auth_comp_id 
_pdbx_struct_sheet_hbond.range_2_auth_asym_id 
_pdbx_struct_sheet_hbond.range_2_auth_seq_id 
A 1 2 O ILE A 79  ? O ILE A 159 N PHE A 72  ? N PHE A 152 
A 2 3 O LYS A 71  ? O LYS A 151 N GLU A 60  ? N GLU A 140 
A 3 4 O ILE A 63  ? O ILE A 143 N ALA A 44  ? N ALA A 124 
A 4 5 N ARG A 48  ? N ARG A 128 O ILE A 134 ? O ILE A 214 
A 5 6 O ILE A 133 ? O ILE A 213 N TYR A 18  ? N TYR A 98  
A 6 7 N PHE A 9   ? N PHE A 89  O GLY A 146 ? O GLY A 226 
A 7 8 N TYR A 153 ? N TYR A 233 O LEU A 156 ? O LEU A 236 
B 1 2 O ARG A 117 ? O ARG A 197 N ALA A 105 ? N ALA A 185 
B 2 3 O GLN A 108 ? O GLN A 188 N ARG A 97  ? N ARG A 177 
B 3 4 O PHE A 98  ? O PHE A 178 N LEU A 33  ? N LEU A 113 
B 4 5 N GLY A 36  ? N GLY A 116 O SER A 149 ? O SER A 229 
B 5 6 O GLY A 146 ? O GLY A 226 N PHE A 9   ? N PHE A 89  
B 6 7 N THR A 17  ? N THR A 97  O ALA A 170 ? O ALA A 250 
# 
_struct_site.id                   AC1 
_struct_site.pdbx_evidence_code   Software 
_struct_site.pdbx_auth_asym_id    A 
_struct_site.pdbx_auth_comp_id    CA 
_struct_site.pdbx_auth_seq_id     1 
_struct_site.pdbx_auth_ins_code   ? 
_struct_site.pdbx_num_residues    5 
_struct_site.details              'BINDING SITE FOR RESIDUE CA A 1' 
# 
loop_
_struct_site_gen.id 
_struct_site_gen.site_id 
_struct_site_gen.pdbx_num_res 
_struct_site_gen.label_comp_id 
_struct_site_gen.label_asym_id 
_struct_site_gen.label_seq_id 
_struct_site_gen.pdbx_auth_ins_code 
_struct_site_gen.auth_comp_id 
_struct_site_gen.auth_asym_id 
_struct_site_gen.auth_seq_id 
_struct_site_gen.label_atom_id 
_struct_site_gen.label_alt_id 
_struct_site_gen.symmetry 
_struct_site_gen.details 
1 AC1 5 ASP A 57  ? ASP A 137 . ? 1_555 ? 
2 AC1 5 ILE A 126 ? ILE A 206 . ? 1_555 ? 
3 AC1 5 ASN A 128 ? ASN A 208 . ? 1_555 ? 
4 AC1 5 GLU A 139 ? GLU A 219 . ? 4_455 ? 
5 AC1 5 HOH C .   ? HOH A 330 . ? 1_555 ? 
# 
_pdbx_validate_close_contact.id               1 
_pdbx_validate_close_contact.PDB_model_num    1 
_pdbx_validate_close_contact.auth_atom_id_1   NH2 
_pdbx_validate_close_contact.auth_asym_id_1   A 
_pdbx_validate_close_contact.auth_comp_id_1   ARG 
_pdbx_validate_close_contact.auth_seq_id_1    105 
_pdbx_validate_close_contact.PDB_ins_code_1   ? 
_pdbx_validate_close_contact.label_alt_id_1   ? 
_pdbx_validate_close_contact.auth_atom_id_2   O 
_pdbx_validate_close_contact.auth_asym_id_2   A 
_pdbx_validate_close_contact.auth_comp_id_2   HOH 
_pdbx_validate_close_contact.auth_seq_id_2    439 
_pdbx_validate_close_contact.PDB_ins_code_2   ? 
_pdbx_validate_close_contact.label_alt_id_2   ? 
_pdbx_validate_close_contact.dist             2.19 
# 
loop_
_pdbx_validate_torsion.id 
_pdbx_validate_torsion.PDB_model_num 
_pdbx_validate_torsion.auth_comp_id 
_pdbx_validate_torsion.auth_asym_id 
_pdbx_validate_torsion.auth_seq_id 
_pdbx_validate_torsion.PDB_ins_code 
_pdbx_validate_torsion.label_alt_id 
_pdbx_validate_torsion.phi 
_pdbx_validate_torsion.psi 
1 1 ASP A 104 ? ? -147.37 46.09   
2 1 THR A 156 ? ? -89.58  -96.09  
3 1 ASP A 190 ? ? 53.25   -125.14 
4 1 ASP A 190 ? ? 53.25   -124.72 
# 
loop_
_chem_comp_atom.comp_id 
_chem_comp_atom.atom_id 
_chem_comp_atom.type_symbol 
_chem_comp_atom.pdbx_aromatic_flag 
_chem_comp_atom.pdbx_stereo_config 
_chem_comp_atom.pdbx_ordinal 
ALA N    N  N N 1   
ALA CA   C  N S 2   
ALA C    C  N N 3   
ALA O    O  N N 4   
ALA CB   C  N N 5   
ALA OXT  O  N N 6   
ALA H    H  N N 7   
ALA H2   H  N N 8   
ALA HA   H  N N 9   
ALA HB1  H  N N 10  
ALA HB2  H  N N 11  
ALA HB3  H  N N 12  
ALA HXT  H  N N 13  
ARG N    N  N N 14  
ARG CA   C  N S 15  
ARG C    C  N N 16  
ARG O    O  N N 17  
ARG CB   C  N N 18  
ARG CG   C  N N 19  
ARG CD   C  N N 20  
ARG NE   N  N N 21  
ARG CZ   C  N N 22  
ARG NH1  N  N N 23  
ARG NH2  N  N N 24  
ARG OXT  O  N N 25  
ARG H    H  N N 26  
ARG H2   H  N N 27  
ARG HA   H  N N 28  
ARG HB2  H  N N 29  
ARG HB3  H  N N 30  
ARG HG2  H  N N 31  
ARG HG3  H  N N 32  
ARG HD2  H  N N 33  
ARG HD3  H  N N 34  
ARG HE   H  N N 35  
ARG HH11 H  N N 36  
ARG HH12 H  N N 37  
ARG HH21 H  N N 38  
ARG HH22 H  N N 39  
ARG HXT  H  N N 40  
ASN N    N  N N 41  
ASN CA   C  N S 42  
ASN C    C  N N 43  
ASN O    O  N N 44  
ASN CB   C  N N 45  
ASN CG   C  N N 46  
ASN OD1  O  N N 47  
ASN ND2  N  N N 48  
ASN OXT  O  N N 49  
ASN H    H  N N 50  
ASN H2   H  N N 51  
ASN HA   H  N N 52  
ASN HB2  H  N N 53  
ASN HB3  H  N N 54  
ASN HD21 H  N N 55  
ASN HD22 H  N N 56  
ASN HXT  H  N N 57  
ASP N    N  N N 58  
ASP CA   C  N S 59  
ASP C    C  N N 60  
ASP O    O  N N 61  
ASP CB   C  N N 62  
ASP CG   C  N N 63  
ASP OD1  O  N N 64  
ASP OD2  O  N N 65  
ASP OXT  O  N N 66  
ASP H    H  N N 67  
ASP H2   H  N N 68  
ASP HA   H  N N 69  
ASP HB2  H  N N 70  
ASP HB3  H  N N 71  
ASP HD2  H  N N 72  
ASP HXT  H  N N 73  
CA  CA   CA N N 74  
GLN N    N  N N 75  
GLN CA   C  N S 76  
GLN C    C  N N 77  
GLN O    O  N N 78  
GLN CB   C  N N 79  
GLN CG   C  N N 80  
GLN CD   C  N N 81  
GLN OE1  O  N N 82  
GLN NE2  N  N N 83  
GLN OXT  O  N N 84  
GLN H    H  N N 85  
GLN H2   H  N N 86  
GLN HA   H  N N 87  
GLN HB2  H  N N 88  
GLN HB3  H  N N 89  
GLN HG2  H  N N 90  
GLN HG3  H  N N 91  
GLN HE21 H  N N 92  
GLN HE22 H  N N 93  
GLN HXT  H  N N 94  
GLU N    N  N N 95  
GLU CA   C  N S 96  
GLU C    C  N N 97  
GLU O    O  N N 98  
GLU CB   C  N N 99  
GLU CG   C  N N 100 
GLU CD   C  N N 101 
GLU OE1  O  N N 102 
GLU OE2  O  N N 103 
GLU OXT  O  N N 104 
GLU H    H  N N 105 
GLU H2   H  N N 106 
GLU HA   H  N N 107 
GLU HB2  H  N N 108 
GLU HB3  H  N N 109 
GLU HG2  H  N N 110 
GLU HG3  H  N N 111 
GLU HE2  H  N N 112 
GLU HXT  H  N N 113 
GLY N    N  N N 114 
GLY CA   C  N N 115 
GLY C    C  N N 116 
GLY O    O  N N 117 
GLY OXT  O  N N 118 
GLY H    H  N N 119 
GLY H2   H  N N 120 
GLY HA2  H  N N 121 
GLY HA3  H  N N 122 
GLY HXT  H  N N 123 
HIS N    N  N N 124 
HIS CA   C  N S 125 
HIS C    C  N N 126 
HIS O    O  N N 127 
HIS CB   C  N N 128 
HIS CG   C  Y N 129 
HIS ND1  N  Y N 130 
HIS CD2  C  Y N 131 
HIS CE1  C  Y N 132 
HIS NE2  N  Y N 133 
HIS OXT  O  N N 134 
HIS H    H  N N 135 
HIS H2   H  N N 136 
HIS HA   H  N N 137 
HIS HB2  H  N N 138 
HIS HB3  H  N N 139 
HIS HD1  H  N N 140 
HIS HD2  H  N N 141 
HIS HE1  H  N N 142 
HIS HE2  H  N N 143 
HIS HXT  H  N N 144 
HOH O    O  N N 145 
HOH H1   H  N N 146 
HOH H2   H  N N 147 
ILE N    N  N N 148 
ILE CA   C  N S 149 
ILE C    C  N N 150 
ILE O    O  N N 151 
ILE CB   C  N S 152 
ILE CG1  C  N N 153 
ILE CG2  C  N N 154 
ILE CD1  C  N N 155 
ILE OXT  O  N N 156 
ILE H    H  N N 157 
ILE H2   H  N N 158 
ILE HA   H  N N 159 
ILE HB   H  N N 160 
ILE HG12 H  N N 161 
ILE HG13 H  N N 162 
ILE HG21 H  N N 163 
ILE HG22 H  N N 164 
ILE HG23 H  N N 165 
ILE HD11 H  N N 166 
ILE HD12 H  N N 167 
ILE HD13 H  N N 168 
ILE HXT  H  N N 169 
LEU N    N  N N 170 
LEU CA   C  N S 171 
LEU C    C  N N 172 
LEU O    O  N N 173 
LEU CB   C  N N 174 
LEU CG   C  N N 175 
LEU CD1  C  N N 176 
LEU CD2  C  N N 177 
LEU OXT  O  N N 178 
LEU H    H  N N 179 
LEU H2   H  N N 180 
LEU HA   H  N N 181 
LEU HB2  H  N N 182 
LEU HB3  H  N N 183 
LEU HG   H  N N 184 
LEU HD11 H  N N 185 
LEU HD12 H  N N 186 
LEU HD13 H  N N 187 
LEU HD21 H  N N 188 
LEU HD22 H  N N 189 
LEU HD23 H  N N 190 
LEU HXT  H  N N 191 
LYS N    N  N N 192 
LYS CA   C  N S 193 
LYS C    C  N N 194 
LYS O    O  N N 195 
LYS CB   C  N N 196 
LYS CG   C  N N 197 
LYS CD   C  N N 198 
LYS CE   C  N N 199 
LYS NZ   N  N N 200 
LYS OXT  O  N N 201 
LYS H    H  N N 202 
LYS H2   H  N N 203 
LYS HA   H  N N 204 
LYS HB2  H  N N 205 
LYS HB3  H  N N 206 
LYS HG2  H  N N 207 
LYS HG3  H  N N 208 
LYS HD2  H  N N 209 
LYS HD3  H  N N 210 
LYS HE2  H  N N 211 
LYS HE3  H  N N 212 
LYS HZ1  H  N N 213 
LYS HZ2  H  N N 214 
LYS HZ3  H  N N 215 
LYS HXT  H  N N 216 
MET N    N  N N 217 
MET CA   C  N S 218 
MET C    C  N N 219 
MET O    O  N N 220 
MET CB   C  N N 221 
MET CG   C  N N 222 
MET SD   S  N N 223 
MET CE   C  N N 224 
MET OXT  O  N N 225 
MET H    H  N N 226 
MET H2   H  N N 227 
MET HA   H  N N 228 
MET HB2  H  N N 229 
MET HB3  H  N N 230 
MET HG2  H  N N 231 
MET HG3  H  N N 232 
MET HE1  H  N N 233 
MET HE2  H  N N 234 
MET HE3  H  N N 235 
MET HXT  H  N N 236 
PHE N    N  N N 237 
PHE CA   C  N S 238 
PHE C    C  N N 239 
PHE O    O  N N 240 
PHE CB   C  N N 241 
PHE CG   C  Y N 242 
PHE CD1  C  Y N 243 
PHE CD2  C  Y N 244 
PHE CE1  C  Y N 245 
PHE CE2  C  Y N 246 
PHE CZ   C  Y N 247 
PHE OXT  O  N N 248 
PHE H    H  N N 249 
PHE H2   H  N N 250 
PHE HA   H  N N 251 
PHE HB2  H  N N 252 
PHE HB3  H  N N 253 
PHE HD1  H  N N 254 
PHE HD2  H  N N 255 
PHE HE1  H  N N 256 
PHE HE2  H  N N 257 
PHE HZ   H  N N 258 
PHE HXT  H  N N 259 
PRO N    N  N N 260 
PRO CA   C  N S 261 
PRO C    C  N N 262 
PRO O    O  N N 263 
PRO CB   C  N N 264 
PRO CG   C  N N 265 
PRO CD   C  N N 266 
PRO OXT  O  N N 267 
PRO H    H  N N 268 
PRO HA   H  N N 269 
PRO HB2  H  N N 270 
PRO HB3  H  N N 271 
PRO HG2  H  N N 272 
PRO HG3  H  N N 273 
PRO HD2  H  N N 274 
PRO HD3  H  N N 275 
PRO HXT  H  N N 276 
SER N    N  N N 277 
SER CA   C  N S 278 
SER C    C  N N 279 
SER O    O  N N 280 
SER CB   C  N N 281 
SER OG   O  N N 282 
SER OXT  O  N N 283 
SER H    H  N N 284 
SER H2   H  N N 285 
SER HA   H  N N 286 
SER HB2  H  N N 287 
SER HB3  H  N N 288 
SER HG   H  N N 289 
SER HXT  H  N N 290 
THR N    N  N N 291 
THR CA   C  N S 292 
THR C    C  N N 293 
THR O    O  N N 294 
THR CB   C  N R 295 
THR OG1  O  N N 296 
THR CG2  C  N N 297 
THR OXT  O  N N 298 
THR H    H  N N 299 
THR H2   H  N N 300 
THR HA   H  N N 301 
THR HB   H  N N 302 
THR HG1  H  N N 303 
THR HG21 H  N N 304 
THR HG22 H  N N 305 
THR HG23 H  N N 306 
THR HXT  H  N N 307 
TRP N    N  N N 308 
TRP CA   C  N S 309 
TRP C    C  N N 310 
TRP O    O  N N 311 
TRP CB   C  N N 312 
TRP CG   C  Y N 313 
TRP CD1  C  Y N 314 
TRP CD2  C  Y N 315 
TRP NE1  N  Y N 316 
TRP CE2  C  Y N 317 
TRP CE3  C  Y N 318 
TRP CZ2  C  Y N 319 
TRP CZ3  C  Y N 320 
TRP CH2  C  Y N 321 
TRP OXT  O  N N 322 
TRP H    H  N N 323 
TRP H2   H  N N 324 
TRP HA   H  N N 325 
TRP HB2  H  N N 326 
TRP HB3  H  N N 327 
TRP HD1  H  N N 328 
TRP HE1  H  N N 329 
TRP HE3  H  N N 330 
TRP HZ2  H  N N 331 
TRP HZ3  H  N N 332 
TRP HH2  H  N N 333 
TRP HXT  H  N N 334 
TYR N    N  N N 335 
TYR CA   C  N S 336 
TYR C    C  N N 337 
TYR O    O  N N 338 
TYR CB   C  N N 339 
TYR CG   C  Y N 340 
TYR CD1  C  Y N 341 
TYR CD2  C  Y N 342 
TYR CE1  C  Y N 343 
TYR CE2  C  Y N 344 
TYR CZ   C  Y N 345 
TYR OH   O  N N 346 
TYR OXT  O  N N 347 
TYR H    H  N N 348 
TYR H2   H  N N 349 
TYR HA   H  N N 350 
TYR HB2  H  N N 351 
TYR HB3  H  N N 352 
TYR HD1  H  N N 353 
TYR HD2  H  N N 354 
TYR HE1  H  N N 355 
TYR HE2  H  N N 356 
TYR HH   H  N N 357 
TYR HXT  H  N N 358 
VAL N    N  N N 359 
VAL CA   C  N S 360 
VAL C    C  N N 361 
VAL O    O  N N 362 
VAL CB   C  N N 363 
VAL CG1  C  N N 364 
VAL CG2  C  N N 365 
VAL OXT  O  N N 366 
VAL H    H  N N 367 
VAL H2   H  N N 368 
VAL HA   H  N N 369 
VAL HB   H  N N 370 
VAL HG11 H  N N 371 
VAL HG12 H  N N 372 
VAL HG13 H  N N 373 
VAL HG21 H  N N 374 
VAL HG22 H  N N 375 
VAL HG23 H  N N 376 
VAL HXT  H  N N 377 
# 
loop_
_chem_comp_bond.comp_id 
_chem_comp_bond.atom_id_1 
_chem_comp_bond.atom_id_2 
_chem_comp_bond.value_order 
_chem_comp_bond.pdbx_aromatic_flag 
_chem_comp_bond.pdbx_stereo_config 
_chem_comp_bond.pdbx_ordinal 
ALA N   CA   sing N N 1   
ALA N   H    sing N N 2   
ALA N   H2   sing N N 3   
ALA CA  C    sing N N 4   
ALA CA  CB   sing N N 5   
ALA CA  HA   sing N N 6   
ALA C   O    doub N N 7   
ALA C   OXT  sing N N 8   
ALA CB  HB1  sing N N 9   
ALA CB  HB2  sing N N 10  
ALA CB  HB3  sing N N 11  
ALA OXT HXT  sing N N 12  
ARG N   CA   sing N N 13  
ARG N   H    sing N N 14  
ARG N   H2   sing N N 15  
ARG CA  C    sing N N 16  
ARG CA  CB   sing N N 17  
ARG CA  HA   sing N N 18  
ARG C   O    doub N N 19  
ARG C   OXT  sing N N 20  
ARG CB  CG   sing N N 21  
ARG CB  HB2  sing N N 22  
ARG CB  HB3  sing N N 23  
ARG CG  CD   sing N N 24  
ARG CG  HG2  sing N N 25  
ARG CG  HG3  sing N N 26  
ARG CD  NE   sing N N 27  
ARG CD  HD2  sing N N 28  
ARG CD  HD3  sing N N 29  
ARG NE  CZ   sing N N 30  
ARG NE  HE   sing N N 31  
ARG CZ  NH1  sing N N 32  
ARG CZ  NH2  doub N N 33  
ARG NH1 HH11 sing N N 34  
ARG NH1 HH12 sing N N 35  
ARG NH2 HH21 sing N N 36  
ARG NH2 HH22 sing N N 37  
ARG OXT HXT  sing N N 38  
ASN N   CA   sing N N 39  
ASN N   H    sing N N 40  
ASN N   H2   sing N N 41  
ASN CA  C    sing N N 42  
ASN CA  CB   sing N N 43  
ASN CA  HA   sing N N 44  
ASN C   O    doub N N 45  
ASN C   OXT  sing N N 46  
ASN CB  CG   sing N N 47  
ASN CB  HB2  sing N N 48  
ASN CB  HB3  sing N N 49  
ASN CG  OD1  doub N N 50  
ASN CG  ND2  sing N N 51  
ASN ND2 HD21 sing N N 52  
ASN ND2 HD22 sing N N 53  
ASN OXT HXT  sing N N 54  
ASP N   CA   sing N N 55  
ASP N   H    sing N N 56  
ASP N   H2   sing N N 57  
ASP CA  C    sing N N 58  
ASP CA  CB   sing N N 59  
ASP CA  HA   sing N N 60  
ASP C   O    doub N N 61  
ASP C   OXT  sing N N 62  
ASP CB  CG   sing N N 63  
ASP CB  HB2  sing N N 64  
ASP CB  HB3  sing N N 65  
ASP CG  OD1  doub N N 66  
ASP CG  OD2  sing N N 67  
ASP OD2 HD2  sing N N 68  
ASP OXT HXT  sing N N 69  
GLN N   CA   sing N N 70  
GLN N   H    sing N N 71  
GLN N   H2   sing N N 72  
GLN CA  C    sing N N 73  
GLN CA  CB   sing N N 74  
GLN CA  HA   sing N N 75  
GLN C   O    doub N N 76  
GLN C   OXT  sing N N 77  
GLN CB  CG   sing N N 78  
GLN CB  HB2  sing N N 79  
GLN CB  HB3  sing N N 80  
GLN CG  CD   sing N N 81  
GLN CG  HG2  sing N N 82  
GLN CG  HG3  sing N N 83  
GLN CD  OE1  doub N N 84  
GLN CD  NE2  sing N N 85  
GLN NE2 HE21 sing N N 86  
GLN NE2 HE22 sing N N 87  
GLN OXT HXT  sing N N 88  
GLU N   CA   sing N N 89  
GLU N   H    sing N N 90  
GLU N   H2   sing N N 91  
GLU CA  C    sing N N 92  
GLU CA  CB   sing N N 93  
GLU CA  HA   sing N N 94  
GLU C   O    doub N N 95  
GLU C   OXT  sing N N 96  
GLU CB  CG   sing N N 97  
GLU CB  HB2  sing N N 98  
GLU CB  HB3  sing N N 99  
GLU CG  CD   sing N N 100 
GLU CG  HG2  sing N N 101 
GLU CG  HG3  sing N N 102 
GLU CD  OE1  doub N N 103 
GLU CD  OE2  sing N N 104 
GLU OE2 HE2  sing N N 105 
GLU OXT HXT  sing N N 106 
GLY N   CA   sing N N 107 
GLY N   H    sing N N 108 
GLY N   H2   sing N N 109 
GLY CA  C    sing N N 110 
GLY CA  HA2  sing N N 111 
GLY CA  HA3  sing N N 112 
GLY C   O    doub N N 113 
GLY C   OXT  sing N N 114 
GLY OXT HXT  sing N N 115 
HIS N   CA   sing N N 116 
HIS N   H    sing N N 117 
HIS N   H2   sing N N 118 
HIS CA  C    sing N N 119 
HIS CA  CB   sing N N 120 
HIS CA  HA   sing N N 121 
HIS C   O    doub N N 122 
HIS C   OXT  sing N N 123 
HIS CB  CG   sing N N 124 
HIS CB  HB2  sing N N 125 
HIS CB  HB3  sing N N 126 
HIS CG  ND1  sing Y N 127 
HIS CG  CD2  doub Y N 128 
HIS ND1 CE1  doub Y N 129 
HIS ND1 HD1  sing N N 130 
HIS CD2 NE2  sing Y N 131 
HIS CD2 HD2  sing N N 132 
HIS CE1 NE2  sing Y N 133 
HIS CE1 HE1  sing N N 134 
HIS NE2 HE2  sing N N 135 
HIS OXT HXT  sing N N 136 
HOH O   H1   sing N N 137 
HOH O   H2   sing N N 138 
ILE N   CA   sing N N 139 
ILE N   H    sing N N 140 
ILE N   H2   sing N N 141 
ILE CA  C    sing N N 142 
ILE CA  CB   sing N N 143 
ILE CA  HA   sing N N 144 
ILE C   O    doub N N 145 
ILE C   OXT  sing N N 146 
ILE CB  CG1  sing N N 147 
ILE CB  CG2  sing N N 148 
ILE CB  HB   sing N N 149 
ILE CG1 CD1  sing N N 150 
ILE CG1 HG12 sing N N 151 
ILE CG1 HG13 sing N N 152 
ILE CG2 HG21 sing N N 153 
ILE CG2 HG22 sing N N 154 
ILE CG2 HG23 sing N N 155 
ILE CD1 HD11 sing N N 156 
ILE CD1 HD12 sing N N 157 
ILE CD1 HD13 sing N N 158 
ILE OXT HXT  sing N N 159 
LEU N   CA   sing N N 160 
LEU N   H    sing N N 161 
LEU N   H2   sing N N 162 
LEU CA  C    sing N N 163 
LEU CA  CB   sing N N 164 
LEU CA  HA   sing N N 165 
LEU C   O    doub N N 166 
LEU C   OXT  sing N N 167 
LEU CB  CG   sing N N 168 
LEU CB  HB2  sing N N 169 
LEU CB  HB3  sing N N 170 
LEU CG  CD1  sing N N 171 
LEU CG  CD2  sing N N 172 
LEU CG  HG   sing N N 173 
LEU CD1 HD11 sing N N 174 
LEU CD1 HD12 sing N N 175 
LEU CD1 HD13 sing N N 176 
LEU CD2 HD21 sing N N 177 
LEU CD2 HD22 sing N N 178 
LEU CD2 HD23 sing N N 179 
LEU OXT HXT  sing N N 180 
LYS N   CA   sing N N 181 
LYS N   H    sing N N 182 
LYS N   H2   sing N N 183 
LYS CA  C    sing N N 184 
LYS CA  CB   sing N N 185 
LYS CA  HA   sing N N 186 
LYS C   O    doub N N 187 
LYS C   OXT  sing N N 188 
LYS CB  CG   sing N N 189 
LYS CB  HB2  sing N N 190 
LYS CB  HB3  sing N N 191 
LYS CG  CD   sing N N 192 
LYS CG  HG2  sing N N 193 
LYS CG  HG3  sing N N 194 
LYS CD  CE   sing N N 195 
LYS CD  HD2  sing N N 196 
LYS CD  HD3  sing N N 197 
LYS CE  NZ   sing N N 198 
LYS CE  HE2  sing N N 199 
LYS CE  HE3  sing N N 200 
LYS NZ  HZ1  sing N N 201 
LYS NZ  HZ2  sing N N 202 
LYS NZ  HZ3  sing N N 203 
LYS OXT HXT  sing N N 204 
MET N   CA   sing N N 205 
MET N   H    sing N N 206 
MET N   H2   sing N N 207 
MET CA  C    sing N N 208 
MET CA  CB   sing N N 209 
MET CA  HA   sing N N 210 
MET C   O    doub N N 211 
MET C   OXT  sing N N 212 
MET CB  CG   sing N N 213 
MET CB  HB2  sing N N 214 
MET CB  HB3  sing N N 215 
MET CG  SD   sing N N 216 
MET CG  HG2  sing N N 217 
MET CG  HG3  sing N N 218 
MET SD  CE   sing N N 219 
MET CE  HE1  sing N N 220 
MET CE  HE2  sing N N 221 
MET CE  HE3  sing N N 222 
MET OXT HXT  sing N N 223 
PHE N   CA   sing N N 224 
PHE N   H    sing N N 225 
PHE N   H2   sing N N 226 
PHE CA  C    sing N N 227 
PHE CA  CB   sing N N 228 
PHE CA  HA   sing N N 229 
PHE C   O    doub N N 230 
PHE C   OXT  sing N N 231 
PHE CB  CG   sing N N 232 
PHE CB  HB2  sing N N 233 
PHE CB  HB3  sing N N 234 
PHE CG  CD1  doub Y N 235 
PHE CG  CD2  sing Y N 236 
PHE CD1 CE1  sing Y N 237 
PHE CD1 HD1  sing N N 238 
PHE CD2 CE2  doub Y N 239 
PHE CD2 HD2  sing N N 240 
PHE CE1 CZ   doub Y N 241 
PHE CE1 HE1  sing N N 242 
PHE CE2 CZ   sing Y N 243 
PHE CE2 HE2  sing N N 244 
PHE CZ  HZ   sing N N 245 
PHE OXT HXT  sing N N 246 
PRO N   CA   sing N N 247 
PRO N   CD   sing N N 248 
PRO N   H    sing N N 249 
PRO CA  C    sing N N 250 
PRO CA  CB   sing N N 251 
PRO CA  HA   sing N N 252 
PRO C   O    doub N N 253 
PRO C   OXT  sing N N 254 
PRO CB  CG   sing N N 255 
PRO CB  HB2  sing N N 256 
PRO CB  HB3  sing N N 257 
PRO CG  CD   sing N N 258 
PRO CG  HG2  sing N N 259 
PRO CG  HG3  sing N N 260 
PRO CD  HD2  sing N N 261 
PRO CD  HD3  sing N N 262 
PRO OXT HXT  sing N N 263 
SER N   CA   sing N N 264 
SER N   H    sing N N 265 
SER N   H2   sing N N 266 
SER CA  C    sing N N 267 
SER CA  CB   sing N N 268 
SER CA  HA   sing N N 269 
SER C   O    doub N N 270 
SER C   OXT  sing N N 271 
SER CB  OG   sing N N 272 
SER CB  HB2  sing N N 273 
SER CB  HB3  sing N N 274 
SER OG  HG   sing N N 275 
SER OXT HXT  sing N N 276 
THR N   CA   sing N N 277 
THR N   H    sing N N 278 
THR N   H2   sing N N 279 
THR CA  C    sing N N 280 
THR CA  CB   sing N N 281 
THR CA  HA   sing N N 282 
THR C   O    doub N N 283 
THR C   OXT  sing N N 284 
THR CB  OG1  sing N N 285 
THR CB  CG2  sing N N 286 
THR CB  HB   sing N N 287 
THR OG1 HG1  sing N N 288 
THR CG2 HG21 sing N N 289 
THR CG2 HG22 sing N N 290 
THR CG2 HG23 sing N N 291 
THR OXT HXT  sing N N 292 
TRP N   CA   sing N N 293 
TRP N   H    sing N N 294 
TRP N   H2   sing N N 295 
TRP CA  C    sing N N 296 
TRP CA  CB   sing N N 297 
TRP CA  HA   sing N N 298 
TRP C   O    doub N N 299 
TRP C   OXT  sing N N 300 
TRP CB  CG   sing N N 301 
TRP CB  HB2  sing N N 302 
TRP CB  HB3  sing N N 303 
TRP CG  CD1  doub Y N 304 
TRP CG  CD2  sing Y N 305 
TRP CD1 NE1  sing Y N 306 
TRP CD1 HD1  sing N N 307 
TRP CD2 CE2  doub Y N 308 
TRP CD2 CE3  sing Y N 309 
TRP NE1 CE2  sing Y N 310 
TRP NE1 HE1  sing N N 311 
TRP CE2 CZ2  sing Y N 312 
TRP CE3 CZ3  doub Y N 313 
TRP CE3 HE3  sing N N 314 
TRP CZ2 CH2  doub Y N 315 
TRP CZ2 HZ2  sing N N 316 
TRP CZ3 CH2  sing Y N 317 
TRP CZ3 HZ3  sing N N 318 
TRP CH2 HH2  sing N N 319 
TRP OXT HXT  sing N N 320 
TYR N   CA   sing N N 321 
TYR N   H    sing N N 322 
TYR N   H2   sing N N 323 
TYR CA  C    sing N N 324 
TYR CA  CB   sing N N 325 
TYR CA  HA   sing N N 326 
TYR C   O    doub N N 327 
TYR C   OXT  sing N N 328 
TYR CB  CG   sing N N 329 
TYR CB  HB2  sing N N 330 
TYR CB  HB3  sing N N 331 
TYR CG  CD1  doub Y N 332 
TYR CG  CD2  sing Y N 333 
TYR CD1 CE1  sing Y N 334 
TYR CD1 HD1  sing N N 335 
TYR CD2 CE2  doub Y N 336 
TYR CD2 HD2  sing N N 337 
TYR CE1 CZ   doub Y N 338 
TYR CE1 HE1  sing N N 339 
TYR CE2 CZ   sing Y N 340 
TYR CE2 HE2  sing N N 341 
TYR CZ  OH   sing N N 342 
TYR OH  HH   sing N N 343 
TYR OXT HXT  sing N N 344 
VAL N   CA   sing N N 345 
VAL N   H    sing N N 346 
VAL N   H2   sing N N 347 
VAL CA  C    sing N N 348 
VAL CA  CB   sing N N 349 
VAL CA  HA   sing N N 350 
VAL C   O    doub N N 351 
VAL C   OXT  sing N N 352 
VAL CB  CG1  sing N N 353 
VAL CB  CG2  sing N N 354 
VAL CB  HB   sing N N 355 
VAL CG1 HG11 sing N N 356 
VAL CG1 HG12 sing N N 357 
VAL CG1 HG13 sing N N 358 
VAL CG2 HG21 sing N N 359 
VAL CG2 HG22 sing N N 360 
VAL CG2 HG23 sing N N 361 
VAL OXT HXT  sing N N 362 
# 
_atom_sites.entry_id                    3BOD 
_atom_sites.fract_transf_matrix[1][1]   0.00632660 
_atom_sites.fract_transf_matrix[1][2]   0.01323327 
_atom_sites.fract_transf_matrix[1][3]   0.01669614 
_atom_sites.fract_transf_matrix[2][1]   0.00620857 
_atom_sites.fract_transf_matrix[2][2]   0.01397451 
_atom_sites.fract_transf_matrix[2][3]   -0.01342870 
_atom_sites.fract_transf_matrix[3][1]   -0.01429882 
_atom_sites.fract_transf_matrix[3][2]   0.00656164 
_atom_sites.fract_transf_matrix[3][3]   0.00021747 
_atom_sites.fract_transf_vector[1]      -0.032294 
_atom_sites.fract_transf_vector[2]      -0.019743 
_atom_sites.fract_transf_vector[3]      0.045144 
# 
loop_
_atom_type.symbol 
C  
CA 
N  
O  
S  
# 
loop_
_atom_site.group_PDB 
_atom_site.id 
_atom_site.type_symbol 
_atom_site.label_atom_id 
_atom_site.label_alt_id 
_atom_site.label_comp_id 
_atom_site.label_asym_id 
_atom_site.label_entity_id 
_atom_site.label_seq_id 
_atom_site.pdbx_PDB_ins_code 
_atom_site.Cartn_x 
_atom_site.Cartn_y 
_atom_site.Cartn_z 
_atom_site.occupancy 
_atom_site.B_iso_or_equiv 
_atom_site.pdbx_formal_charge 
_atom_site.auth_seq_id 
_atom_site.auth_comp_id 
_atom_site.auth_asym_id 
_atom_site.auth_atom_id 
_atom_site.pdbx_PDB_model_num 
ATOM   1    N  N   . ALA A 1 1   ? -5.784  -7.824  16.405  1.00 26.62 ? 81  ALA A N   1 
ATOM   2    C  CA  . ALA A 1 1   ? -5.160  -6.527  16.029  1.00 25.99 ? 81  ALA A CA  1 
ATOM   3    C  C   . ALA A 1 1   ? -3.674  -6.658  15.643  1.00 25.30 ? 81  ALA A C   1 
ATOM   4    O  O   . ALA A 1 1   ? -3.230  -7.755  15.300  1.00 25.26 ? 81  ALA A O   1 
ATOM   5    C  CB  . ALA A 1 1   ? -5.373  -5.501  17.133  1.00 26.79 ? 81  ALA A CB  1 
ATOM   6    N  N   . PRO A 1 2   ? -2.912  -5.549  15.695  1.00 24.97 ? 82  PRO A N   1 
ATOM   7    C  CA  . PRO A 1 2   ? -1.576  -5.578  15.121  1.00 24.53 ? 82  PRO A CA  1 
ATOM   8    C  C   . PRO A 1 2   ? -0.563  -6.492  15.808  1.00 23.25 ? 82  PRO A C   1 
ATOM   9    O  O   . PRO A 1 2   ? -0.635  -6.730  17.016  1.00 22.96 ? 82  PRO A O   1 
ATOM   10   C  CB  . PRO A 1 2   ? -1.108  -4.130  15.249  1.00 24.73 ? 82  PRO A CB  1 
ATOM   11   C  CG  . PRO A 1 2   ? -1.905  -3.545  16.305  1.00 25.72 ? 82  PRO A CG  1 
ATOM   12   C  CD  . PRO A 1 2   ? -3.225  -4.228  16.272  1.00 24.83 ? 82  PRO A CD  1 
ATOM   13   N  N   . LEU A 1 3   ? 0.362   -6.991  15.003  1.00 21.92 ? 83  LEU A N   1 
ATOM   14   C  CA  . LEU A 1 3   ? 1.489   -7.765  15.463  1.00 20.45 ? 83  LEU A CA  1 
ATOM   15   C  C   . LEU A 1 3   ? 2.725   -7.016  14.995  1.00 19.15 ? 83  LEU A C   1 
ATOM   16   O  O   . LEU A 1 3   ? 2.829   -6.692  13.813  1.00 19.77 ? 83  LEU A O   1 
ATOM   17   C  CB  . LEU A 1 3   ? 1.450   -9.122  14.779  1.00 20.95 ? 83  LEU A CB  1 
ATOM   18   C  CG  . LEU A 1 3   ? 1.963   -10.379 15.449  1.00 22.39 ? 83  LEU A CG  1 
ATOM   19   C  CD1 . LEU A 1 3   ? 1.719   -10.427 16.964  1.00 22.04 ? 83  LEU A CD1 1 
ATOM   20   C  CD2 . LEU A 1 3   ? 1.301   -11.564 14.755  1.00 21.01 ? 83  LEU A CD2 1 
ATOM   21   N  N   . GLY A 1 4   ? 3.645   -6.706  15.908  1.00 17.08 ? 84  GLY A N   1 
ATOM   22   C  CA  . GLY A 1 4   ? 4.898   -6.089  15.505  1.00 15.58 ? 84  GLY A CA  1 
ATOM   23   C  C   . GLY A 1 4   ? 4.771   -4.579  15.463  1.00 14.46 ? 84  GLY A C   1 
ATOM   24   O  O   . GLY A 1 4   ? 3.918   -3.995  16.132  1.00 14.93 ? 84  GLY A O   1 
ATOM   25   N  N   . SER A 1 5   ? 5.617   -3.957  14.652  1.00 14.10 ? 85  SER A N   1 
ATOM   26   C  CA  . SER A 1 5   ? 5.797   -2.514  14.708  1.00 12.92 ? 85  SER A CA  1 
ATOM   27   C  C   . SER A 1 5   ? 4.549   -1.776  14.270  1.00 13.20 ? 85  SER A C   1 
ATOM   28   O  O   . SER A 1 5   ? 3.834   -2.190  13.336  1.00 12.70 ? 85  SER A O   1 
ATOM   29   C  CB  . SER A 1 5   ? 6.982   -2.081  13.854  1.00 13.61 ? 85  SER A CB  1 
ATOM   30   O  OG  . SER A 1 5   ? 8.177   -2.722  14.267  1.00 14.85 ? 85  SER A OG  1 
ATOM   31   N  N   . THR A 1 6   ? 4.283   -0.685  14.970  1.00 12.43 ? 86  THR A N   1 
ATOM   32   C  CA  . THR A 1 6   ? 3.200   0.219   14.622  1.00 12.41 ? 86  THR A CA  1 
ATOM   33   C  C   . THR A 1 6   ? 3.777   1.615   14.555  1.00 12.57 ? 86  THR A C   1 
ATOM   34   O  O   . THR A 1 6   ? 4.562   2.017   15.425  1.00 12.68 ? 86  THR A O   1 
ATOM   35   C  CB  . THR A 1 6   ? 2.081   0.177   15.675  1.00 12.44 ? 86  THR A CB  1 
ATOM   36   O  OG1 . THR A 1 6   ? 1.500   -1.128  15.680  1.00 15.02 ? 86  THR A OG1 1 
ATOM   37   C  CG2 . THR A 1 6   ? 0.972   1.199   15.380  1.00 14.62 ? 86  THR A CG2 1 
ATOM   38   N  N   . TYR A 1 7   ? 3.378   2.353   13.529  1.00 11.99 ? 87  TYR A N   1 
ATOM   39   C  CA  . TYR A 1 7   ? 3.779   3.749   13.406  1.00 11.95 ? 87  TYR A CA  1 
ATOM   40   C  C   . TYR A 1 7   ? 2.576   4.646   13.515  1.00 13.29 ? 87  TYR A C   1 
ATOM   41   O  O   . TYR A 1 7   ? 1.533   4.356   12.939  1.00 14.13 ? 87  TYR A O   1 
ATOM   42   C  CB  . TYR A 1 7   ? 4.506   4.004   12.076  1.00 11.59 ? 87  TYR A CB  1 
ATOM   43   C  CG  . TYR A 1 7   ? 5.938   3.602   12.153  1.00 10.20 ? 87  TYR A CG  1 
ATOM   44   C  CD1 . TYR A 1 7   ? 6.321   2.288   11.915  1.00 10.82 ? 87  TYR A CD1 1 
ATOM   45   C  CD2 . TYR A 1 7   ? 6.922   4.535   12.487  1.00 10.88 ? 87  TYR A CD2 1 
ATOM   46   C  CE1 . TYR A 1 7   ? 7.658   1.909   12.002  1.00 10.88 ? 87  TYR A CE1 1 
ATOM   47   C  CE2 . TYR A 1 7   ? 8.259   4.155   12.585  1.00 13.48 ? 87  TYR A CE2 1 
ATOM   48   C  CZ  . TYR A 1 7   ? 8.612   2.840   12.340  1.00 11.83 ? 87  TYR A CZ  1 
ATOM   49   O  OH  . TYR A 1 7   ? 9.938   2.457   12.416  1.00 11.31 ? 87  TYR A OH  1 
ATOM   50   N  N   . ILE A 1 8   ? 2.718   5.737   14.272  1.00 13.76 ? 88  ILE A N   1 
ATOM   51   C  CA  . ILE A 1 8   ? 1.679   6.740   14.320  1.00 13.94 ? 88  ILE A CA  1 
ATOM   52   C  C   . ILE A 1 8   ? 2.038   7.923   13.408  1.00 13.75 ? 88  ILE A C   1 
ATOM   53   O  O   . ILE A 1 8   ? 3.168   8.438   13.451  1.00 13.75 ? 88  ILE A O   1 
ATOM   54   C  CB  . ILE A 1 8   ? 1.383   7.201   15.787  1.00 14.68 ? 88  ILE A CB  1 
ATOM   55   C  CG1 . ILE A 1 8   ? 0.286   8.266   15.787  1.00 15.64 ? 88  ILE A CG1 1 
ATOM   56   C  CG2 . ILE A 1 8   ? 2.637   7.656   16.474  1.00 16.54 ? 88  ILE A CG2 1 
ATOM   57   C  CD1 . ILE A 1 8   ? -0.387  8.495   17.147  1.00 15.55 ? 88  ILE A CD1 1 
ATOM   58   N  N   . PHE A 1 9   ? 1.065   8.326   12.599  1.00 13.18 ? 89  PHE A N   1 
ATOM   59   C  CA  . PHE A 1 9   ? 1.178   9.434   11.662  1.00 13.40 ? 89  PHE A CA  1 
ATOM   60   C  C   . PHE A 1 9   ? 0.300   10.562  12.163  1.00 14.96 ? 89  PHE A C   1 
ATOM   61   O  O   . PHE A 1 9   ? -0.923  10.428  12.296  1.00 14.34 ? 89  PHE A O   1 
ATOM   62   C  CB  . PHE A 1 9   ? 0.774   9.004   10.238  1.00 12.84 ? 89  PHE A CB  1 
ATOM   63   C  CG  . PHE A 1 9   ? 1.710   7.993   9.630   1.00 12.27 ? 89  PHE A CG  1 
ATOM   64   C  CD1 . PHE A 1 9   ? 1.688   6.669   10.069  1.00 11.37 ? 89  PHE A CD1 1 
ATOM   65   C  CD2 . PHE A 1 9   ? 2.609   8.368   8.623   1.00 11.49 ? 89  PHE A CD2 1 
ATOM   66   C  CE1 . PHE A 1 9   ? 2.557   5.707   9.523   1.00 10.57 ? 89  PHE A CE1 1 
ATOM   67   C  CE2 . PHE A 1 9   ? 3.483   7.422   8.079   1.00 12.28 ? 89  PHE A CE2 1 
ATOM   68   C  CZ  . PHE A 1 9   ? 3.446   6.087   8.538   1.00 11.66 ? 89  PHE A CZ  1 
ATOM   69   N  N   . SER A 1 10  ? 0.946   11.684  12.460  1.00 17.00 ? 90  SER A N   1 
ATOM   70   C  CA  . SER A 1 10  ? 0.266   12.789  13.112  1.00 19.83 ? 90  SER A CA  1 
ATOM   71   C  C   . SER A 1 10  ? -0.033  13.911  12.118  1.00 20.12 ? 90  SER A C   1 
ATOM   72   O  O   . SER A 1 10  ? 0.454   13.893  10.985  1.00 20.95 ? 90  SER A O   1 
ATOM   73   C  CB  . SER A 1 10  ? 1.137   13.296  14.262  1.00 20.12 ? 90  SER A CB  1 
ATOM   74   O  OG  . SER A 1 10  ? 1.514   12.228  15.114  1.00 24.12 ? 90  SER A OG  1 
ATOM   75   N  N   . LYS A 1 11  ? -0.842  14.879  12.540  1.00 20.78 ? 91  LYS A N   1 
ATOM   76   C  CA  . LYS A 1 11  ? -1.276  15.981  11.693  1.00 20.36 ? 91  LYS A CA  1 
ATOM   77   C  C   . LYS A 1 11  ? -0.100  16.632  10.962  1.00 19.82 ? 91  LYS A C   1 
ATOM   78   O  O   . LYS A 1 11  ? 0.943   16.894  11.551  1.00 18.47 ? 91  LYS A O   1 
ATOM   79   C  CB  . LYS A 1 11  ? -2.038  17.017  12.538  1.00 21.15 ? 91  LYS A CB  1 
ATOM   80   C  CG  . LYS A 1 11  ? -2.746  18.076  11.740  1.00 22.43 ? 91  LYS A CG  1 
ATOM   81   C  CD  . LYS A 1 11  ? -3.522  18.989  12.653  1.00 27.12 ? 91  LYS A CD  1 
ATOM   82   C  CE  . LYS A 1 11  ? -4.208  20.057  11.843  1.00 28.99 ? 91  LYS A CE  1 
ATOM   83   N  NZ  . LYS A 1 11  ? -5.189  20.795  12.684  1.00 32.15 ? 91  LYS A NZ  1 
ATOM   84   N  N   . GLY A 1 12  ? -0.294  16.864  9.667   1.00 18.79 ? 92  GLY A N   1 
ATOM   85   C  CA  . GLY A 1 12  ? 0.711   17.466  8.807   1.00 18.88 ? 92  GLY A CA  1 
ATOM   86   C  C   . GLY A 1 12  ? 1.335   16.410  7.929   1.00 18.48 ? 92  GLY A C   1 
ATOM   87   O  O   . GLY A 1 12  ? 1.716   16.677  6.781   1.00 19.30 ? 92  GLY A O   1 
ATOM   88   N  N   . GLY A 1 13  ? 1.454   15.208  8.481   1.00 17.97 ? 93  GLY A N   1 
ATOM   89   C  CA  . GLY A 1 13  ? 1.866   14.056  7.686   1.00 17.05 ? 93  GLY A CA  1 
ATOM   90   C  C   . GLY A 1 13  ? 3.314   13.669  7.862   1.00 15.87 ? 93  GLY A C   1 
ATOM   91   O  O   . GLY A 1 13  ? 4.133   14.449  8.343   1.00 16.95 ? 93  GLY A O   1 
ATOM   92   N  N   . GLY A 1 14  ? 3.612   12.437  7.484   1.00 14.75 ? 94  GLY A N   1 
ATOM   93   C  CA  . GLY A 1 14  ? 4.977   11.915  7.433   1.00 13.67 ? 94  GLY A CA  1 
ATOM   94   C  C   . GLY A 1 14  ? 4.995   10.842  6.369   1.00 14.14 ? 94  GLY A C   1 
ATOM   95   O  O   . GLY A 1 14  ? 3.971   10.553  5.770   1.00 14.66 ? 94  GLY A O   1 
ATOM   96   N  N   . GLN A 1 15  ? 6.159   10.246  6.136   1.00 13.37 ? 95  GLN A N   1 
ATOM   97   C  CA  . GLN A 1 15  ? 6.282   9.265   5.074   1.00 13.33 ? 95  GLN A CA  1 
ATOM   98   C  C   . GLN A 1 15  ? 7.456   8.369   5.419   1.00 12.89 ? 95  GLN A C   1 
ATOM   99   O  O   . GLN A 1 15  ? 8.520   8.856   5.804   1.00 13.71 ? 95  GLN A O   1 
ATOM   100  C  CB  . GLN A 1 15  ? 6.519   9.969   3.729   1.00 13.70 ? 95  GLN A CB  1 
ATOM   101  C  CG  . GLN A 1 15  ? 6.420   9.062   2.510   1.00 15.86 ? 95  GLN A CG  1 
ATOM   102  C  CD  . GLN A 1 15  ? 7.024   9.664   1.237   1.00 15.61 ? 95  GLN A CD  1 
ATOM   103  O  OE1 . GLN A 1 15  ? 8.164   10.134  1.235   1.00 19.64 ? 95  GLN A OE1 1 
ATOM   104  N  NE2 . GLN A 1 15  ? 6.268   9.621   0.141   1.00 17.74 ? 95  GLN A NE2 1 
ATOM   105  N  N   . ILE A 1 16  ? 7.237   7.065   5.335   1.00 11.93 ? 96  ILE A N   1 
ATOM   106  C  CA  . ILE A 1 16  ? 8.325   6.096   5.393   1.00 10.64 ? 96  ILE A CA  1 
ATOM   107  C  C   . ILE A 1 16  ? 8.538   5.603   3.979   1.00 10.71 ? 96  ILE A C   1 
ATOM   108  O  O   . ILE A 1 16  ? 7.561   5.278   3.287   1.00 10.38 ? 96  ILE A O   1 
ATOM   109  C  CB  . ILE A 1 16  ? 7.984   4.891   6.326   1.00 10.92 ? 96  ILE A CB  1 
ATOM   110  C  CG1 . ILE A 1 16  ? 7.618   5.388   7.734   1.00 10.50 ? 96  ILE A CG1 1 
ATOM   111  C  CG2 . ILE A 1 16  ? 9.137   3.893   6.336   1.00 11.04 ? 96  ILE A CG2 1 
ATOM   112  C  CD1 . ILE A 1 16  ? 7.056   4.320   8.653   1.00 10.64 ? 96  ILE A CD1 1 
ATOM   113  N  N   . THR A 1 17  ? 9.800   5.552   3.549   1.00 10.81 ? 97  THR A N   1 
ATOM   114  C  CA  . THR A 1 17  ? 10.134  5.063   2.220   1.00 11.07 ? 97  THR A CA  1 
ATOM   115  C  C   . THR A 1 17  ? 11.089  3.875   2.303   1.00 11.06 ? 97  THR A C   1 
ATOM   116  O  O   . THR A 1 17  ? 12.136  3.951   2.948   1.00 11.65 ? 97  THR A O   1 
ATOM   117  C  CB  . THR A 1 17  ? 10.779  6.170   1.335   1.00 11.39 ? 97  THR A CB  1 
ATOM   118  O  OG1 . THR A 1 17  ? 9.877   7.285   1.220   1.00 12.53 ? 97  THR A OG1 1 
ATOM   119  C  CG2 . THR A 1 17  ? 11.072  5.616   -0.074  1.00 13.62 ? 97  THR A CG2 1 
ATOM   120  N  N   . TYR A 1 18  ? 10.723  2.790   1.631   1.00 10.16 ? 98  TYR A N   1 
ATOM   121  C  CA  . TYR A 1 18  ? 11.653  1.701   1.380   1.00 11.13 ? 98  TYR A CA  1 
ATOM   122  C  C   . TYR A 1 18  ? 12.131  1.834   -0.053  1.00 11.13 ? 98  TYR A C   1 
ATOM   123  O  O   . TYR A 1 18  ? 11.300  1.891   -0.983  1.00 11.04 ? 98  TYR A O   1 
ATOM   124  C  CB  . TYR A 1 18  ? 10.937  0.354   1.539   1.00 11.87 ? 98  TYR A CB  1 
ATOM   125  C  CG  . TYR A 1 18  ? 11.890  -0.820  1.377   1.00 12.28 ? 98  TYR A CG  1 
ATOM   126  C  CD1 . TYR A 1 18  ? 12.672  -1.241  2.451   1.00 15.95 ? 98  TYR A CD1 1 
ATOM   127  C  CD2 . TYR A 1 18  ? 12.017  -1.485  0.164   1.00 13.01 ? 98  TYR A CD2 1 
ATOM   128  C  CE1 . TYR A 1 18  ? 13.565  -2.299  2.326   1.00 15.01 ? 98  TYR A CE1 1 
ATOM   129  C  CE2 . TYR A 1 18  ? 12.936  -2.570  0.028   1.00 13.10 ? 98  TYR A CE2 1 
ATOM   130  C  CZ  . TYR A 1 18  ? 13.687  -2.958  1.134   1.00 15.83 ? 98  TYR A CZ  1 
ATOM   131  O  OH  . TYR A 1 18  ? 14.592  -4.006  1.075   1.00 17.90 ? 98  TYR A OH  1 
ATOM   132  N  N   . LYS A 1 19  ? 13.449  1.872   -0.259  1.00 11.16 ? 99  LYS A N   1 
ATOM   133  C  CA  . LYS A 1 19  ? 13.982  2.020   -1.603  1.00 10.54 ? 99  LYS A CA  1 
ATOM   134  C  C   . LYS A 1 19  ? 14.837  0.808   -1.973  1.00 10.81 ? 99  LYS A C   1 
ATOM   135  O  O   . LYS A 1 19  ? 15.835  0.527   -1.316  1.00 10.77 ? 99  LYS A O   1 
ATOM   136  C  CB  . LYS A 1 19  ? 14.796  3.320   -1.693  1.00 11.51 ? 99  LYS A CB  1 
ATOM   137  C  CG  . LYS A 1 19  ? 15.244  3.621   -3.106  1.00 13.22 ? 99  LYS A CG  1 
ATOM   138  C  CD  . LYS A 1 19  ? 16.179  4.810   -3.193  1.00 20.18 ? 99  LYS A CD  1 
ATOM   139  C  CE  . LYS A 1 19  ? 16.711  4.868   -4.627  1.00 24.45 ? 99  LYS A CE  1 
ATOM   140  N  NZ  . LYS A 1 19  ? 18.079  5.473   -4.773  1.00 28.12 ? 99  LYS A NZ  1 
ATOM   141  N  N   . TRP A 1 20  ? 14.438  0.040   -2.985  1.00 10.82 ? 100 TRP A N   1 
ATOM   142  C  CA  . TRP A 1 20  ? 15.274  -1.114  -3.369  1.00 11.67 ? 100 TRP A CA  1 
ATOM   143  C  C   . TRP A 1 20  ? 16.623  -0.667  -3.929  1.00 12.24 ? 100 TRP A C   1 
ATOM   144  O  O   . TRP A 1 20  ? 16.736  0.433   -4.446  1.00 12.24 ? 100 TRP A O   1 
ATOM   145  C  CB  . TRP A 1 20  ? 14.563  -1.947  -4.418  1.00 11.87 ? 100 TRP A CB  1 
ATOM   146  C  CG  . TRP A 1 20  ? 13.504  -2.827  -3.890  1.00 12.67 ? 100 TRP A CG  1 
ATOM   147  C  CD1 . TRP A 1 20  ? 13.653  -4.107  -3.424  1.00 12.75 ? 100 TRP A CD1 1 
ATOM   148  C  CD2 . TRP A 1 20  ? 12.102  -2.543  -3.848  1.00 12.34 ? 100 TRP A CD2 1 
ATOM   149  N  NE1 . TRP A 1 20  ? 12.430  -4.629  -3.083  1.00 13.96 ? 100 TRP A NE1 1 
ATOM   150  C  CE2 . TRP A 1 20  ? 11.462  -3.689  -3.330  1.00 11.87 ? 100 TRP A CE2 1 
ATOM   151  C  CE3 . TRP A 1 20  ? 11.320  -1.427  -4.206  1.00 11.49 ? 100 TRP A CE3 1 
ATOM   152  C  CZ2 . TRP A 1 20  ? 10.085  -3.752  -3.142  1.00 12.96 ? 100 TRP A CZ2 1 
ATOM   153  C  CZ3 . TRP A 1 20  ? 9.936   -1.496  -4.006  1.00 12.28 ? 100 TRP A CZ3 1 
ATOM   154  C  CH2 . TRP A 1 20  ? 9.342   -2.651  -3.480  1.00 11.09 ? 100 TRP A CH2 1 
ATOM   155  N  N   . PRO A 1 21  ? 17.659  -1.531  -3.834  1.00 13.23 ? 101 PRO A N   1 
ATOM   156  C  CA  . PRO A 1 21  ? 18.928  -1.210  -4.484  1.00 14.09 ? 101 PRO A CA  1 
ATOM   157  C  C   . PRO A 1 21  ? 18.679  -0.999  -5.977  1.00 14.31 ? 101 PRO A C   1 
ATOM   158  O  O   . PRO A 1 21  ? 17.933  -1.774  -6.585  1.00 14.93 ? 101 PRO A O   1 
ATOM   159  C  CB  . PRO A 1 21  ? 19.762  -2.480  -4.280  1.00 14.81 ? 101 PRO A CB  1 
ATOM   160  C  CG  . PRO A 1 21  ? 19.157  -3.164  -3.095  1.00 15.21 ? 101 PRO A CG  1 
ATOM   161  C  CD  . PRO A 1 21  ? 17.693  -2.825  -3.119  1.00 14.38 ? 101 PRO A CD  1 
ATOM   162  N  N   . PRO A 1 22  ? 19.302  0.031   -6.584  1.00 15.36 ? 102 PRO A N   1 
ATOM   163  C  CA  . PRO A 1 22  ? 18.932  0.338   -7.965  1.00 15.32 ? 102 PRO A CA  1 
ATOM   164  C  C   . PRO A 1 22  ? 19.257  -0.771  -8.951  1.00 15.32 ? 102 PRO A C   1 
ATOM   165  O  O   . PRO A 1 22  ? 18.614  -0.856  -9.997  1.00 15.29 ? 102 PRO A O   1 
ATOM   166  C  CB  . PRO A 1 22  ? 19.723  1.615   -8.287  1.00 15.96 ? 102 PRO A CB  1 
ATOM   167  C  CG  . PRO A 1 22  ? 20.199  2.142   -6.986  1.00 17.72 ? 102 PRO A CG  1 
ATOM   168  C  CD  . PRO A 1 22  ? 20.302  0.978   -6.047  1.00 15.88 ? 102 PRO A CD  1 
ATOM   169  N  N   . ASN A 1 23  ? 20.226  -1.624  -8.611  1.00 15.01 ? 103 ASN A N   1 
ATOM   170  C  CA  . ASN A 1 23  ? 20.587  -2.737  -9.493  1.00 14.86 ? 103 ASN A CA  1 
ATOM   171  C  C   . ASN A 1 23  ? 19.989  -4.048  -9.044  1.00 14.74 ? 103 ASN A C   1 
ATOM   172  O  O   . ASN A 1 23  ? 20.406  -5.117  -9.501  1.00 14.34 ? 103 ASN A O   1 
ATOM   173  C  CB  . ASN A 1 23  ? 22.110  -2.869  -9.623  1.00 15.63 ? 103 ASN A CB  1 
ATOM   174  C  CG  . ASN A 1 23  ? 22.757  -1.571  -9.954  1.00 18.71 ? 103 ASN A CG  1 
ATOM   175  O  OD1 . ASN A 1 23  ? 23.800  -1.217  -9.382  1.00 26.05 ? 103 ASN A OD1 1 
ATOM   176  N  ND2 . ASN A 1 23  ? 22.142  -0.822  -10.867 1.00 22.15 ? 103 ASN A ND2 1 
ATOM   177  N  N   . ASP A 1 24  ? 18.977  -3.972  -8.175  1.00 13.83 ? 104 ASP A N   1 
ATOM   178  C  CA  . ASP A 1 24  ? 18.290  -5.183  -7.730  1.00 13.77 ? 104 ASP A CA  1 
ATOM   179  C  C   . ASP A 1 24  ? 16.803  -4.906  -7.453  1.00 13.13 ? 104 ASP A C   1 
ATOM   180  O  O   . ASP A 1 24  ? 16.260  -5.317  -6.404  1.00 14.33 ? 104 ASP A O   1 
ATOM   181  C  CB  . ASP A 1 24  ? 18.981  -5.763  -6.486  1.00 13.42 ? 104 ASP A CB  1 
ATOM   182  C  CG  . ASP A 1 24  ? 18.703  -7.247  -6.287  1.00 15.37 ? 104 ASP A CG  1 
ATOM   183  O  OD1 . ASP A 1 24  ? 18.139  -7.892  -7.201  1.00 16.45 ? 104 ASP A OD1 1 
ATOM   184  O  OD2 . ASP A 1 24  ? 19.038  -7.753  -5.192  1.00 14.57 ? 104 ASP A OD2 1 
ATOM   185  N  N   . ARG A 1 25  ? 16.165  -4.197  -8.386  1.00 12.65 ? 105 ARG A N   1 
ATOM   186  C  CA  . ARG A 1 25  ? 14.740  -3.886  -8.269  1.00 12.30 ? 105 ARG A CA  1 
ATOM   187  C  C   . ARG A 1 25  ? 13.904  -5.053  -8.766  1.00 12.97 ? 105 ARG A C   1 
ATOM   188  O  O   . ARG A 1 25  ? 14.177  -5.570  -9.855  1.00 13.55 ? 105 ARG A O   1 
ATOM   189  C  CB  . ARG A 1 25  ? 14.401  -2.636  -9.086  1.00 12.16 ? 105 ARG A CB  1 
ATOM   190  C  CG  . ARG A 1 25  ? 15.016  -1.395  -8.508  1.00 12.01 ? 105 ARG A CG  1 
ATOM   191  C  CD  . ARG A 1 25  ? 14.884  -0.211  -9.468  1.00 14.18 ? 105 ARG A CD  1 
ATOM   192  N  NE  . ARG A 1 25  ? 15.317  1.039   -8.837  1.00 16.34 ? 105 ARG A NE  1 
ATOM   193  C  CZ  . ARG A 1 25  ? 15.915  2.041   -9.493  1.00 20.33 ? 105 ARG A CZ  1 
ATOM   194  N  NH1 . ARG A 1 25  ? 16.195  1.935   -10.785 1.00 23.54 ? 105 ARG A NH1 1 
ATOM   195  N  NH2 . ARG A 1 25  ? 16.262  3.133   -8.844  1.00 23.79 ? 105 ARG A NH2 1 
ATOM   196  N  N   . PRO A 1 26  ? 12.853  -5.439  -8.002  1.00 12.51 ? 106 PRO A N   1 
ATOM   197  C  CA  . PRO A 1 26  ? 12.038  -6.577  -8.435  1.00 12.57 ? 106 PRO A CA  1 
ATOM   198  C  C   . PRO A 1 26  ? 11.012  -6.233  -9.519  1.00 12.68 ? 106 PRO A C   1 
ATOM   199  O  O   . PRO A 1 26  ? 10.529  -5.107  -9.570  1.00 11.48 ? 106 PRO A O   1 
ATOM   200  C  CB  . PRO A 1 26  ? 11.351  -7.026  -7.150  1.00 13.57 ? 106 PRO A CB  1 
ATOM   201  C  CG  . PRO A 1 26  ? 11.263  -5.800  -6.307  1.00 11.74 ? 106 PRO A CG  1 
ATOM   202  C  CD  . PRO A 1 26  ? 12.378  -4.862  -6.729  1.00 13.17 ? 106 PRO A CD  1 
ATOM   203  N  N   . SER A 1 27  ? 10.721  -7.201  -10.393 1.00 12.91 ? 107 SER A N   1 
ATOM   204  C  CA  . SER A 1 27  ? 9.614   -7.114  -11.355 1.00 13.24 ? 107 SER A CA  1 
ATOM   205  C  C   . SER A 1 27  ? 8.809   -8.388  -11.106 1.00 13.75 ? 107 SER A C   1 
ATOM   206  O  O   . SER A 1 27  ? 9.381   -9.474  -10.970 1.00 15.00 ? 107 SER A O   1 
ATOM   207  C  CB  . SER A 1 27  ? 10.103  -7.071  -12.817 1.00 13.82 ? 107 SER A CB  1 
ATOM   208  O  OG  . SER A 1 27  ? 10.831  -5.896  -13.095 1.00 13.48 ? 107 SER A OG  1 
ATOM   209  N  N   . THR A 1 28  ? 7.490   -8.265  -10.968 1.00 12.24 ? 108 THR A N   1 
ATOM   210  C  CA  . THR A 1 28  ? 6.709   -9.398  -10.479 1.00 11.76 ? 108 THR A CA  1 
ATOM   211  C  C   . THR A 1 28  ? 5.517   -9.654  -11.381 1.00 11.65 ? 108 THR A C   1 
ATOM   212  O  O   . THR A 1 28  ? 4.943   -8.713  -11.932 1.00 11.27 ? 108 THR A O   1 
ATOM   213  C  CB  . THR A 1 28  ? 6.173   -9.102  -9.053  1.00 12.06 ? 108 THR A CB  1 
ATOM   214  O  OG1 . THR A 1 28  ? 5.584   -7.795  -9.055  1.00 12.55 ? 108 THR A OG1 1 
ATOM   215  C  CG2 . THR A 1 28  ? 7.290   -9.158  -8.003  1.00 14.52 ? 108 THR A CG2 1 
ATOM   216  N  N   . ARG A 1 29  ? 5.143   -10.926 -11.513 1.00 11.67 ? 109 ARG A N   1 
ATOM   217  C  CA  . ARG A 1 29  ? 3.957   -11.307 -12.286 1.00 13.27 ? 109 ARG A CA  1 
ATOM   218  C  C   . ARG A 1 29  ? 2.741   -11.432 -11.360 1.00 12.69 ? 109 ARG A C   1 
ATOM   219  O  O   . ARG A 1 29  ? 1.592   -11.464 -11.826 1.00 13.94 ? 109 ARG A O   1 
ATOM   220  C  CB  . ARG A 1 29  ? 4.210   -12.617 -13.065 1.00 13.59 ? 109 ARG A CB  1 
ATOM   221  C  CG  . ARG A 1 29  ? 5.234   -12.458 -14.198 1.00 16.39 ? 109 ARG A CG  1 
ATOM   222  C  CD  . ARG A 1 29  ? 5.715   -13.789 -14.784 1.00 17.18 ? 109 ARG A CD  1 
ATOM   223  N  NE  . ARG A 1 29  ? 6.446   -14.607 -13.813 1.00 20.12 ? 109 ARG A NE  1 
ATOM   224  C  CZ  . ARG A 1 29  ? 7.740   -14.486 -13.513 1.00 22.88 ? 109 ARG A CZ  1 
ATOM   225  N  NH1 . ARG A 1 29  ? 8.497   -13.570 -14.102 1.00 22.82 ? 109 ARG A NH1 1 
ATOM   226  N  NH2 . ARG A 1 29  ? 8.281   -15.296 -12.611 1.00 20.73 ? 109 ARG A NH2 1 
ATOM   227  N  N   . ALA A 1 30  ? 3.007   -11.487 -10.055 1.00 12.55 ? 110 ALA A N   1 
ATOM   228  C  CA  . ALA A 1 30  ? 1.954   -11.546 -9.036  1.00 12.26 ? 110 ALA A CA  1 
ATOM   229  C  C   . ALA A 1 30  ? 2.398   -10.807 -7.786  1.00 12.23 ? 110 ALA A C   1 
ATOM   230  O  O   . ALA A 1 30  ? 3.589   -10.814 -7.423  1.00 11.59 ? 110 ALA A O   1 
ATOM   231  C  CB  . ALA A 1 30  ? 1.593   -13.002 -8.705  1.00 12.43 ? 110 ALA A CB  1 
ATOM   232  N  N   . ASP A 1 31  ? 1.433   -10.176 -7.113  1.00 10.80 ? 111 ASP A N   1 
ATOM   233  C  CA  . ASP A 1 31  ? 1.747   -9.375  -5.935  1.00 11.30 ? 111 ASP A CA  1 
ATOM   234  C  C   . ASP A 1 31  ? 0.777   -9.685  -4.805  1.00 10.47 ? 111 ASP A C   1 
ATOM   235  O  O   . ASP A 1 31  ? -0.368  -10.076 -5.039  1.00 10.65 ? 111 ASP A O   1 
ATOM   236  C  CB  . ASP A 1 31  ? 1.644   -7.871  -6.243  1.00 10.54 ? 111 ASP A CB  1 
ATOM   237  C  CG  . ASP A 1 31  ? 2.640   -7.425  -7.278  1.00 12.52 ? 111 ASP A CG  1 
ATOM   238  O  OD1 . ASP A 1 31  ? 3.848   -7.687  -7.113  1.00 13.88 ? 111 ASP A OD1 1 
ATOM   239  O  OD2 . ASP A 1 31  ? 2.210   -6.818  -8.264  1.00 14.26 ? 111 ASP A OD2 1 
ATOM   240  N  N   . ARG A 1 32  ? 1.259   -9.504  -3.585  1.00 10.70 ? 112 ARG A N   1 
ATOM   241  C  CA  . ARG A 1 32  ? 0.403   -9.533  -2.407  1.00 11.12 ? 112 ARG A CA  1 
ATOM   242  C  C   . ARG A 1 32  ? 0.776   -8.341  -1.553  1.00 11.42 ? 112 ARG A C   1 
ATOM   243  O  O   . ARG A 1 32  ? 1.949   -8.173  -1.193  1.00 10.39 ? 112 ARG A O   1 
ATOM   244  C  CB  . ARG A 1 32  ? 0.580   -10.819 -1.593  1.00 12.02 ? 112 ARG A CB  1 
ATOM   245  C  CG  . ARG A 1 32  ? 0.035   -12.052 -2.274  1.00 16.30 ? 112 ARG A CG  1 
ATOM   246  C  CD  . ARG A 1 32  ? 0.635   -13.314 -1.657  1.00 22.52 ? 112 ARG A CD  1 
ATOM   247  N  NE  . ARG A 1 32  ? 0.286   -13.440 -0.244  1.00 25.69 ? 112 ARG A NE  1 
ATOM   248  C  CZ  . ARG A 1 32  ? 0.811   -14.350 0.576   1.00 30.35 ? 112 ARG A CZ  1 
ATOM   249  N  NH1 . ARG A 1 32  ? 1.715   -15.216 0.130   1.00 31.83 ? 112 ARG A NH1 1 
ATOM   250  N  NH2 . ARG A 1 32  ? 0.435   -14.395 1.849   1.00 33.39 ? 112 ARG A NH2 1 
ATOM   251  N  N   . LEU A 1 33  ? -0.226  -7.526  -1.233  1.00 10.36 ? 113 LEU A N   1 
ATOM   252  C  CA  . LEU A 1 33  ? -0.034  -6.343  -0.384  1.00 10.75 ? 113 LEU A CA  1 
ATOM   253  C  C   . LEU A 1 33  ? -1.103  -6.339  0.698   1.00 11.06 ? 113 LEU A C   1 
ATOM   254  O  O   . LEU A 1 33  ? -2.295  -6.374  0.388   1.00 11.56 ? 113 LEU A O   1 
ATOM   255  C  CB  . LEU A 1 33  ? -0.136  -5.064  -1.210  1.00 10.97 ? 113 LEU A CB  1 
ATOM   256  C  CG  . LEU A 1 33  ? -0.034  -3.721  -0.498  1.00 11.65 ? 113 LEU A CG  1 
ATOM   257  C  CD1 . LEU A 1 33  ? 1.270   -3.594  0.276   1.00 12.04 ? 113 LEU A CD1 1 
ATOM   258  C  CD2 . LEU A 1 33  ? -0.111  -2.574  -1.505  1.00 12.12 ? 113 LEU A CD2 1 
ATOM   259  N  N   . ALA A 1 34  ? -0.697  -6.233  1.962   1.00 9.90  ? 114 ALA A N   1 
ATOM   260  C  CA  . ALA A 1 34  ? -1.670  -6.132  3.049   1.00 9.74  ? 114 ALA A CA  1 
ATOM   261  C  C   . ALA A 1 34  ? -1.193  -5.061  4.000   1.00 9.79  ? 114 ALA A C   1 
ATOM   262  O  O   . ALA A 1 34  ? 0.002   -4.851  4.124   1.00 9.96  ? 114 ALA A O   1 
ATOM   263  C  CB  . ALA A 1 34  ? -1.804  -7.445  3.780   1.00 10.09 ? 114 ALA A CB  1 
ATOM   264  N  N   . ILE A 1 35  ? -2.119  -4.375  4.660   1.00 9.81  ? 115 ILE A N   1 
ATOM   265  C  CA  . ILE A 1 35  ? -1.719  -3.465  5.748   1.00 9.60  ? 115 ILE A CA  1 
ATOM   266  C  C   . ILE A 1 35  ? -2.834  -3.382  6.782   1.00 9.75  ? 115 ILE A C   1 
ATOM   267  O  O   . ILE A 1 35  ? -4.018  -3.511  6.447   1.00 9.41  ? 115 ILE A O   1 
ATOM   268  C  CB  . ILE A 1 35  ? -1.325  -2.043  5.201   1.00 9.60  ? 115 ILE A CB  1 
ATOM   269  C  CG1 . ILE A 1 35  ? -0.555  -1.216  6.268   1.00 9.08  ? 115 ILE A CG1 1 
ATOM   270  C  CG2 . ILE A 1 35  ? -2.573  -1.296  4.627   1.00 9.55  ? 115 ILE A CG2 1 
ATOM   271  C  CD1 . ILE A 1 35  ? 0.149   0.030   5.705   1.00 9.44  ? 115 ILE A CD1 1 
ATOM   272  N  N   . GLY A 1 36  ? -2.436  -3.187  8.032   1.00 9.15  ? 116 GLY A N   1 
ATOM   273  C  CA  . GLY A 1 36  ? -3.366  -2.911  9.121   1.00 9.49  ? 116 GLY A CA  1 
ATOM   274  C  C   . GLY A 1 36  ? -3.367  -1.413  9.419   1.00 10.29 ? 116 GLY A C   1 
ATOM   275  O  O   . GLY A 1 36  ? -2.335  -0.737  9.321   1.00 9.53  ? 116 GLY A O   1 
ATOM   276  N  N   . PHE A 1 37  ? -4.511  -0.886  9.803   1.00 10.33 ? 117 PHE A N   1 
ATOM   277  C  CA  . PHE A 1 37  ? -4.587  0.559   10.007  1.00 10.87 ? 117 PHE A CA  1 
ATOM   278  C  C   . PHE A 1 37  ? -5.718  0.955   10.942  1.00 11.31 ? 117 PHE A C   1 
ATOM   279  O  O   . PHE A 1 37  ? -6.700  0.240   11.052  1.00 12.30 ? 117 PHE A O   1 
ATOM   280  C  CB  . PHE A 1 37  ? -4.722  1.293   8.649   1.00 10.90 ? 117 PHE A CB  1 
ATOM   281  C  CG  . PHE A 1 37  ? -6.000  1.010   7.920   1.00 11.25 ? 117 PHE A CG  1 
ATOM   282  C  CD1 . PHE A 1 37  ? -7.086  1.865   8.044   1.00 11.83 ? 117 PHE A CD1 1 
ATOM   283  C  CD2 . PHE A 1 37  ? -6.133  -0.116  7.115   1.00 11.46 ? 117 PHE A CD2 1 
ATOM   284  C  CE1 . PHE A 1 37  ? -8.272  1.601   7.370   1.00 11.97 ? 117 PHE A CE1 1 
ATOM   285  C  CE2 . PHE A 1 37  ? -7.330  -0.385  6.435   1.00 10.48 ? 117 PHE A CE2 1 
ATOM   286  C  CZ  . PHE A 1 37  ? -8.392  0.472   6.569   1.00 10.57 ? 117 PHE A CZ  1 
ATOM   287  N  N   . SER A 1 38  ? -5.555  2.100   11.611  1.00 11.87 ? 118 SER A N   1 
ATOM   288  C  CA  . SER A 1 38  ? -6.676  2.728   12.308  1.00 12.24 ? 118 SER A CA  1 
ATOM   289  C  C   . SER A 1 38  ? -6.655  4.209   11.991  1.00 11.84 ? 118 SER A C   1 
ATOM   290  O  O   . SER A 1 38  ? -5.584  4.825   11.942  1.00 12.62 ? 118 SER A O   1 
ATOM   291  C  CB  . SER A 1 38  ? -6.620  2.467   13.812  1.00 12.36 ? 118 SER A CB  1 
ATOM   292  O  OG  . SER A 1 38  ? -5.381  2.842   14.378  1.00 15.69 ? 118 SER A OG  1 
ATOM   293  N  N   . THR A 1 39  ? -7.825  4.785   11.757  1.00 12.12 ? 119 THR A N   1 
ATOM   294  C  CA  . THR A 1 39  ? -7.893  6.175   11.320  1.00 12.60 ? 119 THR A CA  1 
ATOM   295  C  C   . THR A 1 39  ? -9.324  6.687   11.438  1.00 13.41 ? 119 THR A C   1 
ATOM   296  O  O   . THR A 1 39  ? -10.262 5.886   11.520  1.00 13.60 ? 119 THR A O   1 
ATOM   297  C  CB  . THR A 1 39  ? -7.489  6.282   9.820   1.00 11.88 ? 119 THR A CB  1 
ATOM   298  O  OG1 . THR A 1 39  ? -7.403  7.656   9.440   1.00 13.06 ? 119 THR A OG1 1 
ATOM   299  C  CG2 . THR A 1 39  ? -8.498  5.572   8.952   1.00 13.47 ? 119 THR A CG2 1 
ATOM   300  N  N   . VAL A 1 40  ? -9.483  8.018   11.464  1.00 13.10 ? 120 VAL A N   1 
ATOM   301  C  CA  . VAL A 1 40  ? -10.819 8.619   11.311  1.00 13.69 ? 120 VAL A CA  1 
ATOM   302  C  C   . VAL A 1 40  ? -10.960 9.391   10.002  1.00 13.76 ? 120 VAL A C   1 
ATOM   303  O  O   . VAL A 1 40  ? -11.979 10.018  9.750   1.00 13.94 ? 120 VAL A O   1 
ATOM   304  C  CB  . VAL A 1 40  ? -11.189 9.533   12.507  1.00 14.63 ? 120 VAL A CB  1 
ATOM   305  C  CG1 . VAL A 1 40  ? -11.304 8.704   13.745  1.00 14.75 ? 120 VAL A CG1 1 
ATOM   306  C  CG2 . VAL A 1 40  ? -10.169 10.673  12.689  1.00 14.89 ? 120 VAL A CG2 1 
ATOM   307  N  N   . GLN A 1 41  ? -9.948  9.298   9.151   1.00 13.15 ? 121 GLN A N   1 
ATOM   308  C  CA  . GLN A 1 41  ? -9.927  10.060  7.907   1.00 13.45 ? 121 GLN A CA  1 
ATOM   309  C  C   . GLN A 1 41  ? -10.896 9.598   6.820   1.00 13.89 ? 121 GLN A C   1 
ATOM   310  O  O   . GLN A 1 41  ? -11.315 8.425   6.771   1.00 14.65 ? 121 GLN A O   1 
ATOM   311  C  CB  . GLN A 1 41  ? -8.524  10.046  7.336   1.00 14.07 ? 121 GLN A CB  1 
ATOM   312  C  CG  . GLN A 1 41  ? -7.532  10.808  8.170   1.00 13.82 ? 121 GLN A CG  1 
ATOM   313  C  CD  . GLN A 1 41  ? -6.191  10.774  7.494   1.00 15.56 ? 121 GLN A CD  1 
ATOM   314  O  OE1 . GLN A 1 41  ? -5.622  9.701   7.317   1.00 15.04 ? 121 GLN A OE1 1 
ATOM   315  N  NE2 . GLN A 1 41  ? -5.692  11.933  7.087   1.00 14.44 ? 121 GLN A NE2 1 
ATOM   316  N  N   . LYS A 1 42  ? -11.254 10.538  5.946   1.00 13.38 ? 122 LYS A N   1 
ATOM   317  C  CA  . LYS A 1 42  ? -12.033 10.215  4.767   1.00 14.44 ? 122 LYS A CA  1 
ATOM   318  C  C   . LYS A 1 42  ? -11.201 10.167  3.486   1.00 13.23 ? 122 LYS A C   1 
ATOM   319  O  O   . LYS A 1 42  ? -11.669 9.664   2.479   1.00 13.22 ? 122 LYS A O   1 
ATOM   320  C  CB  . LYS A 1 42  ? -13.224 11.175  4.618   1.00 14.71 ? 122 LYS A CB  1 
ATOM   321  C  CG  . LYS A 1 42  ? -14.277 10.972  5.687   1.00 15.65 ? 122 LYS A CG  1 
ATOM   322  C  CD  . LYS A 1 42  ? -15.367 12.020  5.695   1.00 17.20 ? 122 LYS A CD  1 
ATOM   323  C  CE  . LYS A 1 42  ? -16.398 11.635  6.740   1.00 23.31 ? 122 LYS A CE  1 
ATOM   324  N  NZ  . LYS A 1 42  ? -17.191 12.798  7.237   1.00 27.52 ? 122 LYS A NZ  1 
ATOM   325  N  N   . GLU A 1 43  ? -9.993  10.728  3.514   1.00 13.72 ? 123 GLU A N   1 
ATOM   326  C  CA  . GLU A 1 43  ? -9.112  10.750  2.335   1.00 13.90 ? 123 GLU A CA  1 
ATOM   327  C  C   . GLU A 1 43  ? -7.686  10.602  2.811   1.00 13.47 ? 123 GLU A C   1 
ATOM   328  O  O   . GLU A 1 43  ? -7.244  11.338  3.698   1.00 13.93 ? 123 GLU A O   1 
ATOM   329  C  CB  . GLU A 1 43  ? -9.216  12.080  1.573   1.00 14.92 ? 123 GLU A CB  1 
ATOM   330  C  CG  . GLU A 1 43  ? -10.594 12.479  1.182   1.00 18.65 ? 123 GLU A CG  1 
ATOM   331  C  CD  . GLU A 1 43  ? -11.065 11.776  -0.046  1.00 19.55 ? 123 GLU A CD  1 
ATOM   332  O  OE1 . GLU A 1 43  ? -10.201 11.298  -0.828  1.00 24.40 ? 123 GLU A OE1 1 
ATOM   333  O  OE2 . GLU A 1 43  ? -12.293 11.727  -0.231  1.00 23.75 ? 123 GLU A OE2 1 
ATOM   334  N  N   . ALA A 1 44  ? -6.953  9.647   2.247   1.00 12.53 ? 124 ALA A N   1 
ATOM   335  C  CA  . ALA A 1 44  ? -5.563  9.426   2.670   1.00 11.57 ? 124 ALA A CA  1 
ATOM   336  C  C   . ALA A 1 44  ? -4.891  8.465   1.712   1.00 11.74 ? 124 ALA A C   1 
ATOM   337  O  O   . ALA A 1 44  ? -5.543  7.591   1.160   1.00 12.35 ? 124 ALA A O   1 
ATOM   338  C  CB  . ALA A 1 44  ? -5.520  8.829   4.073   1.00 12.64 ? 124 ALA A CB  1 
ATOM   339  N  N   . VAL A 1 45  ? -3.592  8.633   1.505   1.00 11.77 ? 125 VAL A N   1 
ATOM   340  C  CA  . VAL A 1 45  ? -2.815  7.583   0.839   1.00 12.01 ? 125 VAL A CA  1 
ATOM   341  C  C   . VAL A 1 45  ? -2.125  6.773   1.921   1.00 11.59 ? 125 VAL A C   1 
ATOM   342  O  O   . VAL A 1 45  ? -1.459  7.342   2.786   1.00 11.94 ? 125 VAL A O   1 
ATOM   343  C  CB  . VAL A 1 45  ? -1.795  8.188   -0.141  1.00 12.42 ? 125 VAL A CB  1 
ATOM   344  C  CG1 . VAL A 1 45  ? -0.978  7.083   -0.835  1.00 13.42 ? 125 VAL A CG1 1 
ATOM   345  C  CG2 . VAL A 1 45  ? -2.508  9.021   -1.147  1.00 15.34 ? 125 VAL A CG2 1 
ATOM   346  N  N   . LEU A 1 46  ? -2.299  5.449   1.884   1.00 11.04 ? 126 LEU A N   1 
ATOM   347  C  CA  . LEU A 1 46  ? -1.672  4.580   2.866   1.00 10.29 ? 126 LEU A CA  1 
ATOM   348  C  C   . LEU A 1 46  ? -0.336  4.020   2.370   1.00 10.36 ? 126 LEU A C   1 
ATOM   349  O  O   . LEU A 1 46  ? 0.656   4.110   3.066   1.00 10.40 ? 126 LEU A O   1 
ATOM   350  C  CB  . LEU A 1 46  ? -2.603  3.439   3.275   1.00 10.44 ? 126 LEU A CB  1 
ATOM   351  C  CG  . LEU A 1 46  ? -3.649  3.831   4.324   1.00 11.96 ? 126 LEU A CG  1 
ATOM   352  C  CD1 . LEU A 1 46  ? -4.726  4.651   3.640   1.00 14.11 ? 126 LEU A CD1 1 
ATOM   353  C  CD2 . LEU A 1 46  ? -4.220  2.608   5.003   1.00 14.11 ? 126 LEU A CD2 1 
ATOM   354  N  N   . VAL A 1 47  ? -0.341  3.434   1.176   1.00 10.26 ? 127 VAL A N   1 
ATOM   355  C  CA  . VAL A 1 47  ? 0.851   2.803   0.620   1.00 10.69 ? 127 VAL A CA  1 
ATOM   356  C  C   . VAL A 1 47  ? 0.878   3.009   -0.876  1.00 10.71 ? 127 VAL A C   1 
ATOM   357  O  O   . VAL A 1 47  ? -0.152  2.850   -1.544  1.00 11.20 ? 127 VAL A O   1 
ATOM   358  C  CB  . VAL A 1 47  ? 0.830   1.276   0.892   1.00 11.12 ? 127 VAL A CB  1 
ATOM   359  C  CG1 . VAL A 1 47  ? 2.124   0.611   0.324   1.00 12.52 ? 127 VAL A CG1 1 
ATOM   360  C  CG2 . VAL A 1 47  ? 0.748   1.025   2.342   1.00 13.52 ? 127 VAL A CG2 1 
ATOM   361  N  N   . ARG A 1 48  ? 2.043   3.327   -1.424  1.00 9.70  ? 128 ARG A N   1 
ATOM   362  C  CA  . ARG A 1 48  ? 2.185   3.322   -2.881  1.00 10.24 ? 128 ARG A CA  1 
ATOM   363  C  C   . ARG A 1 48  ? 3.529   2.769   -3.296  1.00 10.03 ? 128 ARG A C   1 
ATOM   364  O  O   . ARG A 1 48  ? 4.554   3.173   -2.749  1.00 10.57 ? 128 ARG A O   1 
ATOM   365  C  CB  . ARG A 1 48  ? 1.993   4.693   -3.455  1.00 10.76 ? 128 ARG A CB  1 
ATOM   366  C  CG  . ARG A 1 48  ? 2.016   4.691   -4.988  1.00 11.69 ? 128 ARG A CG  1 
ATOM   367  C  CD  . ARG A 1 48  ? 1.724   6.052   -5.474  1.00 12.36 ? 128 ARG A CD  1 
ATOM   368  N  NE  . ARG A 1 48  ? 2.030   6.219   -6.895  1.00 13.02 ? 128 ARG A NE  1 
ATOM   369  C  CZ  . ARG A 1 48  ? 1.138   6.449   -7.847  1.00 15.29 ? 128 ARG A CZ  1 
ATOM   370  N  NH1 . ARG A 1 48  ? -0.168  6.486   -7.574  1.00 15.99 ? 128 ARG A NH1 1 
ATOM   371  N  NH2 . ARG A 1 48  ? 1.557   6.616   -9.099  1.00 15.83 ? 128 ARG A NH2 1 
ATOM   372  N  N   . VAL A 1 49  ? 3.489   1.840   -4.243  1.00 9.44  ? 129 VAL A N   1 
ATOM   373  C  CA  . VAL A 1 49  ? 4.718   1.275   -4.787  1.00 10.06 ? 129 VAL A CA  1 
ATOM   374  C  C   . VAL A 1 49  ? 4.849   1.883   -6.181  1.00 9.79  ? 129 VAL A C   1 
ATOM   375  O  O   . VAL A 1 49  ? 3.907   1.784   -6.989  1.00 9.78  ? 129 VAL A O   1 
ATOM   376  C  CB  . VAL A 1 49  ? 4.618   -0.227  -4.887  1.00 9.72  ? 129 VAL A CB  1 
ATOM   377  C  CG1 . VAL A 1 49  ? 5.968   -0.777  -5.338  1.00 9.49  ? 129 VAL A CG1 1 
ATOM   378  C  CG2 . VAL A 1 49  ? 4.200   -0.866  -3.536  1.00 11.24 ? 129 VAL A CG2 1 
ATOM   379  N  N   . ASP A 1 50  ? 5.987   2.535   -6.445  1.00 11.12 ? 130 ASP A N   1 
ATOM   380  C  CA  . ASP A 1 50  ? 6.281   3.142   -7.740  1.00 12.65 ? 130 ASP A CA  1 
ATOM   381  C  C   . ASP A 1 50  ? 7.449   2.463   -8.434  1.00 13.84 ? 130 ASP A C   1 
ATOM   382  O  O   . ASP A 1 50  ? 8.294   1.858   -7.785  1.00 13.61 ? 130 ASP A O   1 
ATOM   383  C  CB  . ASP A 1 50  ? 6.595   4.624   -7.584  1.00 13.01 ? 130 ASP A CB  1 
ATOM   384  C  CG  . ASP A 1 50  ? 5.354   5.429   -7.321  1.00 14.33 ? 130 ASP A CG  1 
ATOM   385  O  OD1 . ASP A 1 50  ? 4.526   5.553   -8.254  1.00 16.50 ? 130 ASP A OD1 1 
ATOM   386  O  OD2 . ASP A 1 50  ? 5.214   5.965   -6.199  1.00 15.85 ? 130 ASP A OD2 1 
ATOM   387  N  N   . SER A 1 51  ? 7.471   2.581   -9.756  1.00 15.32 ? 131 SER A N   1 
ATOM   388  C  CA  A SER A 1 51  ? 8.506   1.952   -10.567 0.50 16.18 ? 131 SER A CA  1 
ATOM   389  C  CA  B SER A 1 51  ? 8.495   1.951   -10.581 0.50 16.32 ? 131 SER A CA  1 
ATOM   390  C  C   . SER A 1 51  ? 9.531   2.968   -11.059 1.00 17.73 ? 131 SER A C   1 
ATOM   391  O  O   . SER A 1 51  ? 9.293   4.184   -11.033 1.00 19.14 ? 131 SER A O   1 
ATOM   392  C  CB  A SER A 1 51  ? 7.857   1.254   -11.758 0.50 16.38 ? 131 SER A CB  1 
ATOM   393  C  CB  B SER A 1 51  ? 7.824   1.250   -11.769 0.50 16.52 ? 131 SER A CB  1 
ATOM   394  O  OG  A SER A 1 51  ? 7.007   2.159   -12.436 0.50 13.86 ? 131 SER A OG  1 
ATOM   395  O  OG  B SER A 1 51  ? 8.735   1.012   -12.826 0.50 14.80 ? 131 SER A OG  1 
ATOM   396  N  N   . SER A 1 52  ? 10.680  2.475   -11.503 1.00 19.19 ? 132 SER A N   1 
ATOM   397  C  CA  . SER A 1 52  ? 11.700  3.325   -12.098 1.00 22.38 ? 132 SER A CA  1 
ATOM   398  C  C   . SER A 1 52  ? 11.787  3.097   -13.613 1.00 23.31 ? 132 SER A C   1 
ATOM   399  O  O   . SER A 1 52  ? 12.634  3.710   -14.285 1.00 24.49 ? 132 SER A O   1 
ATOM   400  C  CB  . SER A 1 52  ? 13.047  2.991   -11.475 1.00 22.72 ? 132 SER A CB  1 
ATOM   401  O  OG  . SER A 1 52  ? 13.363  1.648   -11.808 1.00 26.08 ? 132 SER A OG  1 
ATOM   402  N  N   . SER A 1 53  ? 10.906  2.250   -14.154 1.00 24.28 ? 133 SER A N   1 
ATOM   403  C  CA  . SER A 1 53  ? 11.033  1.765   -15.537 1.00 25.48 ? 133 SER A CA  1 
ATOM   404  C  C   . SER A 1 53  ? 10.567  2.735   -16.626 1.00 25.69 ? 133 SER A C   1 
ATOM   405  O  O   . SER A 1 53  ? 10.706  2.435   -17.820 1.00 26.40 ? 133 SER A O   1 
ATOM   406  C  CB  . SER A 1 53  ? 10.345  0.407   -15.707 1.00 26.06 ? 133 SER A CB  1 
ATOM   407  O  OG  . SER A 1 53  ? 8.971   0.505   -15.392 1.00 28.65 ? 133 SER A OG  1 
ATOM   408  N  N   . GLY A 1 54  ? 10.006  3.876   -16.224 1.00 25.23 ? 134 GLY A N   1 
ATOM   409  C  CA  . GLY A 1 54  ? 9.512   4.880   -17.177 1.00 24.11 ? 134 GLY A CA  1 
ATOM   410  C  C   . GLY A 1 54  ? 8.265   4.401   -17.906 1.00 24.14 ? 134 GLY A C   1 
ATOM   411  O  O   . GLY A 1 54  ? 7.830   5.031   -18.878 1.00 25.36 ? 134 GLY A O   1 
ATOM   412  N  N   . LEU A 1 55  ? 7.691   3.286   -17.444 1.00 22.19 ? 135 LEU A N   1 
ATOM   413  C  CA  . LEU A 1 55  ? 6.447   2.739   -18.012 1.00 21.09 ? 135 LEU A CA  1 
ATOM   414  C  C   . LEU A 1 55  ? 5.232   3.160   -17.184 1.00 19.57 ? 135 LEU A C   1 
ATOM   415  O  O   . LEU A 1 55  ? 4.099   2.961   -17.612 1.00 17.91 ? 135 LEU A O   1 
ATOM   416  C  CB  . LEU A 1 55  ? 6.509   1.209   -18.106 1.00 20.88 ? 135 LEU A CB  1 
ATOM   417  C  CG  . LEU A 1 55  ? 7.008   0.446   -19.345 1.00 24.70 ? 135 LEU A CG  1 
ATOM   418  C  CD1 . LEU A 1 55  ? 7.761   1.334   -20.345 1.00 24.49 ? 135 LEU A CD1 1 
ATOM   419  C  CD2 . LEU A 1 55  ? 7.848   -0.757  -18.928 1.00 24.82 ? 135 LEU A CD2 1 
ATOM   420  N  N   . GLY A 1 56  ? 5.472   3.740   -16.002 1.00 18.68 ? 136 GLY A N   1 
ATOM   421  C  CA  . GLY A 1 56  ? 4.387   4.326   -15.222 1.00 17.45 ? 136 GLY A CA  1 
ATOM   422  C  C   . GLY A 1 56  ? 3.720   3.355   -14.246 1.00 15.55 ? 136 GLY A C   1 
ATOM   423  O  O   . GLY A 1 56  ? 2.747   3.720   -13.576 1.00 15.77 ? 136 GLY A O   1 
ATOM   424  N  N   . ASP A 1 57  ? 4.232   2.130   -14.152 1.00 14.30 ? 137 ASP A N   1 
ATOM   425  C  CA  . ASP A 1 57  ? 3.576   1.099   -13.315 1.00 12.83 ? 137 ASP A CA  1 
ATOM   426  C  C   . ASP A 1 57  ? 3.518   1.555   -11.866 1.00 11.69 ? 137 ASP A C   1 
ATOM   427  O  O   . ASP A 1 57  ? 4.500   2.106   -11.358 1.00 11.25 ? 137 ASP A O   1 
ATOM   428  C  CB  . ASP A 1 57  ? 4.353   -0.231  -13.361 1.00 13.24 ? 137 ASP A CB  1 
ATOM   429  C  CG  . ASP A 1 57  ? 4.317   -0.900  -14.732 1.00 14.58 ? 137 ASP A CG  1 
ATOM   430  O  OD1 . ASP A 1 57  ? 4.018   -0.226  -15.736 1.00 19.17 ? 137 ASP A OD1 1 
ATOM   431  O  OD2 . ASP A 1 57  ? 4.543   -2.112  -14.797 1.00 14.29 ? 137 ASP A OD2 1 
ATOM   432  N  N   . TYR A 1 58  ? 2.393   1.276   -11.196 1.00 10.59 ? 138 TYR A N   1 
ATOM   433  C  CA  . TYR A 1 58  ? 2.235   1.636   -9.781  1.00 10.49 ? 138 TYR A CA  1 
ATOM   434  C  C   . TYR A 1 58  ? 1.176   0.788   -9.102  1.00 9.80  ? 138 TYR A C   1 
ATOM   435  O  O   . TYR A 1 58  ? 0.343   0.150   -9.766  1.00 8.19  ? 138 TYR A O   1 
ATOM   436  C  CB  . TYR A 1 58  ? 1.898   3.133   -9.631  1.00 12.06 ? 138 TYR A CB  1 
ATOM   437  C  CG  . TYR A 1 58  ? 0.498   3.425   -10.091 1.00 14.19 ? 138 TYR A CG  1 
ATOM   438  C  CD1 . TYR A 1 58  ? -0.584  3.319   -9.214  1.00 15.75 ? 138 TYR A CD1 1 
ATOM   439  C  CD2 . TYR A 1 58  ? 0.246   3.754   -11.415 1.00 16.25 ? 138 TYR A CD2 1 
ATOM   440  C  CE1 . TYR A 1 58  ? -1.879  3.559   -9.673  1.00 16.03 ? 138 TYR A CE1 1 
ATOM   441  C  CE2 . TYR A 1 58  ? -1.026  3.989   -11.872 1.00 18.57 ? 138 TYR A CE2 1 
ATOM   442  C  CZ  . TYR A 1 58  ? -2.084  3.885   -11.010 1.00 17.64 ? 138 TYR A CZ  1 
ATOM   443  O  OH  . TYR A 1 58  ? -3.356  4.110   -11.522 1.00 20.61 ? 138 TYR A OH  1 
ATOM   444  N  N   . LEU A 1 59  ? 1.195   0.804   -7.764  1.00 8.94  ? 139 LEU A N   1 
ATOM   445  C  CA  . LEU A 1 59  ? 0.205   0.113   -6.959  1.00 9.25  ? 139 LEU A CA  1 
ATOM   446  C  C   . LEU A 1 59  ? -0.054  1.023   -5.751  1.00 8.96  ? 139 LEU A C   1 
ATOM   447  O  O   . LEU A 1 59  ? 0.892   1.433   -5.085  1.00 9.03  ? 139 LEU A O   1 
ATOM   448  C  CB  . LEU A 1 59  ? 0.744   -1.251  -6.501  1.00 8.93  ? 139 LEU A CB  1 
ATOM   449  C  CG  . LEU A 1 59  ? -0.041  -1.979  -5.411  1.00 10.89 ? 139 LEU A CG  1 
ATOM   450  C  CD1 . LEU A 1 59  ? -1.496  -2.151  -5.828  1.00 11.31 ? 139 LEU A CD1 1 
ATOM   451  C  CD2 . LEU A 1 59  ? 0.632   -3.336  -5.145  1.00 10.26 ? 139 LEU A CD2 1 
ATOM   452  N  N   . GLU A 1 60  ? -1.319  1.381   -5.497  1.00 9.14  ? 140 GLU A N   1 
ATOM   453  C  CA  . GLU A 1 60  ? -1.628  2.288   -4.390  1.00 10.13 ? 140 GLU A CA  1 
ATOM   454  C  C   . GLU A 1 60  ? -2.846  1.830   -3.561  1.00 9.88  ? 140 GLU A C   1 
ATOM   455  O  O   . GLU A 1 60  ? -3.898  1.511   -4.121  1.00 8.45  ? 140 GLU A O   1 
ATOM   456  C  CB  . GLU A 1 60  ? -1.905  3.692   -4.919  1.00 9.86  ? 140 GLU A CB  1 
ATOM   457  C  CG  . GLU A 1 60  ? -2.364  4.671   -3.834  1.00 11.65 ? 140 GLU A CG  1 
ATOM   458  C  CD  . GLU A 1 60  ? -2.452  6.118   -4.336  1.00 13.97 ? 140 GLU A CD  1 
ATOM   459  O  OE1 . GLU A 1 60  ? -1.635  6.531   -5.190  1.00 13.76 ? 140 GLU A OE1 1 
ATOM   460  O  OE2 . GLU A 1 60  ? -3.345  6.867   -3.849  1.00 19.20 ? 140 GLU A OE2 1 
ATOM   461  N  N   . LEU A 1 61  ? -2.692  1.830   -2.242  1.00 9.68  ? 141 LEU A N   1 
ATOM   462  C  CA  . LEU A 1 61  ? -3.820  1.613   -1.319  1.00 9.92  ? 141 LEU A CA  1 
ATOM   463  C  C   . LEU A 1 61  ? -4.157  2.973   -0.735  1.00 9.90  ? 141 LEU A C   1 
ATOM   464  O  O   . LEU A 1 61  ? -3.270  3.661   -0.257  1.00 9.67  ? 141 LEU A O   1 
ATOM   465  C  CB  . LEU A 1 61  ? -3.464  0.619   -0.191  1.00 10.50 ? 141 LEU A CB  1 
ATOM   466  C  CG  . LEU A 1 61  ? -3.391  -0.865  -0.605  1.00 12.80 ? 141 LEU A CG  1 
ATOM   467  C  CD1 . LEU A 1 61  ? -2.975  -1.722  0.597   1.00 12.68 ? 141 LEU A CD1 1 
ATOM   468  C  CD2 . LEU A 1 61  ? -4.740  -1.356  -1.110  1.00 16.61 ? 141 LEU A CD2 1 
ATOM   469  N  N   . HIS A 1 62  ? -5.430  3.360   -0.790  1.00 9.52  ? 142 HIS A N   1 
ATOM   470  C  CA  . HIS A 1 62  ? -5.814  4.692   -0.341  1.00 10.96 ? 142 HIS A CA  1 
ATOM   471  C  C   . HIS A 1 62  ? -7.232  4.683   0.208   1.00 11.11 ? 142 HIS A C   1 
ATOM   472  O  O   . HIS A 1 62  ? -8.002  3.739   -0.035  1.00 10.96 ? 142 HIS A O   1 
ATOM   473  C  CB  . HIS A 1 62  ? -5.730  5.678   -1.505  1.00 10.24 ? 142 HIS A CB  1 
ATOM   474  C  CG  . HIS A 1 62  ? -6.730  5.405   -2.596  1.00 13.65 ? 142 HIS A CG  1 
ATOM   475  N  ND1 . HIS A 1 62  ? -6.684  4.274   -3.382  1.00 17.67 ? 142 HIS A ND1 1 
ATOM   476  C  CD2 . HIS A 1 62  ? -7.819  6.097   -3.008  1.00 14.99 ? 142 HIS A CD2 1 
ATOM   477  C  CE1 . HIS A 1 62  ? -7.701  4.280   -4.232  1.00 14.02 ? 142 HIS A CE1 1 
ATOM   478  N  NE2 . HIS A 1 62  ? -8.397  5.380   -4.033  1.00 17.30 ? 142 HIS A NE2 1 
ATOM   479  N  N   . ILE A 1 63  ? -7.562  5.737   0.941   1.00 11.21 ? 143 ILE A N   1 
ATOM   480  C  CA  . ILE A 1 63  ? -8.939  5.907   1.428   1.00 10.96 ? 143 ILE A CA  1 
ATOM   481  C  C   . ILE A 1 63  ? -9.495  7.057   0.626   1.00 12.00 ? 143 ILE A C   1 
ATOM   482  O  O   . ILE A 1 63  ? -8.827  8.081   0.462   1.00 11.84 ? 143 ILE A O   1 
ATOM   483  C  CB  . ILE A 1 63  ? -8.985  6.232   2.930   1.00 10.20 ? 143 ILE A CB  1 
ATOM   484  C  CG1 . ILE A 1 63  ? -8.417  5.061   3.740   1.00 10.26 ? 143 ILE A CG1 1 
ATOM   485  C  CG2 . ILE A 1 63  ? -10.427 6.551   3.366   1.00 8.92  ? 143 ILE A CG2 1 
ATOM   486  C  CD1 . ILE A 1 63  ? -8.232  5.328   5.219   1.00 12.20 ? 143 ILE A CD1 1 
ATOM   487  N  N   . HIS A 1 64  ? -10.697 6.856   0.093   1.00 13.40 ? 144 HIS A N   1 
ATOM   488  C  CA  . HIS A 1 64  ? -11.400 7.885   -0.678  1.00 14.86 ? 144 HIS A CA  1 
ATOM   489  C  C   . HIS A 1 64  ? -12.856 7.918   -0.248  1.00 15.57 ? 144 HIS A C   1 
ATOM   490  O  O   . HIS A 1 64  ? -13.499 6.878   -0.159  1.00 14.27 ? 144 HIS A O   1 
ATOM   491  C  CB  . HIS A 1 64  ? -11.255 7.608   -2.178  1.00 16.80 ? 144 HIS A CB  1 
ATOM   492  C  CG  . HIS A 1 64  ? -12.042 8.537   -3.044  1.00 19.54 ? 144 HIS A CG  1 
ATOM   493  N  ND1 . HIS A 1 64  ? -11.863 9.903   -3.023  1.00 24.32 ? 144 HIS A ND1 1 
ATOM   494  C  CD2 . HIS A 1 64  ? -13.015 8.296   -3.955  1.00 23.51 ? 144 HIS A CD2 1 
ATOM   495  C  CE1 . HIS A 1 64  ? -12.691 10.466  -3.884  1.00 24.87 ? 144 HIS A CE1 1 
ATOM   496  N  NE2 . HIS A 1 64  ? -13.401 9.514   -4.462  1.00 24.66 ? 144 HIS A NE2 1 
ATOM   497  N  N   . GLN A 1 65  ? -13.363 9.124   0.050   1.00 16.36 ? 145 GLN A N   1 
ATOM   498  C  CA  . GLN A 1 65  ? -14.722 9.291   0.604   1.00 17.65 ? 145 GLN A CA  1 
ATOM   499  C  C   . GLN A 1 65  ? -15.009 8.260   1.712   1.00 16.42 ? 145 GLN A C   1 
ATOM   500  O  O   . GLN A 1 65  ? -16.087 7.655   1.779   1.00 16.44 ? 145 GLN A O   1 
ATOM   501  C  CB  . GLN A 1 65  ? -15.780 9.266   -0.525  1.00 17.86 ? 145 GLN A CB  1 
ATOM   502  C  CG  . GLN A 1 65  ? -15.639 10.454  -1.472  1.00 20.28 ? 145 GLN A CG  1 
ATOM   503  C  CD  . GLN A 1 65  ? -16.625 10.466  -2.641  1.00 22.16 ? 145 GLN A CD  1 
ATOM   504  O  OE1 . GLN A 1 65  ? -17.043 9.418   -3.151  1.00 28.48 ? 145 GLN A OE1 1 
ATOM   505  N  NE2 . GLN A 1 65  ? -16.981 11.662  -3.086  1.00 27.82 ? 145 GLN A NE2 1 
ATOM   506  N  N   . GLY A 1 66  ? -14.012 8.060   2.577   1.00 14.57 ? 146 GLY A N   1 
ATOM   507  C  CA  . GLY A 1 66  ? -14.136 7.188   3.727   1.00 13.65 ? 146 GLY A CA  1 
ATOM   508  C  C   . GLY A 1 66  ? -14.031 5.687   3.489   1.00 12.98 ? 146 GLY A C   1 
ATOM   509  O  O   . GLY A 1 66  ? -14.202 4.899   4.425   1.00 13.72 ? 146 GLY A O   1 
ATOM   510  N  N   . LYS A 1 67  ? -13.757 5.293   2.253   1.00 11.25 ? 147 LYS A N   1 
ATOM   511  C  CA  . LYS A 1 67  ? -13.663 3.867   1.908   1.00 11.09 ? 147 LYS A CA  1 
ATOM   512  C  C   . LYS A 1 67  ? -12.295 3.448   1.375   1.00 10.62 ? 147 LYS A C   1 
ATOM   513  O  O   . LYS A 1 67  ? -11.673 4.173   0.618   1.00 10.36 ? 147 LYS A O   1 
ATOM   514  C  CB  . LYS A 1 67  ? -14.778 3.453   0.941   1.00 11.11 ? 147 LYS A CB  1 
ATOM   515  C  CG  . LYS A 1 67  ? -16.194 3.729   1.509   1.00 13.08 ? 147 LYS A CG  1 
ATOM   516  C  CD  . LYS A 1 67  ? -16.445 2.913   2.766   1.00 14.07 ? 147 LYS A CD  1 
ATOM   517  C  CE  . LYS A 1 67  ? -17.806 3.221   3.380   1.00 15.25 ? 147 LYS A CE  1 
ATOM   518  N  NZ  . LYS A 1 67  ? -17.889 2.721   4.782   1.00 15.94 ? 147 LYS A NZ  1 
ATOM   519  N  N   . ILE A 1 68  ? -11.845 2.274   1.797   1.00 9.93  ? 148 ILE A N   1 
ATOM   520  C  CA  . ILE A 1 68  ? -10.508 1.810   1.412   1.00 11.34 ? 148 ILE A CA  1 
ATOM   521  C  C   . ILE A 1 68  ? -10.623 1.228   -0.001  1.00 11.56 ? 148 ILE A C   1 
ATOM   522  O  O   . ILE A 1 68  ? -11.632 0.620   -0.361  1.00 11.31 ? 148 ILE A O   1 
ATOM   523  C  CB  . ILE A 1 68  ? -9.926  0.809   2.488   1.00 11.52 ? 148 ILE A CB  1 
ATOM   524  C  CG1 . ILE A 1 68  ? -8.411  0.571   2.314   1.00 15.43 ? 148 ILE A CG1 1 
ATOM   525  C  CG2 . ILE A 1 68  ? -10.665 -0.476  2.453   1.00 13.61 ? 148 ILE A CG2 1 
ATOM   526  C  CD1 . ILE A 1 68  ? -7.559  1.734   2.724   1.00 14.50 ? 148 ILE A CD1 1 
ATOM   527  N  N   . GLY A 1 69  ? -9.582  1.439   -0.808  1.00 10.88 ? 149 GLY A N   1 
ATOM   528  C  CA  . GLY A 1 69  ? -9.568  0.924   -2.163  1.00 10.93 ? 149 GLY A CA  1 
ATOM   529  C  C   . GLY A 1 69  ? -8.144  0.757   -2.645  1.00 11.03 ? 149 GLY A C   1 
ATOM   530  O  O   . GLY A 1 69  ? -7.191  1.234   -2.012  1.00 10.05 ? 149 GLY A O   1 
ATOM   531  N  N   . VAL A 1 70  ? -8.018  0.133   -3.809  1.00 10.92 ? 150 VAL A N   1 
ATOM   532  C  CA  . VAL A 1 70  ? -6.709  -0.026  -4.451  1.00 11.32 ? 150 VAL A CA  1 
ATOM   533  C  C   . VAL A 1 70  ? -6.812  0.534   -5.867  1.00 11.78 ? 150 VAL A C   1 
ATOM   534  O  O   . VAL A 1 70  ? -7.892  0.514   -6.479  1.00 11.86 ? 150 VAL A O   1 
ATOM   535  C  CB  . VAL A 1 70  ? -6.282  -1.513  -4.464  1.00 12.04 ? 150 VAL A CB  1 
ATOM   536  C  CG1 . VAL A 1 70  ? -7.211  -2.343  -5.377  1.00 12.46 ? 150 VAL A CG1 1 
ATOM   537  C  CG2 . VAL A 1 70  ? -4.837  -1.663  -4.902  1.00 13.41 ? 150 VAL A CG2 1 
ATOM   538  N  N   . LYS A 1 71  ? -5.719  1.095   -6.361  1.00 10.43 ? 151 LYS A N   1 
ATOM   539  C  CA  . LYS A 1 71  ? -5.646  1.414   -7.790  1.00 10.23 ? 151 LYS A CA  1 
ATOM   540  C  C   . LYS A 1 71  ? -4.273  0.972   -8.231  1.00 9.98  ? 151 LYS A C   1 
ATOM   541  O  O   . LYS A 1 71  ? -3.309  1.111   -7.479  1.00 10.54 ? 151 LYS A O   1 
ATOM   542  C  CB  . LYS A 1 71  ? -5.852  2.897   -8.085  1.00 12.01 ? 151 LYS A CB  1 
ATOM   543  C  CG  . LYS A 1 71  ? -5.155  3.854   -7.162  1.00 16.08 ? 151 LYS A CG  1 
ATOM   544  C  CD  . LYS A 1 71  ? -5.752  5.245   -7.331  1.00 18.27 ? 151 LYS A CD  1 
ATOM   545  C  CE  . LYS A 1 71  ? -5.025  6.270   -6.487  1.00 20.63 ? 151 LYS A CE  1 
ATOM   546  N  NZ  . LYS A 1 71  ? -5.333  7.632   -6.990  1.00 24.42 ? 151 LYS A NZ  1 
ATOM   547  N  N   . PHE A 1 72  ? -4.202  0.357   -9.402  1.00 9.47  ? 152 PHE A N   1 
ATOM   548  C  CA  . PHE A 1 72  ? -2.918  -0.073  -9.908  1.00 9.66  ? 152 PHE A CA  1 
ATOM   549  C  C   . PHE A 1 72  ? -2.894  -0.022  -11.417 1.00 10.33 ? 152 PHE A C   1 
ATOM   550  O  O   . PHE A 1 72  ? -3.933  0.056   -12.067 1.00 10.94 ? 152 PHE A O   1 
ATOM   551  C  CB  . PHE A 1 72  ? -2.566  -1.482  -9.398  1.00 9.85  ? 152 PHE A CB  1 
ATOM   552  C  CG  . PHE A 1 72  ? -3.422  -2.591  -9.950  1.00 9.38  ? 152 PHE A CG  1 
ATOM   553  C  CD1 . PHE A 1 72  ? -2.995  -3.318  -11.073 1.00 11.76 ? 152 PHE A CD1 1 
ATOM   554  C  CD2 . PHE A 1 72  ? -4.621  -2.955  -9.320  1.00 11.16 ? 152 PHE A CD2 1 
ATOM   555  C  CE1 . PHE A 1 72  ? -3.752  -4.361  -11.598 1.00 12.78 ? 152 PHE A CE1 1 
ATOM   556  C  CE2 . PHE A 1 72  ? -5.387  -4.013  -9.826  1.00 11.71 ? 152 PHE A CE2 1 
ATOM   557  C  CZ  . PHE A 1 72  ? -4.955  -4.712  -10.978 1.00 12.49 ? 152 PHE A CZ  1 
ATOM   558  N  N   . ASN A 1 73  ? -1.697  -0.097  -11.964 1.00 10.31 ? 153 ASN A N   1 
ATOM   559  C  CA  . ASN A 1 73  ? -1.504  -0.090  -13.403 1.00 11.59 ? 153 ASN A CA  1 
ATOM   560  C  C   . ASN A 1 73  ? -0.212  -0.831  -13.617 1.00 11.88 ? 153 ASN A C   1 
ATOM   561  O  O   . ASN A 1 73  ? 0.851   -0.429  -13.080 1.00 12.46 ? 153 ASN A O   1 
ATOM   562  C  CB  . ASN A 1 73  ? -1.367  1.363   -13.906 1.00 11.81 ? 153 ASN A CB  1 
ATOM   563  C  CG  . ASN A 1 73  ? -1.259  1.465   -15.406 1.00 16.39 ? 153 ASN A CG  1 
ATOM   564  O  OD1 . ASN A 1 73  ? -0.547  0.693   -16.062 1.00 20.82 ? 153 ASN A OD1 1 
ATOM   565  N  ND2 . ASN A 1 73  ? -1.971  2.419   -15.964 1.00 16.21 ? 153 ASN A ND2 1 
ATOM   566  N  N   . VAL A 1 74  ? -0.293  -1.926  -14.367 1.00 11.11 ? 154 VAL A N   1 
ATOM   567  C  CA  . VAL A 1 74  ? 0.914   -2.682  -14.687 1.00 13.06 ? 154 VAL A CA  1 
ATOM   568  C  C   . VAL A 1 74  ? 1.298   -2.523  -16.169 1.00 13.78 ? 154 VAL A C   1 
ATOM   569  O  O   . VAL A 1 74  ? 2.125   -3.276  -16.685 1.00 12.59 ? 154 VAL A O   1 
ATOM   570  C  CB  . VAL A 1 74  ? 0.862   -4.187  -14.218 1.00 12.80 ? 154 VAL A CB  1 
ATOM   571  C  CG1 . VAL A 1 74  ? 0.940   -4.257  -12.682 1.00 15.25 ? 154 VAL A CG1 1 
ATOM   572  C  CG2 . VAL A 1 74  ? -0.353  -4.919  -14.741 1.00 12.97 ? 154 VAL A CG2 1 
ATOM   573  N  N   . GLY A 1 75  ? 0.684   -1.537  -16.825 1.00 15.02 ? 155 GLY A N   1 
ATOM   574  C  CA  . GLY A 1 75  ? 1.037   -1.183  -18.214 1.00 17.36 ? 155 GLY A CA  1 
ATOM   575  C  C   . GLY A 1 75  ? -0.124  -0.823  -19.121 1.00 19.10 ? 155 GLY A C   1 
ATOM   576  O  O   . GLY A 1 75  ? 0.035   -0.009  -20.030 1.00 20.34 ? 155 GLY A O   1 
ATOM   577  N  N   . THR A 1 76  ? -1.276  -1.452  -18.908 1.00 19.54 ? 156 THR A N   1 
ATOM   578  C  CA  . THR A 1 76  ? -2.430  -1.252  -19.776 1.00 21.97 ? 156 THR A CA  1 
ATOM   579  C  C   . THR A 1 76  ? -3.253  -0.082  -19.231 1.00 22.25 ? 156 THR A C   1 
ATOM   580  O  O   . THR A 1 76  ? -2.928  1.080   -19.484 1.00 23.41 ? 156 THR A O   1 
ATOM   581  C  CB  . THR A 1 76  ? -3.251  -2.562  -19.886 1.00 22.47 ? 156 THR A CB  1 
ATOM   582  O  OG1 . THR A 1 76  ? -2.381  -3.585  -20.373 1.00 25.36 ? 156 THR A OG1 1 
ATOM   583  C  CG2 . THR A 1 76  ? -4.404  -2.414  -20.849 1.00 23.95 ? 156 THR A CG2 1 
ATOM   584  N  N   . ASP A 1 77  ? -4.278  -0.393  -18.456 1.00 22.20 ? 157 ASP A N   1 
ATOM   585  C  CA  . ASP A 1 77  ? -5.153  0.622   -17.941 1.00 21.89 ? 157 ASP A CA  1 
ATOM   586  C  C   . ASP A 1 77  ? -5.029  0.691   -16.428 1.00 20.99 ? 157 ASP A C   1 
ATOM   587  O  O   . ASP A 1 77  ? -4.469  -0.202  -15.792 1.00 18.47 ? 157 ASP A O   1 
ATOM   588  C  CB  . ASP A 1 77  ? -6.595  0.301   -18.347 1.00 23.59 ? 157 ASP A CB  1 
ATOM   589  C  CG  . ASP A 1 77  ? -6.794  0.335   -19.868 1.00 26.69 ? 157 ASP A CG  1 
ATOM   590  O  OD1 . ASP A 1 77  ? -6.415  1.358   -20.511 1.00 30.07 ? 157 ASP A OD1 1 
ATOM   591  O  OD2 . ASP A 1 77  ? -7.333  -0.659  -20.408 1.00 29.64 ? 157 ASP A OD2 1 
ATOM   592  N  N   . ASP A 1 78  ? -5.529  1.784   -15.867 1.00 19.70 ? 158 ASP A N   1 
ATOM   593  C  CA  . ASP A 1 78  ? -5.633  1.921   -14.422 1.00 19.90 ? 158 ASP A CA  1 
ATOM   594  C  C   . ASP A 1 78  ? -6.823  1.116   -13.955 1.00 18.94 ? 158 ASP A C   1 
ATOM   595  O  O   . ASP A 1 78  ? -7.950  1.301   -14.452 1.00 19.22 ? 158 ASP A O   1 
ATOM   596  C  CB  . ASP A 1 78  ? -5.763  3.397   -14.074 1.00 20.84 ? 158 ASP A CB  1 
ATOM   597  C  CG  . ASP A 1 78  ? -4.610  4.198   -14.644 1.00 23.11 ? 158 ASP A CG  1 
ATOM   598  O  OD1 . ASP A 1 78  ? -3.486  3.972   -14.165 1.00 21.83 ? 158 ASP A OD1 1 
ATOM   599  O  OD2 . ASP A 1 78  ? -4.807  4.987   -15.610 1.00 27.16 ? 158 ASP A OD2 1 
ATOM   600  N  N   . ILE A 1 79  ? -6.561  0.202   -13.028 1.00 16.67 ? 159 ILE A N   1 
ATOM   601  C  CA  . ILE A 1 79  ? -7.601  -0.647  -12.449 1.00 16.20 ? 159 ILE A CA  1 
ATOM   602  C  C   . ILE A 1 79  ? -7.869  -0.166  -11.031 1.00 15.21 ? 159 ILE A C   1 
ATOM   603  O  O   . ILE A 1 79  ? -6.941  -0.009  -10.246 1.00 15.89 ? 159 ILE A O   1 
ATOM   604  C  CB  . ILE A 1 79  ? -7.154  -2.125  -12.439 1.00 16.12 ? 159 ILE A CB  1 
ATOM   605  C  CG1 . ILE A 1 79  ? -6.649  -2.544  -13.831 1.00 18.04 ? 159 ILE A CG1 1 
ATOM   606  C  CG2 . ILE A 1 79  ? -8.269  -3.043  -11.926 1.00 17.22 ? 159 ILE A CG2 1 
ATOM   607  C  CD1 . ILE A 1 79  ? -7.667  -2.423  -14.926 1.00 21.02 ? 159 ILE A CD1 1 
ATOM   608  N  N   . ALA A 1 80  ? -9.133  0.090   -10.714 1.00 14.18 ? 160 ALA A N   1 
ATOM   609  C  CA  . ALA A 1 80  ? -9.499  0.587   -9.396  1.00 14.31 ? 160 ALA A CA  1 
ATOM   610  C  C   . ALA A 1 80  ? -10.531 -0.353  -8.770  1.00 14.10 ? 160 ALA A C   1 
ATOM   611  O  O   . ALA A 1 80  ? -11.539 -0.694  -9.409  1.00 14.73 ? 160 ALA A O   1 
ATOM   612  C  CB  . ALA A 1 80  ? -10.063 1.991   -9.493  1.00 14.80 ? 160 ALA A CB  1 
ATOM   613  N  N   . ILE A 1 81  ? -10.262 -0.796  -7.537  1.00 13.51 ? 161 ILE A N   1 
ATOM   614  C  CA  . ILE A 1 81  ? -11.205 -1.629  -6.798  1.00 12.92 ? 161 ILE A CA  1 
ATOM   615  C  C   . ILE A 1 81  ? -11.466 -0.976  -5.447  1.00 12.61 ? 161 ILE A C   1 
ATOM   616  O  O   . ILE A 1 81  ? -10.530 -0.639  -4.737  1.00 12.42 ? 161 ILE A O   1 
ATOM   617  C  CB  . ILE A 1 81  ? -10.664 -3.076  -6.565  1.00 13.39 ? 161 ILE A CB  1 
ATOM   618  C  CG1 . ILE A 1 81  ? -10.046 -3.659  -7.840  1.00 12.78 ? 161 ILE A CG1 1 
ATOM   619  C  CG2 . ILE A 1 81  ? -11.761 -3.994  -6.005  1.00 13.12 ? 161 ILE A CG2 1 
ATOM   620  C  CD1 . ILE A 1 81  ? -9.223  -4.940  -7.576  1.00 13.31 ? 161 ILE A CD1 1 
ATOM   621  N  N   . GLU A 1 82  ? -12.736 -0.795  -5.100  1.00 11.88 ? 162 GLU A N   1 
ATOM   622  C  CA  . GLU A 1 82  ? -13.099 -0.172  -3.811  1.00 12.42 ? 162 GLU A CA  1 
ATOM   623  C  C   . GLU A 1 82  ? -13.931 -1.139  -2.967  1.00 11.39 ? 162 GLU A C   1 
ATOM   624  O  O   . GLU A 1 82  ? -14.825 -1.816  -3.502  1.00 11.44 ? 162 GLU A O   1 
ATOM   625  C  CB  . GLU A 1 82  ? -13.907 1.100   -4.077  1.00 12.64 ? 162 GLU A CB  1 
ATOM   626  C  CG  . GLU A 1 82  ? -14.174 1.950   -2.810  1.00 14.32 ? 162 GLU A CG  1 
ATOM   627  C  CD  . GLU A 1 82  ? -15.088 3.143   -3.101  1.00 15.73 ? 162 GLU A CD  1 
ATOM   628  O  OE1 . GLU A 1 82  ? -14.558 4.252   -3.310  1.00 18.96 ? 162 GLU A OE1 1 
ATOM   629  O  OE2 . GLU A 1 82  ? -16.324 2.981   -3.140  1.00 19.23 ? 162 GLU A OE2 1 
ATOM   630  N  N   . GLU A 1 83  ? -13.632 -1.214  -1.671  1.00 10.25 ? 163 GLU A N   1 
ATOM   631  C  CA  . GLU A 1 83  ? -14.535 -1.814  -0.700  1.00 11.69 ? 163 GLU A CA  1 
ATOM   632  C  C   . GLU A 1 83  ? -15.474 -0.691  -0.261  1.00 11.44 ? 163 GLU A C   1 
ATOM   633  O  O   . GLU A 1 83  ? -15.158 0.104   0.615   1.00 11.69 ? 163 GLU A O   1 
ATOM   634  C  CB  . GLU A 1 83  ? -13.756 -2.404  0.488   1.00 11.56 ? 163 GLU A CB  1 
ATOM   635  C  CG  . GLU A 1 83  ? -14.631 -2.870  1.667   1.00 12.38 ? 163 GLU A CG  1 
ATOM   636  C  CD  . GLU A 1 83  ? -15.828 -3.668  1.250   1.00 14.20 ? 163 GLU A CD  1 
ATOM   637  O  OE1 . GLU A 1 83  ? -15.649 -4.775  0.696   1.00 11.96 ? 163 GLU A OE1 1 
ATOM   638  O  OE2 . GLU A 1 83  ? -16.970 -3.192  1.495   1.00 13.21 ? 163 GLU A OE2 1 
ATOM   639  N  N   . SER A 1 84  ? -16.633 -0.633  -0.905  1.00 12.01 ? 164 SER A N   1 
ATOM   640  C  CA  . SER A 1 84  ? -17.508 0.514   -0.763  1.00 13.11 ? 164 SER A CA  1 
ATOM   641  C  C   . SER A 1 84  ? -18.369 0.540   0.511   1.00 13.48 ? 164 SER A C   1 
ATOM   642  O  O   . SER A 1 84  ? -18.993 1.572   0.826   1.00 13.35 ? 164 SER A O   1 
ATOM   643  C  CB  . SER A 1 84  ? -18.373 0.606   -2.004  1.00 12.34 ? 164 SER A CB  1 
ATOM   644  O  OG  . SER A 1 84  ? -17.539 0.796   -3.134  1.00 13.73 ? 164 SER A OG  1 
ATOM   645  N  N   . ASN A 1 85  ? -18.414 -0.574  1.242   1.00 14.37 ? 165 ASN A N   1 
ATOM   646  C  CA  . ASN A 1 85  ? -19.304 -0.647  2.404   1.00 15.46 ? 165 ASN A CA  1 
ATOM   647  C  C   . ASN A 1 85  ? -18.648 -0.720  3.770   1.00 14.64 ? 165 ASN A C   1 
ATOM   648  O  O   . ASN A 1 85  ? -19.084 -0.059  4.714   1.00 15.24 ? 165 ASN A O   1 
ATOM   649  C  CB  . ASN A 1 85  ? -20.264 -1.809  2.198   1.00 16.49 ? 165 ASN A CB  1 
ATOM   650  C  CG  . ASN A 1 85  ? -21.180 -1.573  1.012   1.00 20.62 ? 165 ASN A CG  1 
ATOM   651  O  OD1 . ASN A 1 85  ? -21.997 -0.647  1.026   1.00 24.73 ? 165 ASN A OD1 1 
ATOM   652  N  ND2 . ASN A 1 85  ? -21.035 -2.389  -0.024  1.00 21.41 ? 165 ASN A ND2 1 
ATOM   653  N  N   . ALA A 1 86  ? -17.593 -1.529  3.887   1.00 13.14 ? 166 ALA A N   1 
ATOM   654  C  CA  . ALA A 1 86  ? -16.920 -1.708  5.166   1.00 13.67 ? 166 ALA A CA  1 
ATOM   655  C  C   . ALA A 1 86  ? -16.579 -0.366  5.795   1.00 13.92 ? 166 ALA A C   1 
ATOM   656  O  O   . ALA A 1 86  ? -16.006 0.507   5.144   1.00 12.44 ? 166 ALA A O   1 
ATOM   657  C  CB  . ALA A 1 86  ? -15.652 -2.552  4.970   1.00 14.57 ? 166 ALA A CB  1 
ATOM   658  N  N   . ILE A 1 87  ? -16.952 -0.189  7.061   1.00 14.81 ? 167 ILE A N   1 
ATOM   659  C  CA  . ILE A 1 87  ? -16.535 0.997   7.806   1.00 15.25 ? 167 ILE A CA  1 
ATOM   660  C  C   . ILE A 1 87  ? -15.116 0.795   8.243   1.00 15.28 ? 167 ILE A C   1 
ATOM   661  O  O   . ILE A 1 87  ? -14.792 -0.179  8.957   1.00 14.97 ? 167 ILE A O   1 
ATOM   662  C  CB  . ILE A 1 87  ? -17.404 1.223   9.065   1.00 16.47 ? 167 ILE A CB  1 
ATOM   663  C  CG1 . ILE A 1 87  ? -18.819 1.596   8.645   1.00 16.80 ? 167 ILE A CG1 1 
ATOM   664  C  CG2 . ILE A 1 87  ? -16.748 2.292   9.997   1.00 17.26 ? 167 ILE A CG2 1 
ATOM   665  C  CD1 . ILE A 1 87  ? -19.817 1.687   9.834   1.00 16.88 ? 167 ILE A CD1 1 
ATOM   666  N  N   . ILE A 1 88  ? -14.255 1.697   7.802   1.00 13.78 ? 168 ILE A N   1 
ATOM   667  C  CA  . ILE A 1 88  ? -12.836 1.553   8.083   1.00 14.27 ? 168 ILE A CA  1 
ATOM   668  C  C   . ILE A 1 88  ? -12.257 2.761   8.803   1.00 14.28 ? 168 ILE A C   1 
ATOM   669  O  O   . ILE A 1 88  ? -11.093 2.739   9.186   1.00 15.02 ? 168 ILE A O   1 
ATOM   670  C  CB  . ILE A 1 88  ? -12.033 1.157   6.812   1.00 13.66 ? 168 ILE A CB  1 
ATOM   671  C  CG1 . ILE A 1 88  ? -12.197 2.155   5.643   1.00 13.69 ? 168 ILE A CG1 1 
ATOM   672  C  CG2 . ILE A 1 88  ? -12.492 -0.217  6.363   1.00 14.54 ? 168 ILE A CG2 1 
ATOM   673  C  CD1 . ILE A 1 88  ? -11.472 3.509   5.831   1.00 14.44 ? 168 ILE A CD1 1 
ATOM   674  N  N   . ASN A 1 89  ? -13.077 3.794   8.998   1.00 15.21 ? 169 ASN A N   1 
ATOM   675  C  CA  . ASN A 1 89  ? -12.613 5.040   9.629   1.00 15.64 ? 169 ASN A CA  1 
ATOM   676  C  C   . ASN A 1 89  ? -13.314 5.361   10.960  1.00 16.05 ? 169 ASN A C   1 
ATOM   677  O  O   . ASN A 1 89  ? -13.670 6.511   11.224  1.00 16.72 ? 169 ASN A O   1 
ATOM   678  C  CB  . ASN A 1 89  ? -12.668 6.222   8.637   1.00 16.47 ? 169 ASN A CB  1 
ATOM   679  C  CG  . ASN A 1 89  ? -14.074 6.541   8.174   1.00 17.20 ? 169 ASN A CG  1 
ATOM   680  O  OD1 . ASN A 1 89  ? -15.029 5.818   8.495   1.00 16.48 ? 169 ASN A OD1 1 
ATOM   681  N  ND2 . ASN A 1 89  ? -14.213 7.621   7.411   1.00 17.85 ? 169 ASN A ND2 1 
ATOM   682  N  N   . ASP A 1 90  ? -13.467 4.330   11.793  1.00 15.40 ? 170 ASP A N   1 
ATOM   683  C  CA  . ASP A 1 90  ? -14.037 4.427   13.138  1.00 15.96 ? 170 ASP A CA  1 
ATOM   684  C  C   . ASP A 1 90  ? -12.983 4.430   14.243  1.00 15.94 ? 170 ASP A C   1 
ATOM   685  O  O   . ASP A 1 90  ? -13.318 4.310   15.425  1.00 16.57 ? 170 ASP A O   1 
ATOM   686  C  CB  . ASP A 1 90  ? -15.031 3.287   13.375  1.00 16.62 ? 170 ASP A CB  1 
ATOM   687  C  CG  . ASP A 1 90  ? -14.436 1.906   13.103  1.00 18.73 ? 170 ASP A CG  1 
ATOM   688  O  OD1 . ASP A 1 90  ? -13.228 1.814   12.760  1.00 17.92 ? 170 ASP A OD1 1 
ATOM   689  O  OD2 . ASP A 1 90  ? -15.192 0.901   13.208  1.00 21.20 ? 170 ASP A OD2 1 
ATOM   690  N  N   . GLY A 1 91  ? -11.711 4.533   13.860  1.00 15.21 ? 171 GLY A N   1 
ATOM   691  C  CA  . GLY A 1 91  ? -10.586 4.540   14.802  1.00 16.27 ? 171 GLY A CA  1 
ATOM   692  C  C   . GLY A 1 91  ? -10.188 3.181   15.343  1.00 16.32 ? 171 GLY A C   1 
ATOM   693  O  O   . GLY A 1 91  ? -9.293  3.085   16.193  1.00 16.85 ? 171 GLY A O   1 
ATOM   694  N  N   . LYS A 1 92  ? -10.860 2.142   14.857  1.00 15.86 ? 172 LYS A N   1 
ATOM   695  C  CA  . LYS A 1 92  ? -10.576 0.764   15.254  1.00 16.68 ? 172 LYS A CA  1 
ATOM   696  C  C   . LYS A 1 92  ? -9.670  0.094   14.223  1.00 15.69 ? 172 LYS A C   1 
ATOM   697  O  O   . LYS A 1 92  ? -9.535  0.598   13.106  1.00 15.35 ? 172 LYS A O   1 
ATOM   698  C  CB  . LYS A 1 92  ? -11.886 0.004   15.376  1.00 17.54 ? 172 LYS A CB  1 
ATOM   699  C  CG  . LYS A 1 92  ? -12.734 0.476   16.546  1.00 21.02 ? 172 LYS A CG  1 
ATOM   700  C  CD  . LYS A 1 92  ? -14.138 -0.047  16.453  1.00 27.86 ? 172 LYS A CD  1 
ATOM   701  C  CE  . LYS A 1 92  ? -15.055 0.819   17.297  1.00 31.91 ? 172 LYS A CE  1 
ATOM   702  N  NZ  . LYS A 1 92  ? -16.482 0.447   17.119  1.00 35.71 ? 172 LYS A NZ  1 
ATOM   703  N  N   . TYR A 1 93  ? -9.084  -1.049  14.582  1.00 14.27 ? 173 TYR A N   1 
ATOM   704  C  CA  . TYR A 1 93  ? -8.120  -1.705  13.702  1.00 13.83 ? 173 TYR A CA  1 
ATOM   705  C  C   . TYR A 1 93  ? -8.813  -2.421  12.557  1.00 13.14 ? 173 TYR A C   1 
ATOM   706  O  O   . TYR A 1 93  ? -9.806  -3.131  12.769  1.00 14.42 ? 173 TYR A O   1 
ATOM   707  C  CB  . TYR A 1 93  ? -7.287  -2.714  14.492  1.00 14.52 ? 173 TYR A CB  1 
ATOM   708  C  CG  . TYR A 1 93  ? -6.115  -3.296  13.723  1.00 14.89 ? 173 TYR A CG  1 
ATOM   709  C  CD1 . TYR A 1 93  ? -5.008  -2.512  13.438  1.00 18.48 ? 173 TYR A CD1 1 
ATOM   710  C  CD2 . TYR A 1 93  ? -6.106  -4.635  13.313  1.00 19.29 ? 173 TYR A CD2 1 
ATOM   711  C  CE1 . TYR A 1 93  ? -3.915  -3.020  12.752  1.00 19.60 ? 173 TYR A CE1 1 
ATOM   712  C  CE2 . TYR A 1 93  ? -4.995  -5.163  12.613  1.00 18.77 ? 173 TYR A CE2 1 
ATOM   713  C  CZ  . TYR A 1 93  ? -3.904  -4.336  12.352  1.00 19.56 ? 173 TYR A CZ  1 
ATOM   714  O  OH  . TYR A 1 93  ? -2.774  -4.787  11.672  1.00 19.59 ? 173 TYR A OH  1 
ATOM   715  N  N   . HIS A 1 94  ? -8.286  -2.224  11.346  1.00 11.63 ? 174 HIS A N   1 
ATOM   716  C  CA  . HIS A 1 94  ? -8.780  -2.899  10.162  1.00 10.58 ? 174 HIS A CA  1 
ATOM   717  C  C   . HIS A 1 94  ? -7.617  -3.408  9.352   1.00 10.14 ? 174 HIS A C   1 
ATOM   718  O  O   . HIS A 1 94  ? -6.503  -2.869  9.433   1.00 9.88  ? 174 HIS A O   1 
ATOM   719  C  CB  . HIS A 1 94  ? -9.639  -1.972  9.305   1.00 11.01 ? 174 HIS A CB  1 
ATOM   720  C  CG  . HIS A 1 94  ? -10.830 -1.449  10.034  1.00 12.93 ? 174 HIS A CG  1 
ATOM   721  N  ND1 . HIS A 1 94  ? -11.954 -2.211  10.272  1.00 13.38 ? 174 HIS A ND1 1 
ATOM   722  C  CD2 . HIS A 1 94  ? -11.031 -0.271  10.671  1.00 13.91 ? 174 HIS A CD2 1 
ATOM   723  C  CE1 . HIS A 1 94  ? -12.825 -1.502  10.969  1.00 14.11 ? 174 HIS A CE1 1 
ATOM   724  N  NE2 . HIS A 1 94  ? -12.290 -0.321  11.226  1.00 13.91 ? 174 HIS A NE2 1 
ATOM   725  N  N   . VAL A 1 95  ? -7.872  -4.462  8.575   1.00 9.54  ? 175 VAL A N   1 
ATOM   726  C  CA  . VAL A 1 95  ? -6.845  -5.026  7.684   1.00 10.10 ? 175 VAL A CA  1 
ATOM   727  C  C   . VAL A 1 95  ? -7.366  -5.013  6.256   1.00 9.62  ? 175 VAL A C   1 
ATOM   728  O  O   . VAL A 1 95  ? -8.501  -5.411  6.006   1.00 10.76 ? 175 VAL A O   1 
ATOM   729  C  CB  . VAL A 1 95  ? -6.404  -6.458  8.114   1.00 10.05 ? 175 VAL A CB  1 
ATOM   730  C  CG1 . VAL A 1 95  ? -5.377  -7.033  7.131   1.00 12.22 ? 175 VAL A CG1 1 
ATOM   731  C  CG2 . VAL A 1 95  ? -5.802  -6.430  9.533   1.00 11.40 ? 175 VAL A CG2 1 
ATOM   732  N  N   . VAL A 1 96  ? -6.567  -4.476  5.327   1.00 8.87  ? 176 VAL A N   1 
ATOM   733  C  CA  . VAL A 1 96  ? -6.900  -4.583  3.902   1.00 8.49  ? 176 VAL A CA  1 
ATOM   734  C  C   . VAL A 1 96  ? -5.907  -5.498  3.199   1.00 8.24  ? 176 VAL A C   1 
ATOM   735  O  O   . VAL A 1 96  ? -4.715  -5.439  3.454   1.00 8.34  ? 176 VAL A O   1 
ATOM   736  C  CB  . VAL A 1 96  ? -7.028  -3.204  3.188   1.00 8.94  ? 176 VAL A CB  1 
ATOM   737  C  CG1 . VAL A 1 96  ? -5.767  -2.384  3.270   1.00 9.98  ? 176 VAL A CG1 1 
ATOM   738  C  CG2 . VAL A 1 96  ? -7.431  -3.400  1.726   1.00 9.47  ? 176 VAL A CG2 1 
ATOM   739  N  N   . ARG A 1 97  ? -6.424  -6.388  2.345   1.00 9.43  ? 177 ARG A N   1 
ATOM   740  C  CA  . ARG A 1 97  ? -5.600  -7.388  1.662   1.00 9.12  ? 177 ARG A CA  1 
ATOM   741  C  C   . ARG A 1 97  ? -5.797  -7.284  0.147   1.00 9.53  ? 177 ARG A C   1 
ATOM   742  O  O   . ARG A 1 97  ? -6.903  -7.371  -0.325  1.00 9.32  ? 177 ARG A O   1 
ATOM   743  C  CB  . ARG A 1 97  ? -5.996  -8.799  2.094   1.00 10.04 ? 177 ARG A CB  1 
ATOM   744  C  CG  . ARG A 1 97  ? -5.740  -9.075  3.552   1.00 10.82 ? 177 ARG A CG  1 
ATOM   745  C  CD  . ARG A 1 97  ? -6.386  -10.372 3.992   1.00 10.51 ? 177 ARG A CD  1 
ATOM   746  N  NE  . ARG A 1 97  ? -6.380  -10.379 5.452   1.00 15.18 ? 177 ARG A NE  1 
ATOM   747  C  CZ  . ARG A 1 97  ? -7.448  -10.152 6.204   1.00 15.59 ? 177 ARG A CZ  1 
ATOM   748  N  NH1 . ARG A 1 97  ? -8.644  -9.946  5.658   1.00 17.43 ? 177 ARG A NH1 1 
ATOM   749  N  NH2 . ARG A 1 97  ? -7.318  -10.151 7.523   1.00 17.57 ? 177 ARG A NH2 1 
ATOM   750  N  N   . PHE A 1 98  ? -4.712  -7.079  -0.587  1.00 9.17  ? 178 PHE A N   1 
ATOM   751  C  CA  . PHE A 1 98  ? -4.757  -6.978  -2.044  1.00 8.91  ? 178 PHE A CA  1 
ATOM   752  C  C   . PHE A 1 98  ? -3.935  -8.091  -2.650  1.00 9.65  ? 178 PHE A C   1 
ATOM   753  O  O   . PHE A 1 98  ? -2.860  -8.411  -2.133  1.00 8.89  ? 178 PHE A O   1 
ATOM   754  C  CB  . PHE A 1 98  ? -4.186  -5.616  -2.484  1.00 9.65  ? 178 PHE A CB  1 
ATOM   755  C  CG  . PHE A 1 98  ? -3.939  -5.505  -3.972  1.00 9.02  ? 178 PHE A CG  1 
ATOM   756  C  CD1 . PHE A 1 98  ? -5.003  -5.280  -4.849  1.00 9.96  ? 178 PHE A CD1 1 
ATOM   757  C  CD2 . PHE A 1 98  ? -2.645  -5.666  -4.503  1.00 10.58 ? 178 PHE A CD2 1 
ATOM   758  C  CE1 . PHE A 1 98  ? -4.792  -5.170  -6.226  1.00 8.39  ? 178 PHE A CE1 1 
ATOM   759  C  CE2 . PHE A 1 98  ? -2.426  -5.560  -5.892  1.00 11.64 ? 178 PHE A CE2 1 
ATOM   760  C  CZ  . PHE A 1 98  ? -3.529  -5.300  -6.747  1.00 10.30 ? 178 PHE A CZ  1 
ATOM   761  N  N   . THR A 1 99  ? -4.430  -8.684  -3.736  1.00 9.87  ? 179 THR A N   1 
ATOM   762  C  CA  . THR A 1 99  ? -3.594  -9.612  -4.538  1.00 10.10 ? 179 THR A CA  1 
ATOM   763  C  C   . THR A 1 99  ? -3.732  -9.274  -6.005  1.00 10.15 ? 179 THR A C   1 
ATOM   764  O  O   . THR A 1 99  ? -4.758  -8.706  -6.442  1.00 9.61  ? 179 THR A O   1 
ATOM   765  C  CB  . THR A 1 99  ? -3.958  -11.116 -4.321  1.00 10.77 ? 179 THR A CB  1 
ATOM   766  O  OG1 . THR A 1 99  ? -5.164  -11.425 -5.050  1.00 12.65 ? 179 THR A OG1 1 
ATOM   767  C  CG2 . THR A 1 99  ? -4.135  -11.462 -2.827  1.00 12.20 ? 179 THR A CG2 1 
ATOM   768  N  N   . ARG A 1 100 ? -2.709  -9.627  -6.779  1.00 9.80  ? 180 ARG A N   1 
ATOM   769  C  CA  . ARG A 1 100 ? -2.760  -9.466  -8.220  1.00 10.99 ? 180 ARG A CA  1 
ATOM   770  C  C   . ARG A 1 100 ? -2.047  -10.647 -8.831  1.00 11.83 ? 180 ARG A C   1 
ATOM   771  O  O   . ARG A 1 100 ? -1.006  -11.068 -8.328  1.00 11.77 ? 180 ARG A O   1 
ATOM   772  C  CB  . ARG A 1 100 ? -2.071  -8.167  -8.654  1.00 10.25 ? 180 ARG A CB  1 
ATOM   773  C  CG  . ARG A 1 100 ? -1.928  -8.019  -10.194 1.00 10.55 ? 180 ARG A CG  1 
ATOM   774  C  CD  . ARG A 1 100 ? -1.052  -6.795  -10.547 1.00 10.64 ? 180 ARG A CD  1 
ATOM   775  N  NE  . ARG A 1 100 ? 0.367   -7.039  -10.299 1.00 13.40 ? 180 ARG A NE  1 
ATOM   776  C  CZ  . ARG A 1 100 ? 1.180   -7.703  -11.129 1.00 13.73 ? 180 ARG A CZ  1 
ATOM   777  N  NH1 . ARG A 1 100 ? 0.723   -8.187  -12.273 1.00 13.46 ? 180 ARG A NH1 1 
ATOM   778  N  NH2 . ARG A 1 100 ? 2.453   -7.878  -10.806 1.00 15.47 ? 180 ARG A NH2 1 
ATOM   779  N  N   . SER A 1 101 ? -2.624  -11.176 -9.904  1.00 13.75 ? 181 SER A N   1 
ATOM   780  C  CA  . SER A 1 101 ? -1.960  -12.187 -10.709 1.00 16.39 ? 181 SER A CA  1 
ATOM   781  C  C   . SER A 1 101 ? -2.180  -11.754 -12.145 1.00 16.03 ? 181 SER A C   1 
ATOM   782  O  O   . SER A 1 101 ? -3.303  -11.805 -12.665 1.00 17.09 ? 181 SER A O   1 
ATOM   783  C  CB  . SER A 1 101 ? -2.556  -13.562 -10.432 1.00 17.25 ? 181 SER A CB  1 
ATOM   784  O  OG  . SER A 1 101 ? -1.836  -14.581 -11.124 1.00 21.58 ? 181 SER A OG  1 
ATOM   785  N  N   . GLY A 1 102 ? -1.126  -11.255 -12.765 1.00 16.48 ? 182 GLY A N   1 
ATOM   786  C  CA  . GLY A 1 102 ? -1.236  -10.628 -14.081 1.00 16.88 ? 182 GLY A CA  1 
ATOM   787  C  C   . GLY A 1 102 ? -2.081  -9.369  -14.028 1.00 16.73 ? 182 GLY A C   1 
ATOM   788  O  O   . GLY A 1 102 ? -1.792  -8.437  -13.278 1.00 16.61 ? 182 GLY A O   1 
ATOM   789  N  N   . GLY A 1 103 ? -3.132  -9.348  -14.841 1.00 17.49 ? 183 GLY A N   1 
ATOM   790  C  CA  . GLY A 1 103 ? -4.035  -8.210  -14.921 1.00 16.89 ? 183 GLY A CA  1 
ATOM   791  C  C   . GLY A 1 103 ? -5.232  -8.326  -14.001 1.00 16.57 ? 183 GLY A C   1 
ATOM   792  O  O   . GLY A 1 103 ? -5.978  -7.351  -13.845 1.00 18.08 ? 183 GLY A O   1 
ATOM   793  N  N   . ASN A 1 104 ? -5.402  -9.499  -13.381 1.00 15.59 ? 184 ASN A N   1 
ATOM   794  C  CA  . ASN A 1 104 ? -6.520  -9.779  -12.450 1.00 15.51 ? 184 ASN A CA  1 
ATOM   795  C  C   . ASN A 1 104 ? -6.143  -9.546  -11.007 1.00 13.92 ? 184 ASN A C   1 
ATOM   796  O  O   . ASN A 1 104 ? -4.976  -9.708  -10.650 1.00 15.07 ? 184 ASN A O   1 
ATOM   797  C  CB  . ASN A 1 104 ? -6.960  -11.227 -12.592 1.00 14.56 ? 184 ASN A CB  1 
ATOM   798  C  CG  . ASN A 1 104 ? -7.320  -11.564 -14.017 1.00 16.36 ? 184 ASN A CG  1 
ATOM   799  O  OD1 . ASN A 1 104 ? -8.016  -10.802 -14.676 1.00 16.67 ? 184 ASN A OD1 1 
ATOM   800  N  ND2 . ASN A 1 104 ? -6.798  -12.684 -14.511 1.00 17.55 ? 184 ASN A ND2 1 
ATOM   801  N  N   . ALA A 1 105 ? -7.128  -9.196  -10.176 1.00 13.05 ? 185 ALA A N   1 
ATOM   802  C  CA  . ALA A 1 105 ? -6.813  -8.754  -8.825  1.00 11.36 ? 185 ALA A CA  1 
ATOM   803  C  C   . ALA A 1 105 ? -7.972  -8.982  -7.871  1.00 11.11 ? 185 ALA A C   1 
ATOM   804  O  O   . ALA A 1 105 ? -9.102  -9.174  -8.305  1.00 11.11 ? 185 ALA A O   1 
ATOM   805  C  CB  . ALA A 1 105 ? -6.401  -7.285  -8.836  1.00 11.45 ? 185 ALA A CB  1 
ATOM   806  N  N   . THR A 1 106 ? -7.678  -8.949  -6.569  1.00 9.95  ? 186 THR A N   1 
ATOM   807  C  CA  . THR A 1 106 ? -8.716  -9.035  -5.569  1.00 10.04 ? 186 THR A CA  1 
ATOM   808  C  C   . THR A 1 106 ? -8.451  -8.024  -4.451  1.00 8.71  ? 186 THR A C   1 
ATOM   809  O  O   . THR A 1 106 ? -7.312  -7.559  -4.279  1.00 8.46  ? 186 THR A O   1 
ATOM   810  C  CB  . THR A 1 106 ? -8.803  -10.441 -4.926  1.00 9.86  ? 186 THR A CB  1 
ATOM   811  O  OG1 . THR A 1 106 ? -7.646  -10.677 -4.114  1.00 11.76 ? 186 THR A OG1 1 
ATOM   812  C  CG2 . THR A 1 106 ? -8.965  -11.546 -5.980  1.00 11.54 ? 186 THR A CG2 1 
ATOM   813  N  N   . LEU A 1 107 ? -9.519  -7.656  -3.746  1.00 9.73  ? 187 LEU A N   1 
ATOM   814  C  CA  . LEU A 1 107 ? -9.415  -6.815  -2.563  1.00 9.75  ? 187 LEU A CA  1 
ATOM   815  C  C   . LEU A 1 107 ? -10.329 -7.372  -1.497  1.00 10.25 ? 187 LEU A C   1 
ATOM   816  O  O   . LEU A 1 107 ? -11.425 -7.821  -1.791  1.00 8.52  ? 187 LEU A O   1 
ATOM   817  C  CB  . LEU A 1 107 ? -9.864  -5.381  -2.859  1.00 8.66  ? 187 LEU A CB  1 
ATOM   818  C  CG  . LEU A 1 107 ? -9.609  -4.294  -1.791  1.00 11.05 ? 187 LEU A CG  1 
ATOM   819  C  CD1 . LEU A 1 107 ? -8.140  -4.045  -1.638  1.00 11.12 ? 187 LEU A CD1 1 
ATOM   820  C  CD2 . LEU A 1 107 ? -10.309 -3.028  -2.202  1.00 10.48 ? 187 LEU A CD2 1 
ATOM   821  N  N   . GLN A 1 108 ? -9.891  -7.282  -0.250  1.00 10.83 ? 188 GLN A N   1 
ATOM   822  C  CA  . GLN A 1 108 ? -10.753 -7.671  0.859   1.00 11.09 ? 188 GLN A CA  1 
ATOM   823  C  C   . GLN A 1 108 ? -10.396 -6.866  2.077   1.00 12.37 ? 188 GLN A C   1 
ATOM   824  O  O   . GLN A 1 108 ? -9.219  -6.624  2.340   1.00 12.48 ? 188 GLN A O   1 
ATOM   825  C  CB  . GLN A 1 108 ? -10.581 -9.152  1.202   1.00 12.32 ? 188 GLN A CB  1 
ATOM   826  C  CG  . GLN A 1 108 ? -11.613 -9.586  2.272   1.00 14.29 ? 188 GLN A CG  1 
ATOM   827  C  CD  . GLN A 1 108 ? -11.197 -10.754 3.100   1.00 15.09 ? 188 GLN A CD  1 
ATOM   828  O  OE1 . GLN A 1 108 ? -10.007 -11.079 3.204   1.00 14.33 ? 188 GLN A OE1 1 
ATOM   829  N  NE2 . GLN A 1 108 ? -12.179 -11.390 3.734   1.00 14.67 ? 188 GLN A NE2 1 
ATOM   830  N  N   . VAL A 1 109 ? -11.421 -6.493  2.835   1.00 11.24 ? 189 VAL A N   1 
ATOM   831  C  CA  . VAL A 1 109 ? -11.255 -5.803  4.109   1.00 11.72 ? 189 VAL A CA  1 
ATOM   832  C  C   . VAL A 1 109 ? -11.788 -6.710  5.201   1.00 11.02 ? 189 VAL A C   1 
ATOM   833  O  O   . VAL A 1 109 ? -12.912 -7.247  5.091   1.00 11.21 ? 189 VAL A O   1 
ATOM   834  C  CB  . VAL A 1 109 ? -11.998 -4.458  4.130   1.00 12.25 ? 189 VAL A CB  1 
ATOM   835  C  CG1 . VAL A 1 109 ? -11.917 -3.811  5.511   1.00 13.55 ? 189 VAL A CG1 1 
ATOM   836  C  CG2 . VAL A 1 109 ? -11.395 -3.507  3.067   1.00 13.69 ? 189 VAL A CG2 1 
ATOM   837  N  N   . ASP A 1 110 ? -10.983 -6.901  6.243   1.00 11.29 ? 190 ASP A N   1 
ATOM   838  C  CA  . ASP A 1 110 ? -11.454 -7.596  7.450   1.00 11.18 ? 190 ASP A CA  1 
ATOM   839  C  C   . ASP A 1 110 ? -12.047 -8.940  7.030   1.00 11.77 ? 190 ASP A C   1 
ATOM   840  O  O   . ASP A 1 110 ? -11.347 -9.712  6.364   1.00 12.61 ? 190 ASP A O   1 
ATOM   841  C  CB  . ASP A 1 110 ? -12.448 -6.707  8.218   1.00 12.02 ? 190 ASP A CB  1 
ATOM   842  C  CG  . ASP A 1 110 ? -11.778 -5.492  8.845   1.00 13.35 ? 190 ASP A CG  1 
ATOM   843  O  OD1 . ASP A 1 110 ? -10.557 -5.540  9.085   1.00 13.89 ? 190 ASP A OD1 1 
ATOM   844  O  OD2 . ASP A 1 110 ? -12.484 -4.493  9.080   1.00 15.83 ? 190 ASP A OD2 1 
ATOM   845  N  N   A SER A 1 111 ? -13.299 -9.215  7.409   0.50 11.55 ? 191 SER A N   1 
ATOM   846  N  N   B SER A 1 111 ? -13.298 -9.219  7.397   0.50 11.35 ? 191 SER A N   1 
ATOM   847  C  CA  A SER A 1 111 ? -13.959 -10.474 7.035   0.50 12.26 ? 191 SER A CA  1 
ATOM   848  C  CA  B SER A 1 111 ? -13.934 -10.483 7.013   0.50 11.83 ? 191 SER A CA  1 
ATOM   849  C  C   A SER A 1 111 ? -15.101 -10.256 6.042   0.50 12.19 ? 191 SER A C   1 
ATOM   850  C  C   B SER A 1 111 ? -15.078 -10.272 6.020   0.50 11.96 ? 191 SER A C   1 
ATOM   851  O  O   A SER A 1 111 ? -16.050 -11.062 5.962   0.50 12.43 ? 191 SER A O   1 
ATOM   852  O  O   B SER A 1 111 ? -16.009 -11.095 5.927   0.50 12.22 ? 191 SER A O   1 
ATOM   853  C  CB  A SER A 1 111 ? -14.446 -11.245 8.273   0.50 12.47 ? 191 SER A CB  1 
ATOM   854  C  CB  B SER A 1 111 ? -14.420 -11.253 8.247   0.50 11.96 ? 191 SER A CB  1 
ATOM   855  O  OG  A SER A 1 111 ? -13.388 -11.467 9.183   0.50 13.68 ? 191 SER A OG  1 
ATOM   856  O  OG  B SER A 1 111 ? -15.492 -10.556 8.850   0.50 11.45 ? 191 SER A OG  1 
ATOM   857  N  N   . TRP A 1 112 ? -15.016 -9.159  5.286   1.00 11.39 ? 192 TRP A N   1 
ATOM   858  C  CA  . TRP A 1 112 ? -15.990 -8.864  4.248   1.00 11.19 ? 192 TRP A CA  1 
ATOM   859  C  C   . TRP A 1 112 ? -15.729 -9.741  3.023   1.00 11.44 ? 192 TRP A C   1 
ATOM   860  O  O   . TRP A 1 112 ? -14.636 -10.273 2.852   1.00 11.98 ? 192 TRP A O   1 
ATOM   861  C  CB  . TRP A 1 112 ? -15.945 -7.380  3.843   1.00 11.90 ? 192 TRP A CB  1 
ATOM   862  C  CG  . TRP A 1 112 ? -16.553 -6.465  4.872   1.00 11.40 ? 192 TRP A CG  1 
ATOM   863  C  CD1 . TRP A 1 112 ? -15.993 -6.074  6.048   1.00 13.17 ? 192 TRP A CD1 1 
ATOM   864  C  CD2 . TRP A 1 112 ? -17.846 -5.839  4.811   1.00 12.47 ? 192 TRP A CD2 1 
ATOM   865  N  NE1 . TRP A 1 112 ? -16.854 -5.228  6.723   1.00 14.36 ? 192 TRP A NE1 1 
ATOM   866  C  CE2 . TRP A 1 112 ? -17.998 -5.080  5.984   1.00 11.35 ? 192 TRP A CE2 1 
ATOM   867  C  CE3 . TRP A 1 112 ? -18.881 -5.842  3.872   1.00 14.03 ? 192 TRP A CE3 1 
ATOM   868  C  CZ2 . TRP A 1 112 ? -19.152 -4.325  6.249   1.00 12.13 ? 192 TRP A CZ2 1 
ATOM   869  C  CZ3 . TRP A 1 112 ? -20.043 -5.085  4.141   1.00 13.59 ? 192 TRP A CZ3 1 
ATOM   870  C  CH2 . TRP A 1 112 ? -20.153 -4.342  5.318   1.00 11.85 ? 192 TRP A CH2 1 
ATOM   871  N  N   . PRO A 1 113 ? -16.742 -9.941  2.182   1.00 12.48 ? 193 PRO A N   1 
ATOM   872  C  CA  . PRO A 1 113 ? -16.502 -10.741 0.973   1.00 12.70 ? 193 PRO A CA  1 
ATOM   873  C  C   . PRO A 1 113 ? -15.352 -10.210 0.136   1.00 12.67 ? 193 PRO A C   1 
ATOM   874  O  O   . PRO A 1 113 ? -15.186 -9.006  -0.007  1.00 12.78 ? 193 PRO A O   1 
ATOM   875  C  CB  . PRO A 1 113 ? -17.796 -10.583 0.201   1.00 12.72 ? 193 PRO A CB  1 
ATOM   876  C  CG  . PRO A 1 113 ? -18.851 -10.470 1.334   1.00 14.33 ? 193 PRO A CG  1 
ATOM   877  C  CD  . PRO A 1 113 ? -18.156 -9.541  2.305   1.00 12.77 ? 193 PRO A CD  1 
ATOM   878  N  N   . VAL A 1 114 ? -14.580 -11.132 -0.418  1.00 12.44 ? 194 VAL A N   1 
ATOM   879  C  CA  . VAL A 1 114 ? -13.516 -10.799 -1.361  1.00 12.61 ? 194 VAL A CA  1 
ATOM   880  C  C   . VAL A 1 114 ? -14.142 -10.253 -2.646  1.00 12.78 ? 194 VAL A C   1 
ATOM   881  O  O   . VAL A 1 114 ? -15.142 -10.799 -3.155  1.00 13.00 ? 194 VAL A O   1 
ATOM   882  C  CB  . VAL A 1 114 ? -12.665 -12.060 -1.637  1.00 12.93 ? 194 VAL A CB  1 
ATOM   883  C  CG1 . VAL A 1 114 ? -11.566 -11.786 -2.693  1.00 14.82 ? 194 VAL A CG1 1 
ATOM   884  C  CG2 . VAL A 1 114 ? -12.047 -12.537 -0.325  1.00 12.37 ? 194 VAL A CG2 1 
ATOM   885  N  N   . ILE A 1 115 ? -13.554 -9.173  -3.149  1.00 11.54 ? 195 ILE A N   1 
ATOM   886  C  CA  . ILE A 1 115 ? -13.923 -8.572  -4.405  1.00 12.29 ? 195 ILE A CA  1 
ATOM   887  C  C   . ILE A 1 115 ? -12.936 -9.061  -5.461  1.00 12.47 ? 195 ILE A C   1 
ATOM   888  O  O   . ILE A 1 115 ? -11.722 -8.908  -5.306  1.00 13.01 ? 195 ILE A O   1 
ATOM   889  C  CB  . ILE A 1 115 ? -13.894 -7.034  -4.295  1.00 11.48 ? 195 ILE A CB  1 
ATOM   890  C  CG1 . ILE A 1 115 ? -14.699 -6.571  -3.064  1.00 12.92 ? 195 ILE A CG1 1 
ATOM   891  C  CG2 . ILE A 1 115 ? -14.341 -6.381  -5.627  1.00 13.28 ? 195 ILE A CG2 1 
ATOM   892  C  CD1 . ILE A 1 115 ? -14.483 -5.077  -2.674  1.00 13.02 ? 195 ILE A CD1 1 
ATOM   893  N  N   . GLU A 1 116 ? -13.465 -9.690  -6.506  1.00 12.48 ? 196 GLU A N   1 
ATOM   894  C  CA  . GLU A 1 116 ? -12.618 -10.261 -7.558  1.00 13.56 ? 196 GLU A CA  1 
ATOM   895  C  C   . GLU A 1 116 ? -12.814 -9.496  -8.840  1.00 13.23 ? 196 GLU A C   1 
ATOM   896  O  O   . GLU A 1 116 ? -13.943 -9.428  -9.375  1.00 14.05 ? 196 GLU A O   1 
ATOM   897  C  CB  . GLU A 1 116 ? -12.993 -11.696 -7.826  1.00 13.40 ? 196 GLU A CB  1 
ATOM   898  C  CG  . GLU A 1 116 ? -13.006 -12.593 -6.645  1.00 18.46 ? 196 GLU A CG  1 
ATOM   899  C  CD  . GLU A 1 116 ? -13.314 -13.989 -7.086  1.00 24.08 ? 196 GLU A CD  1 
ATOM   900  O  OE1 . GLU A 1 116 ? -14.458 -14.439 -6.881  1.00 27.19 ? 196 GLU A OE1 1 
ATOM   901  O  OE2 . GLU A 1 116 ? -12.432 -14.600 -7.704  1.00 24.31 ? 196 GLU A OE2 1 
ATOM   902  N  N   . ARG A 1 117 ? -11.727 -8.932  -9.342  1.00 13.81 ? 197 ARG A N   1 
ATOM   903  C  CA  . ARG A 1 117 ? -11.747 -8.107  -10.547 1.00 14.27 ? 197 ARG A CA  1 
ATOM   904  C  C   . ARG A 1 117 ? -11.037 -8.834  -11.679 1.00 15.41 ? 197 ARG A C   1 
ATOM   905  O  O   . ARG A 1 117 ? -9.847  -9.166  -11.579 1.00 15.49 ? 197 ARG A O   1 
ATOM   906  C  CB  . ARG A 1 117 ? -11.058 -6.745  -10.304 1.00 14.51 ? 197 ARG A CB  1 
ATOM   907  C  CG  . ARG A 1 117 ? -10.966 -5.854  -11.567 1.00 14.57 ? 197 ARG A CG  1 
ATOM   908  C  CD  . ARG A 1 117 ? -12.345 -5.492  -12.154 1.00 15.69 ? 197 ARG A CD  1 
ATOM   909  N  NE  . ARG A 1 117 ? -13.233 -4.994  -11.107 1.00 15.45 ? 197 ARG A NE  1 
ATOM   910  C  CZ  . ARG A 1 117 ? -13.115 -3.803  -10.532 1.00 14.10 ? 197 ARG A CZ  1 
ATOM   911  N  NH1 . ARG A 1 117 ? -12.164 -2.963  -10.941 1.00 14.73 ? 197 ARG A NH1 1 
ATOM   912  N  NH2 . ARG A 1 117 ? -13.955 -3.456  -9.562  1.00 16.33 ? 197 ARG A NH2 1 
ATOM   913  N  N   . TYR A 1 118 ? -11.782 -9.062  -12.758 1.00 17.40 ? 198 TYR A N   1 
ATOM   914  C  CA  . TYR A 1 118 ? -11.224 -9.644  -13.980 1.00 18.46 ? 198 TYR A CA  1 
ATOM   915  C  C   . TYR A 1 118 ? -11.374 -8.667  -15.148 1.00 19.12 ? 198 TYR A C   1 
ATOM   916  O  O   . TYR A 1 118 ? -12.375 -8.731  -15.873 1.00 19.73 ? 198 TYR A O   1 
ATOM   917  C  CB  . TYR A 1 118 ? -11.936 -10.950 -14.277 1.00 18.91 ? 198 TYR A CB  1 
ATOM   918  C  CG  . TYR A 1 118 ? -11.597 -12.025 -13.282 1.00 19.10 ? 198 TYR A CG  1 
ATOM   919  C  CD1 . TYR A 1 118 ? -12.466 -12.323 -12.236 1.00 19.97 ? 198 TYR A CD1 1 
ATOM   920  C  CD2 . TYR A 1 118 ? -10.390 -12.718 -13.368 1.00 19.96 ? 198 TYR A CD2 1 
ATOM   921  C  CE1 . TYR A 1 118 ? -12.155 -13.307 -11.306 1.00 20.69 ? 198 TYR A CE1 1 
ATOM   922  C  CE2 . TYR A 1 118 ? -10.058 -13.704 -12.439 1.00 21.13 ? 198 TYR A CE2 1 
ATOM   923  C  CZ  . TYR A 1 118 ? -10.954 -13.995 -11.412 1.00 21.97 ? 198 TYR A CZ  1 
ATOM   924  O  OH  . TYR A 1 118 ? -10.643 -14.972 -10.484 1.00 24.64 ? 198 TYR A OH  1 
ATOM   925  N  N   . PRO A 1 119 ? -10.400 -7.752  -15.335 1.00 20.00 ? 199 PRO A N   1 
ATOM   926  C  CA  . PRO A 1 119 ? -10.571 -6.738  -16.379 1.00 20.32 ? 199 PRO A CA  1 
ATOM   927  C  C   . PRO A 1 119 ? -10.543 -7.332  -17.790 1.00 21.17 ? 199 PRO A C   1 
ATOM   928  O  O   . PRO A 1 119 ? -9.855  -8.318  -18.037 1.00 20.96 ? 199 PRO A O   1 
ATOM   929  C  CB  . PRO A 1 119 ? -9.387  -5.786  -16.153 1.00 19.96 ? 199 PRO A CB  1 
ATOM   930  C  CG  . PRO A 1 119 ? -8.919  -6.083  -14.736 1.00 20.80 ? 199 PRO A CG  1 
ATOM   931  C  CD  . PRO A 1 119 ? -9.124  -7.565  -14.617 1.00 19.34 ? 199 PRO A CD  1 
ATOM   932  N  N   . ALA A 1 120 ? -11.313 -6.711  -18.682 1.00 22.02 ? 200 ALA A N   1 
ATOM   933  C  CA  . ALA A 1 120 ? -11.472 -7.147  -20.059 1.00 22.54 ? 200 ALA A CA  1 
ATOM   934  C  C   . ALA A 1 120 ? -10.293 -6.762  -20.943 1.00 23.20 ? 200 ALA A C   1 
ATOM   935  O  O   . ALA A 1 120 ? -9.539  -5.833  -20.630 1.00 23.38 ? 200 ALA A O   1 
ATOM   936  C  CB  . ALA A 1 120 ? -12.763 -6.570  -20.634 1.00 22.87 ? 200 ALA A CB  1 
ATOM   937  N  N   . GLY A 1 121 ? -10.153 -7.474  -22.059 1.00 23.02 ? 201 GLY A N   1 
ATOM   938  C  CA  . GLY A 1 121 ? -9.230  -7.081  -23.124 1.00 24.47 ? 201 GLY A CA  1 
ATOM   939  C  C   . GLY A 1 121 ? -7.781  -7.389  -22.820 1.00 24.07 ? 201 GLY A C   1 
ATOM   940  O  O   . GLY A 1 121 ? -7.471  -8.108  -21.856 1.00 24.53 ? 201 GLY A O   1 
ATOM   941  N  N   . ARG A 1 122 ? -6.892  -6.840  -23.641 1.00 24.59 ? 202 ARG A N   1 
ATOM   942  C  CA  . ARG A 1 122 ? -5.454  -6.987  -23.424 1.00 24.35 ? 202 ARG A CA  1 
ATOM   943  C  C   . ARG A 1 122 ? -5.042  -6.409  -22.086 1.00 24.00 ? 202 ARG A C   1 
ATOM   944  O  O   . ARG A 1 122 ? -5.379  -5.269  -21.760 1.00 24.97 ? 202 ARG A O   1 
ATOM   945  C  CB  . ARG A 1 122 ? -4.644  -6.286  -24.523 1.00 25.02 ? 202 ARG A CB  1 
ATOM   946  C  CG  . ARG A 1 122 ? -3.116  -6.467  -24.360 1.00 25.61 ? 202 ARG A CG  1 
ATOM   947  C  CD  . ARG A 1 122 ? -2.377  -6.292  -25.675 1.00 27.55 ? 202 ARG A CD  1 
ATOM   948  N  NE  . ARG A 1 122 ? -0.921  -6.404  -25.534 1.00 29.11 ? 202 ARG A NE  1 
ATOM   949  C  CZ  . ARG A 1 122 ? -0.112  -5.373  -25.282 1.00 30.09 ? 202 ARG A CZ  1 
ATOM   950  N  NH1 . ARG A 1 122 ? -0.611  -4.150  -25.127 1.00 29.01 ? 202 ARG A NH1 1 
ATOM   951  N  NH2 . ARG A 1 122 ? 1.204   -5.564  -25.190 1.00 28.68 ? 202 ARG A NH2 1 
ATOM   952  N  N   . GLN A 1 123 ? -4.297  -7.195  -21.326 1.00 23.05 ? 203 GLN A N   1 
ATOM   953  C  CA  . GLN A 1 123 ? -3.749  -6.716  -20.068 1.00 22.72 ? 203 GLN A CA  1 
ATOM   954  C  C   . GLN A 1 123 ? -2.307  -7.160  -20.001 1.00 22.52 ? 203 GLN A C   1 
ATOM   955  O  O   . GLN A 1 123 ? -1.971  -8.293  -20.391 1.00 22.55 ? 203 GLN A O   1 
ATOM   956  C  CB  . GLN A 1 123 ? -4.530  -7.257  -18.862 1.00 22.29 ? 203 GLN A CB  1 
ATOM   957  C  CG  . GLN A 1 123 ? -6.026  -6.858  -18.791 1.00 23.38 ? 203 GLN A CG  1 
ATOM   958  C  CD  . GLN A 1 123 ? -6.278  -5.365  -18.549 1.00 24.27 ? 203 GLN A CD  1 
ATOM   959  O  OE1 . GLN A 1 123 ? -5.470  -4.664  -17.914 1.00 23.63 ? 203 GLN A OE1 1 
ATOM   960  N  NE2 . GLN A 1 123 ? -7.411  -4.869  -19.070 1.00 22.19 ? 203 GLN A NE2 1 
ATOM   961  N  N   . LEU A 1 124 ? -1.450  -6.248  -19.554 1.00 22.26 ? 204 LEU A N   1 
ATOM   962  C  CA  . LEU A 1 124 ? -0.061  -6.594  -19.256 1.00 21.46 ? 204 LEU A CA  1 
ATOM   963  C  C   . LEU A 1 124 ? -0.011  -7.239  -17.872 1.00 20.81 ? 204 LEU A C   1 
ATOM   964  O  O   . LEU A 1 124 ? -0.985  -7.165  -17.107 1.00 19.69 ? 204 LEU A O   1 
ATOM   965  C  CB  . LEU A 1 124 ? 0.849   -5.369  -19.380 1.00 21.17 ? 204 LEU A CB  1 
ATOM   966  C  CG  . LEU A 1 124 ? 0.932   -4.848  -20.819 1.00 22.71 ? 204 LEU A CG  1 
ATOM   967  C  CD1 . LEU A 1 124 ? 1.877   -3.664  -20.916 1.00 22.81 ? 204 LEU A CD1 1 
ATOM   968  C  CD2 . LEU A 1 124 ? 1.364   -5.948  -21.781 1.00 24.44 ? 204 LEU A CD2 1 
ATOM   969  N  N   . THR A 1 125 ? 1.100   -7.906  -17.563 1.00 19.19 ? 205 THR A N   1 
ATOM   970  C  CA  . THR A 1 125 ? 1.119   -8.825  -16.434 1.00 19.44 ? 205 THR A CA  1 
ATOM   971  C  C   . THR A 1 125 ? 2.279   -8.608  -15.455 1.00 17.74 ? 205 THR A C   1 
ATOM   972  O  O   . THR A 1 125 ? 2.261   -9.186  -14.367 1.00 18.87 ? 205 THR A O   1 
ATOM   973  C  CB  . THR A 1 125 ? 1.187   -10.311 -16.893 1.00 19.63 ? 205 THR A CB  1 
ATOM   974  O  OG1 . THR A 1 125 ? 2.427   -10.540 -17.587 1.00 20.69 ? 205 THR A OG1 1 
ATOM   975  C  CG2 . THR A 1 125 ? 0.020   -10.648 -17.813 1.00 20.68 ? 205 THR A CG2 1 
ATOM   976  N  N   . ILE A 1 126 ? 3.266   -7.811  -15.855 1.00 16.83 ? 206 ILE A N   1 
ATOM   977  C  CA  . ILE A 1 126 ? 4.462   -7.549  -15.034 1.00 15.03 ? 206 ILE A CA  1 
ATOM   978  C  C   . ILE A 1 126 ? 4.426   -6.176  -14.356 1.00 13.55 ? 206 ILE A C   1 
ATOM   979  O  O   . ILE A 1 126 ? 4.242   -5.157  -15.017 1.00 12.79 ? 206 ILE A O   1 
ATOM   980  C  CB  . ILE A 1 126 ? 5.744   -7.602  -15.895 1.00 15.39 ? 206 ILE A CB  1 
ATOM   981  C  CG1 . ILE A 1 126 ? 5.828   -8.931  -16.635 1.00 14.96 ? 206 ILE A CG1 1 
ATOM   982  C  CG2 . ILE A 1 126 ? 7.005   -7.403  -15.029 1.00 14.79 ? 206 ILE A CG2 1 
ATOM   983  C  CD1 . ILE A 1 126 ? 7.019   -9.028  -17.586 1.00 16.79 ? 206 ILE A CD1 1 
ATOM   984  N  N   . PHE A 1 127 ? 4.614   -6.154  -13.039 1.00 12.32 ? 207 PHE A N   1 
ATOM   985  C  CA  . PHE A 1 127 ? 4.799   -4.889  -12.321 1.00 11.46 ? 207 PHE A CA  1 
ATOM   986  C  C   . PHE A 1 127 ? 6.289   -4.579  -12.359 1.00 12.06 ? 207 PHE A C   1 
ATOM   987  O  O   . PHE A 1 127 ? 7.068   -5.133  -11.590 1.00 11.89 ? 207 PHE A O   1 
ATOM   988  C  CB  . PHE A 1 127 ? 4.257   -5.013  -10.884 1.00 11.22 ? 207 PHE A CB  1 
ATOM   989  C  CG  . PHE A 1 127 ? 4.329   -3.738  -10.071 1.00 10.92 ? 207 PHE A CG  1 
ATOM   990  C  CD1 . PHE A 1 127 ? 4.705   -2.511  -10.645 1.00 10.60 ? 207 PHE A CD1 1 
ATOM   991  C  CD2 . PHE A 1 127 ? 3.928   -3.757  -8.732  1.00 11.78 ? 207 PHE A CD2 1 
ATOM   992  C  CE1 . PHE A 1 127 ? 4.756   -1.333  -9.870  1.00 12.51 ? 207 PHE A CE1 1 
ATOM   993  C  CE2 . PHE A 1 127 ? 3.969   -2.580  -7.949  1.00 9.57  ? 207 PHE A CE2 1 
ATOM   994  C  CZ  . PHE A 1 127 ? 4.372   -1.376  -8.522  1.00 12.01 ? 207 PHE A CZ  1 
ATOM   995  N  N   . ASN A 1 128 ? 6.675   -3.717  -13.294 1.00 12.02 ? 208 ASN A N   1 
ATOM   996  C  CA  . ASN A 1 128 ? 8.073   -3.565  -13.691 1.00 13.02 ? 208 ASN A CA  1 
ATOM   997  C  C   . ASN A 1 128 ? 8.898   -2.735  -12.759 1.00 12.70 ? 208 ASN A C   1 
ATOM   998  O  O   . ASN A 1 128 ? 8.432   -1.693  -12.317 1.00 13.74 ? 208 ASN A O   1 
ATOM   999  C  CB  . ASN A 1 128 ? 8.143   -2.844  -15.050 1.00 13.82 ? 208 ASN A CB  1 
ATOM   1000 C  CG  . ASN A 1 128 ? 7.745   -3.731  -16.199 1.00 15.89 ? 208 ASN A CG  1 
ATOM   1001 O  OD1 . ASN A 1 128 ? 6.561   -3.926  -16.488 1.00 16.66 ? 208 ASN A OD1 1 
ATOM   1002 N  ND2 . ASN A 1 128 ? 8.750   -4.286  -16.873 1.00 18.96 ? 208 ASN A ND2 1 
ATOM   1003 N  N   . SER A 1 129 ? 10.122  -3.217  -12.482 1.00 12.77 ? 209 SER A N   1 
ATOM   1004 C  CA  A SER A 1 129 ? 11.180  -2.440  -11.857 0.50 12.03 ? 209 SER A CA  1 
ATOM   1005 C  CA  B SER A 1 129 ? 11.182  -2.440  -11.839 0.50 12.32 ? 209 SER A CA  1 
ATOM   1006 C  C   . SER A 1 129 ? 10.677  -1.598  -10.675 1.00 11.71 ? 209 SER A C   1 
ATOM   1007 O  O   . SER A 1 129 ? 10.728  -0.363  -10.702 1.00 12.65 ? 209 SER A O   1 
ATOM   1008 C  CB  A SER A 1 129 ? 11.880  -1.560  -12.912 0.50 13.06 ? 209 SER A CB  1 
ATOM   1009 C  CB  B SER A 1 129 ? 11.906  -1.533  -12.849 0.50 13.34 ? 209 SER A CB  1 
ATOM   1010 O  OG  A SER A 1 129 ? 12.386  -2.361  -13.982 0.50 12.58 ? 209 SER A OG  1 
ATOM   1011 O  OG  B SER A 1 129 ? 13.189  -1.171  -12.360 0.50 14.72 ? 209 SER A OG  1 
ATOM   1012 N  N   . GLN A 1 130 ? 10.200  -2.268  -9.638  1.00 10.87 ? 210 GLN A N   1 
ATOM   1013 C  CA  . GLN A 1 130 ? 9.682   -1.553  -8.471  1.00 10.70 ? 210 GLN A CA  1 
ATOM   1014 C  C   . GLN A 1 130 ? 10.843  -0.847  -7.752  1.00 10.72 ? 210 GLN A C   1 
ATOM   1015 O  O   . GLN A 1 130 ? 11.874  -1.457  -7.467  1.00 11.11 ? 210 GLN A O   1 
ATOM   1016 C  CB  . GLN A 1 130 ? 8.942   -2.535  -7.566  1.00 9.64  ? 210 GLN A CB  1 
ATOM   1017 C  CG  . GLN A 1 130 ? 7.720   -3.120  -8.277  1.00 11.76 ? 210 GLN A CG  1 
ATOM   1018 C  CD  . GLN A 1 130 ? 7.354   -4.497  -7.801  1.00 11.89 ? 210 GLN A CD  1 
ATOM   1019 O  OE1 . GLN A 1 130 ? 7.026   -5.408  -8.614  1.00 15.10 ? 210 GLN A OE1 1 
ATOM   1020 N  NE2 . GLN A 1 130 ? 7.346   -4.668  -6.494  1.00 11.41 ? 210 GLN A NE2 1 
ATOM   1021 N  N   . ALA A 1 131 ? 10.669  0.441   -7.491  1.00 10.13 ? 211 ALA A N   1 
ATOM   1022 C  CA  . ALA A 1 131 ? 11.738  1.295   -7.014  1.00 10.37 ? 211 ALA A CA  1 
ATOM   1023 C  C   . ALA A 1 131 ? 11.587  1.738   -5.564  1.00 10.95 ? 211 ALA A C   1 
ATOM   1024 O  O   . ALA A 1 131 ? 12.570  1.820   -4.838  1.00 10.95 ? 211 ALA A O   1 
ATOM   1025 C  CB  . ALA A 1 131 ? 11.880  2.506   -7.920  1.00 11.19 ? 211 ALA A CB  1 
ATOM   1026 N  N   . THR A 1 132 ? 10.360  2.057   -5.157  1.00 10.83 ? 212 THR A N   1 
ATOM   1027 C  CA  . THR A 1 132 ? 10.136  2.579   -3.801  1.00 10.77 ? 212 THR A CA  1 
ATOM   1028 C  C   . THR A 1 132 ? 8.787   2.098   -3.287  1.00 10.54 ? 212 THR A C   1 
ATOM   1029 O  O   . THR A 1 132 ? 7.858   1.924   -4.078  1.00 9.90  ? 212 THR A O   1 
ATOM   1030 C  CB  . THR A 1 132 ? 10.120  4.118   -3.774  1.00 11.71 ? 212 THR A CB  1 
ATOM   1031 O  OG1 . THR A 1 132 ? 9.184   4.618   -4.753  1.00 12.48 ? 212 THR A OG1 1 
ATOM   1032 C  CG2 . THR A 1 132 ? 11.504  4.697   -4.074  1.00 13.43 ? 212 THR A CG2 1 
ATOM   1033 N  N   . ILE A 1 133 ? 8.706   1.871   -1.972  1.00 9.64  ? 213 ILE A N   1 
ATOM   1034 C  CA  . ILE A 1 133 ? 7.407   1.731   -1.278  1.00 10.34 ? 213 ILE A CA  1 
ATOM   1035 C  C   . ILE A 1 133 ? 7.313   2.970   -0.434  1.00 9.79  ? 213 ILE A C   1 
ATOM   1036 O  O   . ILE A 1 133 ? 8.160   3.206   0.418   1.00 9.89  ? 213 ILE A O   1 
ATOM   1037 C  CB  . ILE A 1 133 ? 7.316   0.468   -0.373  1.00 10.93 ? 213 ILE A CB  1 
ATOM   1038 C  CG1 . ILE A 1 133 ? 7.767   -0.780  -1.116  1.00 11.66 ? 213 ILE A CG1 1 
ATOM   1039 C  CG2 . ILE A 1 133 ? 5.865   0.286   0.161   1.00 12.07 ? 213 ILE A CG2 1 
ATOM   1040 C  CD1 . ILE A 1 133 ? 8.046   -1.952  -0.205  1.00 11.91 ? 213 ILE A CD1 1 
ATOM   1041 N  N   . ILE A 1 134 ? 6.295   3.788   -0.663  1.00 9.35  ? 214 ILE A N   1 
ATOM   1042 C  CA  . ILE A 1 134 ? 6.101   4.948   0.201   1.00 10.87 ? 214 ILE A CA  1 
ATOM   1043 C  C   . ILE A 1 134 ? 4.879   4.717   1.068   1.00 10.31 ? 214 ILE A C   1 
ATOM   1044 O  O   . ILE A 1 134 ? 3.892   4.136   0.614   1.00 10.82 ? 214 ILE A O   1 
ATOM   1045 C  CB  . ILE A 1 134 ? 6.002   6.268   -0.567  1.00 10.80 ? 214 ILE A CB  1 
ATOM   1046 C  CG1 . ILE A 1 134 ? 4.818   6.251   -1.562  1.00 12.08 ? 214 ILE A CG1 1 
ATOM   1047 C  CG2 . ILE A 1 134 ? 7.345   6.556   -1.236  1.00 13.25 ? 214 ILE A CG2 1 
ATOM   1048 C  CD1 . ILE A 1 134 ? 4.766   7.482   -2.461  1.00 13.33 ? 214 ILE A CD1 1 
ATOM   1049 N  N   . ILE A 1 135 ? 4.973   5.138   2.324   1.00 10.16 ? 215 ILE A N   1 
ATOM   1050 C  CA  . ILE A 1 135 ? 3.964   4.745   3.323   1.00 10.00 ? 215 ILE A CA  1 
ATOM   1051 C  C   . ILE A 1 135 ? 3.523   5.989   4.065   1.00 10.49 ? 215 ILE A C   1 
ATOM   1052 O  O   . ILE A 1 135 ? 4.352   6.660   4.653   1.00 10.98 ? 215 ILE A O   1 
ATOM   1053 C  CB  . ILE A 1 135 ? 4.532   3.741   4.354   1.00 10.73 ? 215 ILE A CB  1 
ATOM   1054 C  CG1 . ILE A 1 135 ? 5.047   2.469   3.653   1.00 12.14 ? 215 ILE A CG1 1 
ATOM   1055 C  CG2 . ILE A 1 135 ? 3.469   3.420   5.422   1.00 10.62 ? 215 ILE A CG2 1 
ATOM   1056 C  CD1 . ILE A 1 135 ? 6.274   1.858   4.318   1.00 13.80 ? 215 ILE A CD1 1 
ATOM   1057 N  N   . GLY A 1 136 ? 2.220   6.268   4.048   1.00 10.31 ? 216 GLY A N   1 
ATOM   1058 C  CA  . GLY A 1 136 ? 1.644   7.389   4.819   1.00 10.88 ? 216 GLY A CA  1 
ATOM   1059 C  C   . GLY A 1 136 ? 1.458   8.668   4.030   1.00 11.49 ? 216 GLY A C   1 
ATOM   1060 O  O   . GLY A 1 136 ? 0.916   9.651   4.528   1.00 11.08 ? 216 GLY A O   1 
ATOM   1061 N  N   . GLY A 1 137 ? 1.919   8.661   2.789   1.00 12.32 ? 217 GLY A N   1 
ATOM   1062 C  CA  . GLY A 1 137 ? 1.713   9.803   1.913   1.00 13.94 ? 217 GLY A CA  1 
ATOM   1063 C  C   . GLY A 1 137 ? 2.422   9.671   0.586   1.00 14.27 ? 217 GLY A C   1 
ATOM   1064 O  O   . GLY A 1 137 ? 3.184   8.721   0.345   1.00 15.59 ? 217 GLY A O   1 
ATOM   1065 N  N   . LYS A 1 138 ? 2.160   10.623  -0.296  1.00 13.59 ? 218 LYS A N   1 
ATOM   1066 C  CA  . LYS A 1 138 ? 2.840   10.645  -1.577  1.00 13.00 ? 218 LYS A CA  1 
ATOM   1067 C  C   . LYS A 1 138 ? 2.777   12.058  -2.121  1.00 14.34 ? 218 LYS A C   1 
ATOM   1068 O  O   . LYS A 1 138 ? 1.926   12.829  -1.719  1.00 13.77 ? 218 LYS A O   1 
ATOM   1069 C  CB  . LYS A 1 138 ? 2.164   9.687   -2.560  1.00 13.07 ? 218 LYS A CB  1 
ATOM   1070 C  CG  . LYS A 1 138 ? 0.786   10.178  -3.038  1.00 11.31 ? 218 LYS A CG  1 
ATOM   1071 C  CD  . LYS A 1 138 ? 0.226   9.382   -4.216  1.00 12.72 ? 218 LYS A CD  1 
ATOM   1072 C  CE  . LYS A 1 138 ? -1.127  9.958   -4.631  1.00 11.00 ? 218 LYS A CE  1 
ATOM   1073 N  NZ  . LYS A 1 138 ? -1.734  9.253   -5.769  1.00 14.39 ? 218 LYS A NZ  1 
ATOM   1074 N  N   . GLU A 1 139 ? 3.662   12.380  -3.061  1.00 14.38 ? 219 GLU A N   1 
ATOM   1075 C  CA  . GLU A 1 139 ? 3.522   13.608  -3.812  1.00 15.22 ? 219 GLU A CA  1 
ATOM   1076 C  C   . GLU A 1 139 ? 2.150   13.578  -4.507  1.00 15.81 ? 219 GLU A C   1 
ATOM   1077 O  O   . GLU A 1 139 ? 1.737   12.534  -5.011  1.00 15.81 ? 219 GLU A O   1 
ATOM   1078 C  CB  . GLU A 1 139 ? 4.651   13.758  -4.832  1.00 15.42 ? 219 GLU A CB  1 
ATOM   1079 C  CG  . GLU A 1 139 ? 4.547   15.097  -5.598  1.00 18.36 ? 219 GLU A CG  1 
ATOM   1080 C  CD  . GLU A 1 139 ? 5.707   15.403  -6.495  1.00 21.92 ? 219 GLU A CD  1 
ATOM   1081 O  OE1 . GLU A 1 139 ? 6.769   15.801  -5.991  1.00 18.67 ? 219 GLU A OE1 1 
ATOM   1082 O  OE2 . GLU A 1 139 ? 5.550   15.280  -7.722  1.00 24.94 ? 219 GLU A OE2 1 
ATOM   1083 N  N   . GLN A 1 140 ? 1.431   14.700  -4.461  1.00 16.51 ? 220 GLN A N   1 
ATOM   1084 C  CA  . GLN A 1 140 ? 0.103   14.820  -5.103  1.00 17.82 ? 220 GLN A CA  1 
ATOM   1085 C  C   . GLN A 1 140 ? -0.996  14.040  -4.375  1.00 16.47 ? 220 GLN A C   1 
ATOM   1086 O  O   . GLN A 1 140 ? -2.086  13.850  -4.907  1.00 17.13 ? 220 GLN A O   1 
ATOM   1087 C  CB  . GLN A 1 140 ? 0.147   14.458  -6.596  1.00 17.86 ? 220 GLN A CB  1 
ATOM   1088 C  CG  . GLN A 1 140 ? 1.054   15.368  -7.412  1.00 21.50 ? 220 GLN A CG  1 
ATOM   1089 C  CD  . GLN A 1 140 ? 1.018   15.055  -8.899  1.00 21.40 ? 220 GLN A CD  1 
ATOM   1090 O  OE1 . GLN A 1 140 ? 1.207   13.908  -9.323  1.00 31.79 ? 220 GLN A OE1 1 
ATOM   1091 N  NE2 . GLN A 1 140 ? 0.788   16.076  -9.699  1.00 27.95 ? 220 GLN A NE2 1 
ATOM   1092 N  N   . GLY A 1 141 ? -0.696  13.582  -3.157  1.00 15.29 ? 221 GLY A N   1 
ATOM   1093 C  CA  . GLY A 1 141 ? -1.677  12.860  -2.342  1.00 13.79 ? 221 GLY A CA  1 
ATOM   1094 C  C   . GLY A 1 141 ? -1.818  13.422  -0.939  1.00 12.87 ? 221 GLY A C   1 
ATOM   1095 O  O   . GLY A 1 141 ? -0.956  14.159  -0.463  1.00 12.98 ? 221 GLY A O   1 
ATOM   1096 N  N   . GLN A 1 142 ? -2.936  13.095  -0.301  1.00 12.19 ? 222 GLN A N   1 
ATOM   1097 C  CA  . GLN A 1 142 ? -3.236  13.603  1.032   1.00 11.64 ? 222 GLN A CA  1 
ATOM   1098 C  C   . GLN A 1 142 ? -2.679  12.645  2.073   1.00 11.26 ? 222 GLN A C   1 
ATOM   1099 O  O   . GLN A 1 142 ? -2.884  11.449  1.955   1.00 11.38 ? 222 GLN A O   1 
ATOM   1100 C  CB  . GLN A 1 142 ? -4.730  13.742  1.183   1.00 12.14 ? 222 GLN A CB  1 
ATOM   1101 C  CG  . GLN A 1 142 ? -5.239  14.947  0.397   1.00 13.55 ? 222 GLN A CG  1 
ATOM   1102 C  CD  . GLN A 1 142 ? -6.703  15.207  0.629   1.00 16.08 ? 222 GLN A CD  1 
ATOM   1103 O  OE1 . GLN A 1 142 ? -7.069  15.983  1.510   1.00 21.15 ? 222 GLN A OE1 1 
ATOM   1104 N  NE2 . GLN A 1 142 ? -7.540  14.579  -0.158  1.00 16.37 ? 222 GLN A NE2 1 
ATOM   1105 N  N   . PRO A 1 143 ? -1.965  13.169  3.080   1.00 10.92 ? 223 PRO A N   1 
ATOM   1106 C  CA  . PRO A 1 143 ? -1.236  12.284  3.989   1.00 10.88 ? 223 PRO A CA  1 
ATOM   1107 C  C   . PRO A 1 143 ? -2.143  11.576  4.961   1.00 10.53 ? 223 PRO A C   1 
ATOM   1108 O  O   . PRO A 1 143 ? -3.189  12.114  5.345   1.00 10.32 ? 223 PRO A O   1 
ATOM   1109 C  CB  . PRO A 1 143 ? -0.305  13.234  4.735   1.00 11.88 ? 223 PRO A CB  1 
ATOM   1110 C  CG  . PRO A 1 143 ? -1.052  14.540  4.744   1.00 11.94 ? 223 PRO A CG  1 
ATOM   1111 C  CD  . PRO A 1 143 ? -1.739  14.590  3.400   1.00 11.92 ? 223 PRO A CD  1 
ATOM   1112 N  N   . PHE A 1 144 ? -1.717  10.374  5.346   1.00 10.13 ? 224 PHE A N   1 
ATOM   1113 C  CA  . PHE A 1 144 ? -2.437  9.545   6.292   1.00 10.80 ? 224 PHE A CA  1 
ATOM   1114 C  C   . PHE A 1 144 ? -2.277  10.106  7.704   1.00 10.70 ? 224 PHE A C   1 
ATOM   1115 O  O   . PHE A 1 144 ? -1.236  10.680  8.039   1.00 10.49 ? 224 PHE A O   1 
ATOM   1116 C  CB  . PHE A 1 144 ? -1.882  8.106   6.245   1.00 10.33 ? 224 PHE A CB  1 
ATOM   1117 C  CG  . PHE A 1 144 ? -2.527  7.187   7.228   1.00 9.59  ? 224 PHE A CG  1 
ATOM   1118 C  CD1 . PHE A 1 144 ? -3.843  6.733   7.032   1.00 9.47  ? 224 PHE A CD1 1 
ATOM   1119 C  CD2 . PHE A 1 144 ? -1.832  6.741   8.336   1.00 9.82  ? 224 PHE A CD2 1 
ATOM   1120 C  CE1 . PHE A 1 144 ? -4.445  5.868   7.955   1.00 7.25  ? 224 PHE A CE1 1 
ATOM   1121 C  CE2 . PHE A 1 144 ? -2.447  5.879   9.271   1.00 10.58 ? 224 PHE A CE2 1 
ATOM   1122 C  CZ  . PHE A 1 144 ? -3.760  5.452   9.066   1.00 9.46  ? 224 PHE A CZ  1 
ATOM   1123 N  N   . GLN A 1 145 ? -3.329  9.978   8.503   1.00 11.18 ? 225 GLN A N   1 
ATOM   1124 C  CA  . GLN A 1 145 ? -3.261  10.288  9.949   1.00 12.05 ? 225 GLN A CA  1 
ATOM   1125 C  C   . GLN A 1 145 ? -3.957  9.160   10.698  1.00 11.62 ? 225 GLN A C   1 
ATOM   1126 O  O   . GLN A 1 145 ? -5.125  8.837   10.413  1.00 11.70 ? 225 GLN A O   1 
ATOM   1127 C  CB  . GLN A 1 145 ? -3.940  11.639  10.238  1.00 12.86 ? 225 GLN A CB  1 
ATOM   1128 C  CG  . GLN A 1 145 ? -3.715  12.161  11.662  1.00 15.64 ? 225 GLN A CG  1 
ATOM   1129 C  CD  . GLN A 1 145 ? -4.242  13.578  11.857  1.00 15.46 ? 225 GLN A CD  1 
ATOM   1130 O  OE1 . GLN A 1 145 ? -4.526  14.305  10.878  1.00 16.37 ? 225 GLN A OE1 1 
ATOM   1131 N  NE2 . GLN A 1 145 ? -4.362  13.989  13.133  1.00 20.11 ? 225 GLN A NE2 1 
ATOM   1132 N  N   . GLY A 1 146 ? -3.237  8.568   11.645  1.00 11.33 ? 226 GLY A N   1 
ATOM   1133 C  CA  . GLY A 1 146 ? -3.692  7.364   12.334  1.00 10.93 ? 226 GLY A CA  1 
ATOM   1134 C  C   . GLY A 1 146 ? -2.494  6.465   12.579  1.00 11.63 ? 226 GLY A C   1 
ATOM   1135 O  O   . GLY A 1 146 ? -1.363  6.944   12.638  1.00 11.82 ? 226 GLY A O   1 
ATOM   1136 N  N   . GLN A 1 147 ? -2.752  5.170   12.724  1.00 11.78 ? 227 GLN A N   1 
ATOM   1137 C  CA  . GLN A 1 147 ? -1.685  4.202   12.988  1.00 11.45 ? 227 GLN A CA  1 
ATOM   1138 C  C   . GLN A 1 147 ? -1.650  3.149   11.902  1.00 11.01 ? 227 GLN A C   1 
ATOM   1139 O  O   . GLN A 1 147 ? -2.697  2.692   11.443  1.00 11.26 ? 227 GLN A O   1 
ATOM   1140 C  CB  . GLN A 1 147 ? -1.893  3.542   14.345  1.00 12.33 ? 227 GLN A CB  1 
ATOM   1141 C  CG  . GLN A 1 147 ? -1.471  4.467   15.499  1.00 14.99 ? 227 GLN A CG  1 
ATOM   1142 C  CD  . GLN A 1 147 ? -1.847  3.922   16.868  1.00 19.68 ? 227 GLN A CD  1 
ATOM   1143 O  OE1 . GLN A 1 147 ? -1.931  2.709   17.071  1.00 22.60 ? 227 GLN A OE1 1 
ATOM   1144 N  NE2 . GLN A 1 147 ? -2.106  4.826   17.804  1.00 21.74 ? 227 GLN A NE2 1 
ATOM   1145 N  N   . LEU A 1 148 ? -0.445  2.761   11.513  1.00 10.80 ? 228 LEU A N   1 
ATOM   1146 C  CA  . LEU A 1 148 ? -0.273  1.691   10.530  1.00 10.34 ? 228 LEU A CA  1 
ATOM   1147 C  C   . LEU A 1 148 ? 0.573   0.593   11.129  1.00 10.69 ? 228 LEU A C   1 
ATOM   1148 O  O   . LEU A 1 148 ? 1.543   0.867   11.821  1.00 11.17 ? 228 LEU A O   1 
ATOM   1149 C  CB  . LEU A 1 148 ? 0.419   2.209   9.266   1.00 9.76  ? 228 LEU A CB  1 
ATOM   1150 C  CG  . LEU A 1 148 ? -0.294  3.269   8.401   1.00 10.30 ? 228 LEU A CG  1 
ATOM   1151 C  CD1 . LEU A 1 148 ? 0.591   3.710   7.212   1.00 9.89  ? 228 LEU A CD1 1 
ATOM   1152 C  CD2 . LEU A 1 148 ? -1.619  2.732   7.911   1.00 10.97 ? 228 LEU A CD2 1 
ATOM   1153 N  N   . SER A 1 149 ? 0.220   -0.653  10.808  1.00 9.93  ? 229 SER A N   1 
ATOM   1154 C  CA  A SER A 1 149 ? 0.922   -1.841  11.297  0.70 11.09 ? 229 SER A CA  1 
ATOM   1155 C  CA  B SER A 1 149 ? 0.986   -1.813  11.257  0.30 10.49 ? 229 SER A CA  1 
ATOM   1156 C  C   . SER A 1 149 ? 0.780   -2.949  10.270  1.00 10.51 ? 229 SER A C   1 
ATOM   1157 O  O   . SER A 1 149 ? -0.040  -2.838  9.379   1.00 11.70 ? 229 SER A O   1 
ATOM   1158 C  CB  A SER A 1 149 ? 0.271   -2.346  12.583  0.70 11.42 ? 229 SER A CB  1 
ATOM   1159 C  CB  B SER A 1 149 ? 0.516   -2.257  12.639  0.30 10.49 ? 229 SER A CB  1 
ATOM   1160 O  OG  A SER A 1 149 ? 0.051   -1.301  13.504  0.70 13.22 ? 229 SER A OG  1 
ATOM   1161 O  OG  B SER A 1 149 ? -0.786  -2.800  12.559  0.30 9.32  ? 229 SER A OG  1 
ATOM   1162 N  N   . GLY A 1 150 ? 1.540   -4.030  10.422  1.00 11.31 ? 230 GLY A N   1 
ATOM   1163 C  CA  . GLY A 1 150 ? 1.327   -5.231  9.584   1.00 11.72 ? 230 GLY A CA  1 
ATOM   1164 C  C   . GLY A 1 150 ? 1.366   -5.015  8.085   1.00 12.47 ? 230 GLY A C   1 
ATOM   1165 O  O   . GLY A 1 150 ? 0.543   -5.581  7.362   1.00 13.14 ? 230 GLY A O   1 
ATOM   1166 N  N   . LEU A 1 151 ? 2.330   -4.223  7.606   1.00 12.48 ? 231 LEU A N   1 
ATOM   1167 C  CA  . LEU A 1 151 ? 2.490   -4.016  6.171   1.00 11.86 ? 231 LEU A CA  1 
ATOM   1168 C  C   . LEU A 1 151 ? 3.286   -5.170  5.623   1.00 11.95 ? 231 LEU A C   1 
ATOM   1169 O  O   . LEU A 1 151 ? 4.458   -5.342  5.963   1.00 11.34 ? 231 LEU A O   1 
ATOM   1170 C  CB  . LEU A 1 151 ? 3.229   -2.710  5.875   1.00 12.35 ? 231 LEU A CB  1 
ATOM   1171 C  CG  . LEU A 1 151 ? 3.162   -2.126  4.456   1.00 14.84 ? 231 LEU A CG  1 
ATOM   1172 C  CD1 . LEU A 1 151 ? 3.961   -0.837  4.441   1.00 11.55 ? 231 LEU A CD1 1 
ATOM   1173 C  CD2 . LEU A 1 151 ? 3.637   -3.068  3.397   1.00 17.29 ? 231 LEU A CD2 1 
ATOM   1174 N  N   . TYR A 1 152 ? 2.653   -5.954  4.768   1.00 10.95 ? 232 TYR A N   1 
ATOM   1175 C  CA  A TYR A 1 152 ? 3.324   -7.080  4.138   0.50 11.19 ? 232 TYR A CA  1 
ATOM   1176 C  CA  B TYR A 1 152 ? 3.330   -7.080  4.142   0.50 11.54 ? 232 TYR A CA  1 
ATOM   1177 C  C   . TYR A 1 152 ? 3.278   -6.833  2.652   1.00 11.33 ? 232 TYR A C   1 
ATOM   1178 O  O   . TYR A 1 152 ? 2.191   -6.705  2.081   1.00 11.65 ? 232 TYR A O   1 
ATOM   1179 C  CB  A TYR A 1 152 ? 2.590   -8.387  4.459   0.50 11.91 ? 232 TYR A CB  1 
ATOM   1180 C  CB  B TYR A 1 152 ? 2.611   -8.391  4.493   0.50 12.48 ? 232 TYR A CB  1 
ATOM   1181 C  CG  A TYR A 1 152 ? 2.685   -8.809  5.900   0.50 11.77 ? 232 TYR A CG  1 
ATOM   1182 C  CG  B TYR A 1 152 ? 3.110   -9.620  3.766   0.50 13.98 ? 232 TYR A CG  1 
ATOM   1183 C  CD1 A TYR A 1 152 ? 3.716   -9.641  6.326   0.50 14.00 ? 232 TYR A CD1 1 
ATOM   1184 C  CD1 B TYR A 1 152 ? 3.816   -10.613 4.445   0.50 14.92 ? 232 TYR A CD1 1 
ATOM   1185 C  CD2 A TYR A 1 152 ? 1.731   -8.408  6.836   0.50 11.56 ? 232 TYR A CD2 1 
ATOM   1186 C  CD2 B TYR A 1 152 ? 2.846   -9.811  2.402   0.50 13.46 ? 232 TYR A CD2 1 
ATOM   1187 C  CE1 A TYR A 1 152 ? 3.793   -10.061 7.652   0.50 13.54 ? 232 TYR A CE1 1 
ATOM   1188 C  CE1 B TYR A 1 152 ? 4.252   -11.759 3.777   0.50 16.49 ? 232 TYR A CE1 1 
ATOM   1189 C  CE2 A TYR A 1 152 ? 1.819   -8.811  8.177   0.50 10.36 ? 232 TYR A CE2 1 
ATOM   1190 C  CE2 B TYR A 1 152 ? 3.285   -10.946 1.724   0.50 11.64 ? 232 TYR A CE2 1 
ATOM   1191 C  CZ  A TYR A 1 152 ? 2.862   -9.636  8.569   0.50 12.64 ? 232 TYR A CZ  1 
ATOM   1192 C  CZ  B TYR A 1 152 ? 3.983   -11.915 2.425   0.50 15.28 ? 232 TYR A CZ  1 
ATOM   1193 O  OH  A TYR A 1 152 ? 3.002   -10.080 9.878   0.50 15.91 ? 232 TYR A OH  1 
ATOM   1194 O  OH  B TYR A 1 152 ? 4.430   -13.045 1.775   0.50 15.54 ? 232 TYR A OH  1 
ATOM   1195 N  N   . TYR A 1 153 ? 4.444   -6.746  2.024   1.00 10.23 ? 233 TYR A N   1 
ATOM   1196 C  CA  . TYR A 1 153 ? 4.452   -6.574  0.578   1.00 10.23 ? 233 TYR A CA  1 
ATOM   1197 C  C   . TYR A 1 153 ? 5.402   -7.588  -0.037  1.00 10.61 ? 233 TYR A C   1 
ATOM   1198 O  O   . TYR A 1 153 ? 6.614   -7.456  0.092   1.00 9.78  ? 233 TYR A O   1 
ATOM   1199 C  CB  . TYR A 1 153 ? 4.815   -5.144  0.160   1.00 10.11 ? 233 TYR A CB  1 
ATOM   1200 C  CG  . TYR A 1 153 ? 4.819   -4.996  -1.363  1.00 10.17 ? 233 TYR A CG  1 
ATOM   1201 C  CD1 . TYR A 1 153 ? 3.649   -5.215  -2.106  1.00 10.18 ? 233 TYR A CD1 1 
ATOM   1202 C  CD2 . TYR A 1 153 ? 5.988   -4.681  -2.055  1.00 11.93 ? 233 TYR A CD2 1 
ATOM   1203 C  CE1 . TYR A 1 153 ? 3.640   -5.116  -3.490  1.00 11.03 ? 233 TYR A CE1 1 
ATOM   1204 C  CE2 . TYR A 1 153 ? 5.992   -4.562  -3.458  1.00 11.59 ? 233 TYR A CE2 1 
ATOM   1205 C  CZ  . TYR A 1 153 ? 4.815   -4.783  -4.163  1.00 12.70 ? 233 TYR A CZ  1 
ATOM   1206 O  OH  . TYR A 1 153 ? 4.808   -4.687  -5.549  1.00 11.30 ? 233 TYR A OH  1 
ATOM   1207 N  N   . ASN A 1 154 ? 4.834   -8.586  -0.706  1.00 11.26 ? 234 ASN A N   1 
ATOM   1208 C  CA  . ASN A 1 154 ? 5.619   -9.667  -1.325  1.00 12.85 ? 234 ASN A CA  1 
ATOM   1209 C  C   . ASN A 1 154 ? 6.683   -10.247 -0.402  1.00 13.92 ? 234 ASN A C   1 
ATOM   1210 O  O   . ASN A 1 154 ? 7.792   -10.551 -0.839  1.00 15.09 ? 234 ASN A O   1 
ATOM   1211 C  CB  . ASN A 1 154 ? 6.219   -9.221  -2.677  1.00 12.43 ? 234 ASN A CB  1 
ATOM   1212 C  CG  . ASN A 1 154 ? 5.155   -9.017  -3.724  1.00 11.68 ? 234 ASN A CG  1 
ATOM   1213 O  OD1 . ASN A 1 154 ? 4.075   -9.588  -3.614  1.00 11.66 ? 234 ASN A OD1 1 
ATOM   1214 N  ND2 . ASN A 1 154 ? 5.436   -8.193  -4.723  1.00 11.98 ? 234 ASN A ND2 1 
ATOM   1215 N  N   . GLY A 1 155 ? 6.324   -10.395 0.871   1.00 14.56 ? 235 GLY A N   1 
ATOM   1216 C  CA  . GLY A 1 155 ? 7.203   -11.052 1.828   1.00 15.49 ? 235 GLY A CA  1 
ATOM   1217 C  C   . GLY A 1 155 ? 7.944   -10.106 2.745   1.00 15.90 ? 235 GLY A C   1 
ATOM   1218 O  O   . GLY A 1 155 ? 8.450   -10.541 3.785   1.00 17.98 ? 235 GLY A O   1 
ATOM   1219 N  N   . LEU A 1 156 ? 8.016   -8.826  2.367   1.00 14.58 ? 236 LEU A N   1 
ATOM   1220 C  CA  . LEU A 1 156 ? 8.728   -7.817  3.139   1.00 14.33 ? 236 LEU A CA  1 
ATOM   1221 C  C   . LEU A 1 156 ? 7.813   -7.256  4.210   1.00 14.48 ? 236 LEU A C   1 
ATOM   1222 O  O   . LEU A 1 156 ? 6.735   -6.743  3.895   1.00 13.66 ? 236 LEU A O   1 
ATOM   1223 C  CB  . LEU A 1 156 ? 9.196   -6.663  2.240   1.00 14.52 ? 236 LEU A CB  1 
ATOM   1224 C  CG  . LEU A 1 156 ? 10.277  -6.871  1.166   1.00 17.36 ? 236 LEU A CG  1 
ATOM   1225 C  CD1 . LEU A 1 156 ? 10.579  -5.553  0.437   1.00 18.44 ? 236 LEU A CD1 1 
ATOM   1226 C  CD2 . LEU A 1 156 ? 11.576  -7.432  1.772   1.00 20.32 ? 236 LEU A CD2 1 
ATOM   1227 N  N   . LYS A 1 157 ? 8.249   -7.331  5.470   1.00 13.93 ? 237 LYS A N   1 
ATOM   1228 C  CA  . LYS A 1 157 ? 7.484   -6.764  6.575   1.00 15.32 ? 237 LYS A CA  1 
ATOM   1229 C  C   . LYS A 1 157 ? 8.041   -5.368  6.783   1.00 14.53 ? 237 LYS A C   1 
ATOM   1230 O  O   . LYS A 1 157 ? 8.900   -5.140  7.636   1.00 13.89 ? 237 LYS A O   1 
ATOM   1231 C  CB  . LYS A 1 157 ? 7.598   -7.619  7.836   1.00 15.25 ? 237 LYS A CB  1 
ATOM   1232 C  CG  . LYS A 1 157 ? 7.061   -9.028  7.613   1.00 20.20 ? 237 LYS A CG  1 
ATOM   1233 C  CD  . LYS A 1 157 ? 7.071   -9.879  8.877   1.00 25.99 ? 237 LYS A CD  1 
ATOM   1234 C  CE  . LYS A 1 157 ? 6.717   -11.333 8.561   1.00 27.75 ? 237 LYS A CE  1 
ATOM   1235 N  NZ  . LYS A 1 157 ? 6.579   -12.167 9.795   1.00 31.77 ? 237 LYS A NZ  1 
ATOM   1236 N  N   . VAL A 1 158 ? 7.556   -4.430  5.973   1.00 13.88 ? 238 VAL A N   1 
ATOM   1237 C  CA  . VAL A 1 158 ? 8.235   -3.163  5.797   1.00 13.95 ? 238 VAL A CA  1 
ATOM   1238 C  C   . VAL A 1 158 ? 8.346   -2.334  7.071   1.00 13.90 ? 238 VAL A C   1 
ATOM   1239 O  O   . VAL A 1 158 ? 9.374   -1.692  7.300   1.00 13.67 ? 238 VAL A O   1 
ATOM   1240 C  CB  . VAL A 1 158 ? 7.607   -2.326  4.641   1.00 14.04 ? 238 VAL A CB  1 
ATOM   1241 C  CG1 . VAL A 1 158 ? 8.381   -1.031  4.440   1.00 13.84 ? 238 VAL A CG1 1 
ATOM   1242 C  CG2 . VAL A 1 158 ? 7.626   -3.149  3.360   1.00 14.88 ? 238 VAL A CG2 1 
ATOM   1243 N  N   . LEU A 1 159 ? 7.296   -2.333  7.895   1.00 12.63 ? 239 LEU A N   1 
ATOM   1244 C  CA  . LEU A 1 159 ? 7.339   -1.527  9.119   1.00 12.75 ? 239 LEU A CA  1 
ATOM   1245 C  C   . LEU A 1 159 ? 8.294   -2.099  10.176  1.00 12.60 ? 239 LEU A C   1 
ATOM   1246 O  O   . LEU A 1 159 ? 8.876   -1.338  10.940  1.00 12.43 ? 239 LEU A O   1 
ATOM   1247 C  CB  . LEU A 1 159 ? 5.940   -1.294  9.697   1.00 12.75 ? 239 LEU A CB  1 
ATOM   1248 C  CG  . LEU A 1 159 ? 5.042   -0.587  8.691   1.00 11.95 ? 239 LEU A CG  1 
ATOM   1249 C  CD1 . LEU A 1 159 ? 3.620   -0.523  9.215   1.00 11.49 ? 239 LEU A CD1 1 
ATOM   1250 C  CD2 . LEU A 1 159 ? 5.577   0.808   8.297   1.00 12.93 ? 239 LEU A CD2 1 
ATOM   1251 N  N   . ASN A 1 160 ? 8.479   -3.421  10.201  1.00 12.97 ? 240 ASN A N   1 
ATOM   1252 C  CA  . ASN A 1 160 ? 9.473   -4.009  11.096  1.00 13.30 ? 240 ASN A CA  1 
ATOM   1253 C  C   . ASN A 1 160 ? 10.876  -3.631  10.635  1.00 13.09 ? 240 ASN A C   1 
ATOM   1254 O  O   . ASN A 1 160 ? 11.763  -3.400  11.462  1.00 12.86 ? 240 ASN A O   1 
ATOM   1255 C  CB  . ASN A 1 160 ? 9.344   -5.519  11.159  1.00 12.61 ? 240 ASN A CB  1 
ATOM   1256 C  CG  . ASN A 1 160 ? 8.206   -5.970  12.058  1.00 13.54 ? 240 ASN A CG  1 
ATOM   1257 O  OD1 . ASN A 1 160 ? 7.496   -5.161  12.623  1.00 13.63 ? 240 ASN A OD1 1 
ATOM   1258 N  ND2 . ASN A 1 160 ? 8.029   -7.278  12.175  1.00 15.36 ? 240 ASN A ND2 1 
ATOM   1259 N  N   . MET A 1 161 ? 11.064  -3.591  9.315   1.00 13.25 ? 241 MET A N   1 
ATOM   1260 C  CA  A MET A 1 161 ? 12.326  -3.144  8.727   0.80 13.96 ? 241 MET A CA  1 
ATOM   1261 C  CA  B MET A 1 161 ? 12.319  -3.128  8.723   0.20 12.74 ? 241 MET A CA  1 
ATOM   1262 C  C   . MET A 1 161 ? 12.593  -1.679  9.098   1.00 12.61 ? 241 MET A C   1 
ATOM   1263 O  O   . MET A 1 161 ? 13.718  -1.308  9.472   1.00 11.79 ? 241 MET A O   1 
ATOM   1264 C  CB  A MET A 1 161 ? 12.309  -3.360  7.202   0.80 13.07 ? 241 MET A CB  1 
ATOM   1265 C  CB  B MET A 1 161 ? 12.284  -3.290  7.200   0.20 12.76 ? 241 MET A CB  1 
ATOM   1266 C  CG  A MET A 1 161 ? 12.076  -4.838  6.812   0.80 14.41 ? 241 MET A CG  1 
ATOM   1267 C  CG  B MET A 1 161 ? 12.144  -4.733  6.736   0.20 13.11 ? 241 MET A CG  1 
ATOM   1268 S  SD  A MET A 1 161 ? 11.714  -5.135  5.066   0.80 19.46 ? 241 MET A SD  1 
ATOM   1269 S  SD  B MET A 1 161 ? 13.451  -5.778  7.403   0.20 14.77 ? 241 MET A SD  1 
ATOM   1270 C  CE  A MET A 1 161 ? 13.329  -4.967  4.346   0.80 20.43 ? 241 MET A CE  1 
ATOM   1271 C  CE  B MET A 1 161 ? 12.662  -6.538  8.821   0.20 14.11 ? 241 MET A CE  1 
ATOM   1272 N  N   . ALA A 1 162 ? 11.557  -0.843  9.030   1.00 12.30 ? 242 ALA A N   1 
ATOM   1273 C  CA  . ALA A 1 162 ? 11.705  0.555   9.415   1.00 11.92 ? 242 ALA A CA  1 
ATOM   1274 C  C   . ALA A 1 162 ? 12.084  0.654   10.906  1.00 12.94 ? 242 ALA A C   1 
ATOM   1275 O  O   . ALA A 1 162 ? 12.930  1.474   11.300  1.00 12.15 ? 242 ALA A O   1 
ATOM   1276 C  CB  . ALA A 1 162 ? 10.413  1.309   9.133   1.00 11.85 ? 242 ALA A CB  1 
ATOM   1277 N  N   . ALA A 1 163 ? 11.485  -0.213  11.725  1.00 12.37 ? 243 ALA A N   1 
ATOM   1278 C  CA  . ALA A 1 163 ? 11.691  -0.159  13.192  1.00 13.27 ? 243 ALA A CA  1 
ATOM   1279 C  C   . ALA A 1 163 ? 13.119  -0.444  13.581  1.00 12.99 ? 243 ALA A C   1 
ATOM   1280 O  O   . ALA A 1 163 ? 13.562  0.032   14.637  1.00 14.69 ? 243 ALA A O   1 
ATOM   1281 C  CB  . ALA A 1 163 ? 10.751  -1.125  13.914  1.00 13.33 ? 243 ALA A CB  1 
ATOM   1282 N  N   . GLU A 1 164 ? 13.822  -1.219  12.752  1.00 12.99 ? 244 GLU A N   1 
ATOM   1283 C  CA  . GLU A 1 164 ? 15.220  -1.573  13.030  1.00 14.23 ? 244 GLU A CA  1 
ATOM   1284 C  C   . GLU A 1 164 ? 16.171  -0.728  12.197  1.00 14.99 ? 244 GLU A C   1 
ATOM   1285 O  O   . GLU A 1 164 ? 17.357  -1.020  12.134  1.00 16.28 ? 244 GLU A O   1 
ATOM   1286 C  CB  . GLU A 1 164 ? 15.477  -3.062  12.836  1.00 14.37 ? 244 GLU A CB  1 
ATOM   1287 C  CG  . GLU A 1 164 ? 15.367  -3.576  11.415  1.00 15.28 ? 244 GLU A CG  1 
ATOM   1288 C  CD  . GLU A 1 164 ? 15.915  -4.983  11.290  1.00 20.30 ? 244 GLU A CD  1 
ATOM   1289 O  OE1 . GLU A 1 164 ? 15.215  -5.946  11.640  1.00 20.21 ? 244 GLU A OE1 1 
ATOM   1290 O  OE2 . GLU A 1 164 ? 17.075  -5.130  10.847  1.00 25.53 ? 244 GLU A OE2 1 
ATOM   1291 N  N   . ASN A 1 165 ? 15.654  0.341   11.603  1.00 15.44 ? 245 ASN A N   1 
ATOM   1292 C  CA  . ASN A 1 165 ? 16.495  1.251   10.797  1.00 15.80 ? 245 ASN A CA  1 
ATOM   1293 C  C   . ASN A 1 165 ? 17.232  0.479   9.712   1.00 15.53 ? 245 ASN A C   1 
ATOM   1294 O  O   . ASN A 1 165 ? 18.470  0.577   9.555   1.00 15.50 ? 245 ASN A O   1 
ATOM   1295 C  CB  . ASN A 1 165 ? 17.496  2.018   11.688  1.00 17.75 ? 245 ASN A CB  1 
ATOM   1296 C  CG  . ASN A 1 165 ? 16.830  2.947   12.682  1.00 19.34 ? 245 ASN A CG  1 
ATOM   1297 O  OD1 . ASN A 1 165 ? 15.843  3.628   12.372  1.00 24.01 ? 245 ASN A OD1 1 
ATOM   1298 N  ND2 . ASN A 1 165 ? 17.407  3.032   13.877  1.00 23.28 ? 245 ASN A ND2 1 
ATOM   1299 N  N   . ASP A 1 166 ? 16.479  -0.345  8.981   1.00 14.18 ? 246 ASP A N   1 
ATOM   1300 C  CA  . ASP A 1 166 ? 16.988  -0.989  7.776   1.00 14.71 ? 246 ASP A CA  1 
ATOM   1301 C  C   . ASP A 1 166 ? 17.659  0.080   6.902   1.00 15.10 ? 246 ASP A C   1 
ATOM   1302 O  O   . ASP A 1 166 ? 17.143  1.202   6.791   1.00 14.90 ? 246 ASP A O   1 
ATOM   1303 C  CB  . ASP A 1 166 ? 15.813  -1.639  7.051   1.00 15.42 ? 246 ASP A CB  1 
ATOM   1304 C  CG  . ASP A 1 166 ? 16.229  -2.447  5.855   1.00 17.09 ? 246 ASP A CG  1 
ATOM   1305 O  OD1 . ASP A 1 166 ? 16.620  -1.843  4.849   1.00 17.44 ? 246 ASP A OD1 1 
ATOM   1306 O  OD2 . ASP A 1 166 ? 16.095  -3.701  5.894   1.00 21.21 ? 246 ASP A OD2 1 
ATOM   1307 N  N   . ALA A 1 167 ? 18.809  -0.246  6.296   1.00 14.50 ? 247 ALA A N   1 
ATOM   1308 C  CA  . ALA A 1 167 ? 19.537  0.759   5.490   1.00 14.85 ? 247 ALA A CA  1 
ATOM   1309 C  C   . ALA A 1 167 ? 18.816  1.227   4.214   1.00 14.61 ? 247 ALA A C   1 
ATOM   1310 O  O   . ALA A 1 167 ? 19.199  2.253   3.602   1.00 15.24 ? 247 ALA A O   1 
ATOM   1311 C  CB  . ALA A 1 167 ? 20.957  0.266   5.167   1.00 14.85 ? 247 ALA A CB  1 
ATOM   1312 N  N   . ASN A 1 168 ? 17.784  0.483   3.803   1.00 14.00 ? 248 ASN A N   1 
ATOM   1313 C  CA  . ASN A 1 168 ? 16.999  0.864   2.625   1.00 13.63 ? 248 ASN A CA  1 
ATOM   1314 C  C   . ASN A 1 168 ? 15.781  1.719   3.019   1.00 13.42 ? 248 ASN A C   1 
ATOM   1315 O  O   . ASN A 1 168 ? 14.975  2.087   2.151   1.00 12.33 ? 248 ASN A O   1 
ATOM   1316 C  CB  . ASN A 1 168 ? 16.548  -0.378  1.848   1.00 14.56 ? 248 ASN A CB  1 
ATOM   1317 C  CG  . ASN A 1 168 ? 17.699  -1.126  1.204   1.00 17.71 ? 248 ASN A CG  1 
ATOM   1318 O  OD1 . ASN A 1 168 ? 18.624  -0.520  0.683   1.00 20.67 ? 248 ASN A OD1 1 
ATOM   1319 N  ND2 . ASN A 1 168 ? 17.625  -2.458  1.209   1.00 21.92 ? 248 ASN A ND2 1 
ATOM   1320 N  N   . ILE A 1 169 ? 15.670  2.052   4.317   1.00 12.72 ? 249 ILE A N   1 
ATOM   1321 C  CA  . ILE A 1 169 ? 14.535  2.836   4.844   1.00 13.13 ? 249 ILE A CA  1 
ATOM   1322 C  C   . ILE A 1 169 ? 14.863  4.318   5.090   1.00 13.31 ? 249 ILE A C   1 
ATOM   1323 O  O   . ILE A 1 169 ? 15.913  4.629   5.647   1.00 13.21 ? 249 ILE A O   1 
ATOM   1324 C  CB  . ILE A 1 169 ? 13.982  2.222   6.179   1.00 13.06 ? 249 ILE A CB  1 
ATOM   1325 C  CG1 . ILE A 1 169 ? 13.228  0.912   5.913   1.00 14.46 ? 249 ILE A CG1 1 
ATOM   1326 C  CG2 . ILE A 1 169 ? 13.037  3.210   6.865   1.00 15.24 ? 249 ILE A CG2 1 
ATOM   1327 C  CD1 . ILE A 1 169 ? 11.849  1.114   5.296   1.00 14.96 ? 249 ILE A CD1 1 
ATOM   1328 N  N   . ALA A 1 170 ? 13.958  5.218   4.700   1.00 12.66 ? 250 ALA A N   1 
ATOM   1329 C  CA  . ALA A 1 170 ? 14.036  6.603   5.110   1.00 13.29 ? 250 ALA A CA  1 
ATOM   1330 C  C   . ALA A 1 170 ? 12.733  6.990   5.749   1.00 14.24 ? 250 ALA A C   1 
ATOM   1331 O  O   . ALA A 1 170 ? 11.677  6.545   5.332   1.00 12.99 ? 250 ALA A O   1 
ATOM   1332 C  CB  . ALA A 1 170 ? 14.321  7.520   3.922   1.00 14.03 ? 250 ALA A CB  1 
ATOM   1333 N  N   . ILE A 1 171 ? 12.826  7.823   6.776   1.00 14.70 ? 251 ILE A N   1 
ATOM   1334 C  CA  . ILE A 1 171 ? 11.630  8.296   7.465   1.00 15.56 ? 251 ILE A CA  1 
ATOM   1335 C  C   . ILE A 1 171 ? 11.682  9.818   7.553   1.00 15.63 ? 251 ILE A C   1 
ATOM   1336 O  O   . ILE A 1 171 ? 12.701  10.388  7.948   1.00 15.80 ? 251 ILE A O   1 
ATOM   1337 C  CB  . ILE A 1 171 ? 11.456  7.590   8.847   1.00 16.05 ? 251 ILE A CB  1 
ATOM   1338 C  CG1 . ILE A 1 171 ? 10.171  8.043   9.542   1.00 16.49 ? 251 ILE A CG1 1 
ATOM   1339 C  CG2 . ILE A 1 171 ? 12.642  7.808   9.754   1.00 18.91 ? 251 ILE A CG2 1 
ATOM   1340 C  CD1 . ILE A 1 171 ? 9.723   7.071   10.634  1.00 22.57 ? 251 ILE A CD1 1 
ATOM   1341 N  N   . VAL A 1 172 ? 10.605  10.470  7.115   1.00 16.05 ? 252 VAL A N   1 
ATOM   1342 C  CA  . VAL A 1 172 ? 10.513  11.936  7.176   1.00 16.92 ? 252 VAL A CA  1 
ATOM   1343 C  C   . VAL A 1 172 ? 9.166   12.407  7.745   1.00 17.04 ? 252 VAL A C   1 
ATOM   1344 O  O   . VAL A 1 172 ? 8.150   11.701  7.693   1.00 15.60 ? 252 VAL A O   1 
ATOM   1345 C  CB  . VAL A 1 172 ? 10.809  12.617  5.793   1.00 17.33 ? 252 VAL A CB  1 
ATOM   1346 C  CG1 . VAL A 1 172 ? 12.230  12.293  5.291   1.00 19.77 ? 252 VAL A CG1 1 
ATOM   1347 C  CG2 . VAL A 1 172 ? 9.778   12.238  4.762   1.00 18.19 ? 252 VAL A CG2 1 
ATOM   1348 N  N   . GLY A 1 173 ? 9.159   13.611  8.309   1.00 17.64 ? 253 GLY A N   1 
ATOM   1349 C  CA  . GLY A 1 173 ? 7.923   14.212  8.761   1.00 17.98 ? 253 GLY A CA  1 
ATOM   1350 C  C   . GLY A 1 173 ? 7.400   13.718  10.094  1.00 18.36 ? 253 GLY A C   1 
ATOM   1351 O  O   . GLY A 1 173 ? 8.143   13.166  10.923  1.00 18.39 ? 253 GLY A O   1 
ATOM   1352 N  N   . ASN A 1 174 ? 6.097   13.929  10.294  1.00 18.55 ? 254 ASN A N   1 
ATOM   1353 C  CA  . ASN A 1 174 ? 5.465   13.718  11.590  1.00 19.37 ? 254 ASN A CA  1 
ATOM   1354 C  C   . ASN A 1 174 ? 4.969   12.283  11.765  1.00 19.35 ? 254 ASN A C   1 
ATOM   1355 O  O   . ASN A 1 174 ? 3.776   11.988  11.676  1.00 19.00 ? 254 ASN A O   1 
ATOM   1356 C  CB  . ASN A 1 174 ? 4.341   14.750  11.805  1.00 20.36 ? 254 ASN A CB  1 
ATOM   1357 C  CG  . ASN A 1 174 ? 3.970   14.909  13.267  1.00 23.78 ? 254 ASN A CG  1 
ATOM   1358 O  OD1 . ASN A 1 174 ? 4.234   14.024  14.089  1.00 27.93 ? 254 ASN A OD1 1 
ATOM   1359 N  ND2 . ASN A 1 174 ? 3.348   16.044  13.606  1.00 27.63 ? 254 ASN A ND2 1 
ATOM   1360 N  N   . VAL A 1 175 ? 5.924   11.386  11.978  1.00 18.87 ? 255 VAL A N   1 
ATOM   1361 C  CA  . VAL A 1 175 ? 5.630   9.964   12.149  1.00 19.28 ? 255 VAL A CA  1 
ATOM   1362 C  C   . VAL A 1 175 ? 6.610   9.400   13.177  1.00 19.68 ? 255 VAL A C   1 
ATOM   1363 O  O   . VAL A 1 175 ? 7.786   9.753   13.173  1.00 20.91 ? 255 VAL A O   1 
ATOM   1364 C  CB  . VAL A 1 175 ? 5.699   9.204   10.790  1.00 18.89 ? 255 VAL A CB  1 
ATOM   1365 C  CG1 . VAL A 1 175 ? 6.982   9.500   10.057  1.00 19.13 ? 255 VAL A CG1 1 
ATOM   1366 C  CG2 . VAL A 1 175 ? 5.536   7.692   10.990  1.00 19.71 ? 255 VAL A CG2 1 
ATOM   1367 N  N   . ARG A 1 176 ? 6.129   8.532   14.059  1.00 20.40 ? 256 ARG A N   1 
ATOM   1368 C  CA  . ARG A 1 176 ? 6.993   7.924   15.057  1.00 20.83 ? 256 ARG A CA  1 
ATOM   1369 C  C   . ARG A 1 176 ? 6.572   6.507   15.412  1.00 20.35 ? 256 ARG A C   1 
ATOM   1370 O  O   . ARG A 1 176 ? 5.401   6.133   15.300  1.00 19.08 ? 256 ARG A O   1 
ATOM   1371 C  CB  . ARG A 1 176 ? 7.098   8.791   16.327  1.00 20.89 ? 256 ARG A CB  1 
ATOM   1372 C  CG  . ARG A 1 176 ? 5.782   9.294   16.828  1.00 22.17 ? 256 ARG A CG  1 
ATOM   1373 C  CD  . ARG A 1 176 ? 5.867   10.149  18.121  1.00 22.57 ? 256 ARG A CD  1 
ATOM   1374 N  NE  . ARG A 1 176 ? 4.622   9.962   18.862  1.00 26.09 ? 256 ARG A NE  1 
ATOM   1375 C  CZ  . ARG A 1 176 ? 3.492   10.616  18.603  1.00 26.11 ? 256 ARG A CZ  1 
ATOM   1376 N  NH1 . ARG A 1 176 ? 3.452   11.541  17.644  1.00 27.58 ? 256 ARG A NH1 1 
ATOM   1377 N  NH2 . ARG A 1 176 ? 2.398   10.345  19.306  1.00 25.97 ? 256 ARG A NH2 1 
ATOM   1378 N  N   . LEU A 1 177 ? 7.567   5.737   15.849  1.00 20.63 ? 257 LEU A N   1 
ATOM   1379 C  CA  . LEU A 1 177 ? 7.379   4.359   16.247  1.00 21.46 ? 257 LEU A CA  1 
ATOM   1380 C  C   . LEU A 1 177 ? 6.559   4.247   17.522  1.00 23.56 ? 257 LEU A C   1 
ATOM   1381 O  O   . LEU A 1 177 ? 6.838   4.916   18.533  1.00 23.94 ? 257 LEU A O   1 
ATOM   1382 C  CB  . LEU A 1 177 ? 8.723   3.659   16.394  1.00 21.21 ? 257 LEU A CB  1 
ATOM   1383 C  CG  . LEU A 1 177 ? 8.758   2.167   16.678  1.00 19.15 ? 257 LEU A CG  1 
ATOM   1384 C  CD1 . LEU A 1 177 ? 7.995   1.394   15.599  1.00 16.11 ? 257 LEU A CD1 1 
ATOM   1385 C  CD2 . LEU A 1 177 ? 10.188  1.733   16.709  1.00 19.03 ? 257 LEU A CD2 1 
ATOM   1386 N  N   . VAL A 1 178 ? 5.561   3.378   17.409  1.00 25.16 ? 258 VAL A N   1 
ATOM   1387 C  CA  . VAL A 1 178 ? 4.473   3.077   18.340  1.00 27.84 ? 258 VAL A CA  1 
ATOM   1388 C  C   . VAL A 1 178 ? 3.801   4.221   19.089  1.00 28.79 ? 258 VAL A C   1 
ATOM   1389 O  O   . VAL A 1 178 ? 4.390   5.198   19.549  1.00 30.12 ? 258 VAL A O   1 
ATOM   1390 C  CB  . VAL A 1 178 ? 4.731   1.779   19.187  1.00 28.10 ? 258 VAL A CB  1 
ATOM   1391 C  CG1 . VAL A 1 178 ? 5.859   1.974   20.139  1.00 29.79 ? 258 VAL A CG1 1 
ATOM   1392 C  CG2 . VAL A 1 178 ? 3.478   1.335   19.928  1.00 26.86 ? 258 VAL A CG2 1 
ATOM   1393 O  OXT . VAL A 1 178 ? 2.582   4.209   19.158  1.00 30.50 ? 258 VAL A OXT 1 
HETATM 1394 CA CA  . CA  B 2 .   ? 4.357   -3.631  -16.658 1.00 13.94 ? 1   CA  A CA  1 
HETATM 1395 O  O   . HOH C 3 .   ? -8.019  4.583   -10.714 1.00 28.08 ? 259 HOH A O   1 
HETATM 1396 O  O   . HOH C 3 .   ? 3.687   -12.261 -3.257  1.00 17.68 ? 260 HOH A O   1 
HETATM 1397 O  O   . HOH C 3 .   ? 3.489   -4.567  12.262  1.00 15.85 ? 261 HOH A O   1 
HETATM 1398 O  O   . HOH C 3 .   ? 5.941   10.420  -3.378  1.00 12.25 ? 262 HOH A O   1 
HETATM 1399 O  O   . HOH C 3 .   ? -13.947 0.533   3.054   1.00 10.93 ? 263 HOH A O   1 
HETATM 1400 O  O   . HOH C 3 .   ? 1.252   11.053  6.875   1.00 11.42 ? 264 HOH A O   1 
HETATM 1401 O  O   . HOH C 3 .   ? -7.257  9.732   11.695  1.00 22.58 ? 265 HOH A O   1 
HETATM 1402 O  O   . HOH C 3 .   ? 8.096   -6.934  -4.862  1.00 11.53 ? 266 HOH A O   1 
HETATM 1403 O  O   . HOH C 3 .   ? -7.831  -9.740  -1.544  1.00 12.50 ? 267 HOH A O   1 
HETATM 1404 O  O   . HOH C 3 .   ? -10.028 2.914   11.817  1.00 14.17 ? 268 HOH A O   1 
HETATM 1405 O  O   . HOH C 3 .   ? 6.513   4.859   -4.225  1.00 15.56 ? 269 HOH A O   1 
HETATM 1406 O  O   . HOH C 3 .   ? -15.630 -11.179 -10.675 1.00 19.36 ? 270 HOH A O   1 
HETATM 1407 O  O   . HOH C 3 .   ? 5.278   -4.188  8.311   1.00 12.37 ? 271 HOH A O   1 
HETATM 1408 O  O   . HOH C 3 .   ? -2.635  -2.557  -15.892 1.00 20.74 ? 272 HOH A O   1 
HETATM 1409 O  O   . HOH C 3 .   ? 15.050  1.704   -6.051  1.00 14.37 ? 273 HOH A O   1 
HETATM 1410 O  O   . HOH C 3 .   ? -15.305 -13.907 0.053   1.00 12.71 ? 274 HOH A O   1 
HETATM 1411 O  O   . HOH C 3 .   ? 5.474   4.621   -10.832 1.00 17.77 ? 275 HOH A O   1 
HETATM 1412 O  O   . HOH C 3 .   ? 0.879   12.802  1.227   1.00 16.64 ? 276 HOH A O   1 
HETATM 1413 O  O   . HOH C 3 .   ? 21.077  -7.088  -3.308  1.00 14.77 ? 277 HOH A O   1 
HETATM 1414 O  O   . HOH C 3 .   ? -4.607  14.435  5.214   1.00 23.18 ? 278 HOH A O   1 
HETATM 1415 O  O   . HOH C 3 .   ? -17.102 -7.061  0.166   1.00 16.01 ? 279 HOH A O   1 
HETATM 1416 O  O   . HOH C 3 .   ? 0.241   -8.016  11.717  1.00 23.17 ? 280 HOH A O   1 
HETATM 1417 O  O   . HOH C 3 .   ? -11.312 -0.101  -12.825 1.00 20.18 ? 281 HOH A O   1 
HETATM 1418 O  O   . HOH C 3 .   ? -13.846 -6.861  1.209   1.00 12.48 ? 282 HOH A O   1 
HETATM 1419 O  O   . HOH C 3 .   ? -13.163 3.101   -7.339  1.00 36.03 ? 283 HOH A O   1 
HETATM 1420 O  O   . HOH C 3 .   ? -18.242 -0.569  -5.383  1.00 17.35 ? 284 HOH A O   1 
HETATM 1421 O  O   . HOH C 3 .   ? 14.453  5.128   1.266   1.00 15.23 ? 285 HOH A O   1 
HETATM 1422 O  O   . HOH C 3 .   ? -15.838 3.781   6.296   1.00 18.07 ? 286 HOH A O   1 
HETATM 1423 O  O   . HOH C 3 .   ? 4.708   8.684   -5.815  1.00 17.89 ? 287 HOH A O   1 
HETATM 1424 O  O   . HOH C 3 .   ? -4.814  11.508  -1.924  1.00 18.88 ? 288 HOH A O   1 
HETATM 1425 O  O   . HOH C 3 .   ? -2.208  0.000   13.112  1.00 18.17 ? 289 HOH A O   1 
HETATM 1426 O  O   . HOH C 3 .   ? -17.630 -2.904  -2.662  1.00 17.17 ? 290 HOH A O   1 
HETATM 1427 O  O   . HOH C 3 .   ? 8.701   -6.734  -2.086  1.00 15.83 ? 291 HOH A O   1 
HETATM 1428 O  O   . HOH C 3 .   ? -7.422  13.702  4.607   1.00 15.79 ? 292 HOH A O   1 
HETATM 1429 O  O   . HOH C 3 .   ? 10.196  9.130   3.253   1.00 20.90 ? 293 HOH A O   1 
HETATM 1430 O  O   . HOH C 3 .   ? 10.355  -8.767  10.752  1.00 20.28 ? 294 HOH A O   1 
HETATM 1431 O  O   . HOH C 3 .   ? -14.480 -1.451  -7.236  1.00 21.02 ? 295 HOH A O   1 
HETATM 1432 O  O   . HOH C 3 .   ? -5.617  5.467   15.396  1.00 26.23 ? 296 HOH A O   1 
HETATM 1433 O  O   . HOH C 3 .   ? -10.575 4.074   -1.917  1.00 26.23 ? 297 HOH A O   1 
HETATM 1434 O  O   . HOH C 3 .   ? -11.291 -2.707  -14.225 1.00 24.49 ? 298 HOH A O   1 
HETATM 1435 O  O   . HOH C 3 .   ? -15.389 -7.880  9.017   1.00 16.24 ? 299 HOH A O   1 
HETATM 1436 O  O   . HOH C 3 .   ? -15.987 -13.465 -2.871  1.00 18.58 ? 300 HOH A O   1 
HETATM 1437 O  O   . HOH C 3 .   ? 10.745  -8.380  6.079   1.00 19.82 ? 301 HOH A O   1 
HETATM 1438 O  O   . HOH C 3 .   ? 11.692  4.305   13.241  1.00 24.12 ? 302 HOH A O   1 
HETATM 1439 O  O   . HOH C 3 .   ? -20.119 -3.327  -3.618  1.00 21.14 ? 303 HOH A O   1 
HETATM 1440 O  O   . HOH C 3 .   ? 10.434  9.789   12.918  1.00 34.88 ? 304 HOH A O   1 
HETATM 1441 O  O   . HOH C 3 .   ? -9.369  2.767   -5.981  1.00 20.89 ? 305 HOH A O   1 
HETATM 1442 O  O   . HOH C 3 .   ? 2.188   -2.558  17.799  1.00 21.05 ? 306 HOH A O   1 
HETATM 1443 O  O   . HOH C 3 .   ? 0.163   10.016  -7.758  1.00 18.37 ? 307 HOH A O   1 
HETATM 1444 O  O   . HOH C 3 .   ? -3.725  7.437   16.024  1.00 23.91 ? 308 HOH A O   1 
HETATM 1445 O  O   . HOH C 3 .   ? 10.573  6.346   14.641  1.00 39.09 ? 309 HOH A O   1 
HETATM 1446 O  O   . HOH C 3 .   ? 18.128  2.041   -0.588  1.00 22.54 ? 310 HOH A O   1 
HETATM 1447 O  O   . HOH C 3 .   ? -7.162  -11.900 -0.135  1.00 28.00 ? 311 HOH A O   1 
HETATM 1448 O  O   . HOH C 3 .   ? 6.556   -12.842 -9.880  1.00 21.98 ? 312 HOH A O   1 
HETATM 1449 O  O   . HOH C 3 .   ? -2.762  7.300   -9.136  1.00 31.81 ? 313 HOH A O   1 
HETATM 1450 O  O   . HOH C 3 .   ? -4.765  16.722  3.536   1.00 23.99 ? 314 HOH A O   1 
HETATM 1451 O  O   . HOH C 3 .   ? -2.879  15.329  8.676   1.00 39.16 ? 315 HOH A O   1 
HETATM 1452 O  O   . HOH C 3 .   ? 18.114  4.741   3.498   1.00 26.47 ? 316 HOH A O   1 
HETATM 1453 O  O   . HOH C 3 .   ? 17.263  -3.058  -10.900 1.00 21.51 ? 317 HOH A O   1 
HETATM 1454 O  O   . HOH C 3 .   ? 16.888  3.759   8.105   1.00 23.88 ? 318 HOH A O   1 
HETATM 1455 O  O   . HOH C 3 .   ? 12.783  -7.404  -2.383  1.00 20.17 ? 319 HOH A O   1 
HETATM 1456 O  O   . HOH C 3 .   ? -3.829  0.602   15.235  1.00 25.31 ? 320 HOH A O   1 
HETATM 1457 O  O   . HOH C 3 .   ? -16.970 8.121   6.242   1.00 25.64 ? 321 HOH A O   1 
HETATM 1458 O  O   . HOH C 3 .   ? -1.812  -7.081  7.668   1.00 22.83 ? 322 HOH A O   1 
HETATM 1459 O  O   . HOH C 3 .   ? 21.581  1.930   1.917   1.00 27.14 ? 323 HOH A O   1 
HETATM 1460 O  O   . HOH C 3 .   ? -7.460  8.691   -1.816  1.00 31.89 ? 324 HOH A O   1 
HETATM 1461 O  O   . HOH C 3 .   ? -9.466  -1.717  17.325  1.00 20.53 ? 325 HOH A O   1 
HETATM 1462 O  O   . HOH C 3 .   ? 18.847  -4.822  -0.212  1.00 30.89 ? 326 HOH A O   1 
HETATM 1463 O  O   . HOH C 3 .   ? -2.654  -9.589  0.457   1.00 23.30 ? 327 HOH A O   1 
HETATM 1464 O  O   . HOH C 3 .   ? -7.594  7.178   14.573  1.00 21.03 ? 328 HOH A O   1 
HETATM 1465 O  O   . HOH C 3 .   ? 10.472  8.922   -1.097  1.00 23.50 ? 329 HOH A O   1 
HETATM 1466 O  O   . HOH C 3 .   ? 4.527   -1.591  -17.941 1.00 16.08 ? 330 HOH A O   1 
HETATM 1467 O  O   . HOH C 3 .   ? -12.373 4.156   17.978  1.00 36.37 ? 331 HOH A O   1 
HETATM 1468 O  O   . HOH C 3 .   ? 19.139  -2.893  10.213  1.00 31.34 ? 332 HOH A O   1 
HETATM 1469 O  O   . HOH C 3 .   ? 14.531  -6.384  -0.314  1.00 23.86 ? 333 HOH A O   1 
HETATM 1470 O  O   . HOH C 3 .   ? 2.744   10.465  -6.638  1.00 24.42 ? 334 HOH A O   1 
HETATM 1471 O  O   . HOH C 3 .   ? -0.257  7.403   -11.236 1.00 27.89 ? 335 HOH A O   1 
HETATM 1472 O  O   . HOH C 3 .   ? -4.684  -14.106 -13.508 1.00 22.84 ? 336 HOH A O   1 
HETATM 1473 O  O   . HOH C 3 .   ? 3.144   12.473  4.022   1.00 29.93 ? 337 HOH A O   1 
HETATM 1474 O  O   . HOH C 3 .   ? -13.710 -5.964  -23.863 1.00 31.20 ? 338 HOH A O   1 
HETATM 1475 O  O   . HOH C 3 .   ? 9.284   11.837  -0.243  1.00 23.52 ? 339 HOH A O   1 
HETATM 1476 O  O   . HOH C 3 .   ? 9.454   -12.347 -10.598 1.00 29.76 ? 340 HOH A O   1 
HETATM 1477 O  O   . HOH C 3 .   ? -1.287  13.327  8.419   1.00 28.22 ? 341 HOH A O   1 
HETATM 1478 O  O   . HOH C 3 .   ? 4.527   -2.090  18.868  1.00 30.73 ? 342 HOH A O   1 
HETATM 1479 O  O   . HOH C 3 .   ? 4.299   17.316  8.509   1.00 25.07 ? 343 HOH A O   1 
HETATM 1480 O  O   . HOH C 3 .   ? 6.012   -0.391  17.409  1.00 24.36 ? 344 HOH A O   1 
HETATM 1481 O  O   . HOH C 3 .   ? 7.826   -11.559 -5.233  1.00 23.04 ? 345 HOH A O   1 
HETATM 1482 O  O   . HOH C 3 .   ? -4.237  -8.753  11.533  1.00 27.18 ? 346 HOH A O   1 
HETATM 1483 O  O   . HOH C 3 .   ? 19.679  -3.902  -12.662 1.00 18.36 ? 347 HOH A O   1 
HETATM 1484 O  O   . HOH C 3 .   ? -1.674  14.741  15.280  1.00 39.49 ? 348 HOH A O   1 
HETATM 1485 O  O   . HOH C 3 .   ? 5.373   -5.722  10.469  1.00 26.33 ? 349 HOH A O   1 
HETATM 1486 O  O   . HOH C 3 .   ? -3.771  -11.173 -16.879 1.00 24.38 ? 350 HOH A O   1 
HETATM 1487 O  O   . HOH C 3 .   ? 5.615   -12.493 -6.895  1.00 31.54 ? 351 HOH A O   1 
HETATM 1488 O  O   . HOH C 3 .   ? -2.088  2.354   -22.033 1.00 25.49 ? 352 HOH A O   1 
HETATM 1489 O  O   . HOH C 3 .   ? -9.684  12.836  6.163   1.00 25.05 ? 353 HOH A O   1 
HETATM 1490 O  O   . HOH C 3 .   ? 10.352  5.764   -7.194  1.00 31.09 ? 354 HOH A O   1 
HETATM 1491 O  O   . HOH C 3 .   ? 9.353   -9.285  -5.009  1.00 22.07 ? 355 HOH A O   1 
HETATM 1492 O  O   . HOH C 3 .   ? 14.793  -3.891  -13.133 1.00 36.18 ? 356 HOH A O   1 
HETATM 1493 O  O   . HOH C 3 .   ? -17.549 3.079   16.623  1.00 23.19 ? 357 HOH A O   1 
HETATM 1494 O  O   . HOH C 3 .   ? -7.982  7.689   -7.256  1.00 34.68 ? 358 HOH A O   1 
HETATM 1495 O  O   . HOH C 3 .   ? -4.364  10.444  -6.257  1.00 30.02 ? 359 HOH A O   1 
HETATM 1496 O  O   . HOH C 3 .   ? -3.916  -10.011 -22.815 1.00 30.75 ? 360 HOH A O   1 
HETATM 1497 O  O   . HOH C 3 .   ? 11.502  0.921   -19.824 1.00 24.39 ? 361 HOH A O   1 
HETATM 1498 O  O   . HOH C 3 .   ? 1.988   -13.704 -4.919  1.00 20.19 ? 362 HOH A O   1 
HETATM 1499 O  O   . HOH C 3 .   ? -0.435  -13.001 -5.742  1.00 19.10 ? 363 HOH A O   1 
HETATM 1500 O  O   . HOH C 3 .   ? 3.997   -12.868 -0.622  1.00 29.89 ? 364 HOH A O   1 
HETATM 1501 O  O   . HOH C 3 .   ? -8.409  -12.638 2.041   1.00 18.73 ? 365 HOH A O   1 
HETATM 1502 O  O   . HOH C 3 .   ? -11.758 -13.577 8.012   1.00 23.84 ? 366 HOH A O   1 
HETATM 1503 O  O   . HOH C 3 .   ? -5.622  -0.673  16.694  1.00 30.19 ? 367 HOH A O   1 
HETATM 1504 O  O   . HOH C 3 .   ? -7.873  -9.146  17.381  1.00 41.48 ? 368 HOH A O   1 
HETATM 1505 O  O   . HOH C 3 .   ? 17.092  4.666   0.943   1.00 24.18 ? 369 HOH A O   1 
HETATM 1506 O  O   . HOH C 3 .   ? 16.377  -6.440  -11.206 1.00 30.30 ? 370 HOH A O   1 
HETATM 1507 O  O   . HOH C 3 .   ? 16.299  -8.282  -9.023  1.00 32.35 ? 371 HOH A O   1 
HETATM 1508 O  O   . HOH C 3 .   ? 10.485  -8.784  -2.310  1.00 32.30 ? 372 HOH A O   1 
HETATM 1509 O  O   . HOH C 3 .   ? 5.042   -15.543 -10.319 1.00 31.60 ? 373 HOH A O   1 
HETATM 1510 O  O   . HOH C 3 .   ? -1.857  -9.637  6.745   1.00 25.47 ? 374 HOH A O   1 
HETATM 1511 O  O   . HOH C 3 .   ? 1.921   1.384   -16.597 1.00 37.91 ? 375 HOH A O   1 
HETATM 1512 O  O   . HOH C 3 .   ? 15.796  -1.387  -12.568 1.00 32.74 ? 376 HOH A O   1 
HETATM 1513 O  O   . HOH C 3 .   ? 3.634   -0.688  -20.155 1.00 27.99 ? 377 HOH A O   1 
HETATM 1514 O  O   . HOH C 3 .   ? -6.939  3.297   -18.182 1.00 29.38 ? 378 HOH A O   1 
HETATM 1515 O  O   . HOH C 3 .   ? -19.507 4.398   -0.067  1.00 23.50 ? 379 HOH A O   1 
HETATM 1516 O  O   . HOH C 3 .   ? -6.797  -13.564 -17.681 1.00 31.37 ? 380 HOH A O   1 
HETATM 1517 O  O   . HOH C 3 .   ? -18.728 -2.283  8.982   1.00 34.58 ? 381 HOH A O   1 
HETATM 1518 O  O   . HOH C 3 .   ? -18.296 -7.211  -2.436  1.00 32.17 ? 382 HOH A O   1 
HETATM 1519 O  O   . HOH C 3 .   ? -18.881 -4.144  -0.138  1.00 24.87 ? 383 HOH A O   1 
HETATM 1520 O  O   . HOH C 3 .   ? -15.739 -1.413  12.077  1.00 28.23 ? 384 HOH A O   1 
HETATM 1521 O  O   . HOH C 3 .   ? -10.181 -15.056 -5.669  1.00 26.05 ? 385 HOH A O   1 
HETATM 1522 O  O   . HOH C 3 .   ? -14.175 -6.959  -15.581 1.00 36.31 ? 386 HOH A O   1 
HETATM 1523 O  O   . HOH C 3 .   ? -9.295  15.243  3.516   1.00 22.87 ? 387 HOH A O   1 
HETATM 1524 O  O   . HOH C 3 .   ? 16.327  -4.358  2.836   1.00 32.77 ? 388 HOH A O   1 
HETATM 1525 O  O   . HOH C 3 .   ? 15.110  -8.423  11.139  1.00 33.23 ? 389 HOH A O   1 
HETATM 1526 O  O   . HOH C 3 .   ? 15.091  5.018   9.547   1.00 26.57 ? 390 HOH A O   1 
HETATM 1527 O  O   . HOH C 3 .   ? -5.084  8.979   -3.127  1.00 33.35 ? 391 HOH A O   1 
HETATM 1528 O  O   . HOH C 3 .   ? 18.509  -4.451  8.377   1.00 33.27 ? 392 HOH A O   1 
HETATM 1529 O  O   . HOH C 3 .   ? 20.048  -2.809  6.644   1.00 21.86 ? 393 HOH A O   1 
HETATM 1530 O  O   . HOH C 3 .   ? 0.693   5.212   -19.984 1.00 26.66 ? 394 HOH A O   1 
HETATM 1531 O  O   . HOH C 3 .   ? -2.374  -7.212  10.637  1.00 24.48 ? 395 HOH A O   1 
HETATM 1532 O  O   . HOH C 3 .   ? 6.692   7.425   20.216  1.00 27.11 ? 396 HOH A O   1 
HETATM 1533 O  O   . HOH C 3 .   ? 3.188   15.515  16.975  1.00 33.91 ? 397 HOH A O   1 
HETATM 1534 O  O   . HOH C 3 .   ? -14.266 -3.314  13.925  1.00 34.88 ? 398 HOH A O   1 
HETATM 1535 O  O   . HOH C 3 .   ? 16.794  -5.685  -1.692  1.00 27.44 ? 399 HOH A O   1 
HETATM 1536 O  O   . HOH C 3 .   ? -17.278 1.188   14.766  1.00 31.33 ? 400 HOH A O   1 
HETATM 1537 O  O   . HOH C 3 .   ? -4.702  8.522   -14.935 1.00 37.15 ? 401 HOH A O   1 
HETATM 1538 O  O   . HOH C 3 .   ? 1.723   6.062   -13.767 1.00 28.38 ? 402 HOH A O   1 
HETATM 1539 O  O   . HOH C 3 .   ? -11.391 -9.381  10.695  1.00 28.04 ? 403 HOH A O   1 
HETATM 1540 O  O   . HOH C 3 .   ? 19.170  -3.273  3.879   1.00 34.54 ? 404 HOH A O   1 
HETATM 1541 O  O   . HOH C 3 .   ? -0.533  -5.465  12.181  1.00 26.32 ? 405 HOH A O   1 
HETATM 1542 O  O   . HOH C 3 .   ? 0.523   5.318   -15.798 1.00 46.88 ? 406 HOH A O   1 
HETATM 1543 O  O   . HOH C 3 .   ? 0.059   9.773   -10.398 1.00 32.14 ? 407 HOH A O   1 
HETATM 1544 O  O   . HOH C 3 .   ? 22.144  -1.812  -6.380  1.00 32.97 ? 408 HOH A O   1 
HETATM 1545 O  O   . HOH C 3 .   ? -6.907  14.471  8.089   1.00 27.97 ? 409 HOH A O   1 
HETATM 1546 O  O   . HOH C 3 .   ? -15.200 -4.348  8.865   1.00 32.22 ? 410 HOH A O   1 
HETATM 1547 O  O   . HOH C 3 .   ? 0.483   -9.171  1.668   1.00 25.88 ? 411 HOH A O   1 
HETATM 1548 O  O   . HOH C 3 .   ? -2.861  -10.560 -19.588 1.00 31.81 ? 412 HOH A O   1 
HETATM 1549 O  O   . HOH C 3 .   ? 10.841  12.595  11.304  1.00 31.29 ? 413 HOH A O   1 
HETATM 1550 O  O   . HOH C 3 .   ? -9.768  -11.925 -9.474  1.00 27.65 ? 414 HOH A O   1 
HETATM 1551 O  O   . HOH C 3 .   ? 13.969  7.757   0.395   1.00 32.11 ? 415 HOH A O   1 
HETATM 1552 O  O   . HOH C 3 .   ? 7.028   5.093   -14.109 1.00 31.62 ? 416 HOH A O   1 
HETATM 1553 O  O   . HOH C 3 .   ? -1.550  3.109   -18.709 1.00 26.41 ? 417 HOH A O   1 
HETATM 1554 O  O   . HOH C 3 .   ? -13.849 0.376   -11.533 1.00 31.24 ? 418 HOH A O   1 
HETATM 1555 O  O   . HOH C 3 .   ? -2.965  -4.863  -16.856 1.00 27.25 ? 419 HOH A O   1 
HETATM 1556 O  O   . HOH C 3 .   ? -2.127  6.429   -14.681 1.00 36.12 ? 420 HOH A O   1 
HETATM 1557 O  O   . HOH C 3 .   ? -9.483  3.758   -13.010 1.00 33.96 ? 421 HOH A O   1 
HETATM 1558 O  O   . HOH C 3 .   ? -7.343  12.704  -1.704  1.00 34.06 ? 422 HOH A O   1 
HETATM 1559 O  O   . HOH C 3 .   ? -2.592  10.393  14.803  1.00 35.06 ? 423 HOH A O   1 
HETATM 1560 O  O   . HOH C 3 .   ? -5.035  15.568  15.050  1.00 34.27 ? 424 HOH A O   1 
HETATM 1561 O  O   . HOH C 3 .   ? -9.506  -7.469  10.647  1.00 30.80 ? 425 HOH A O   1 
HETATM 1562 O  O   . HOH C 3 .   ? -4.347  -10.810 7.303   1.00 27.61 ? 426 HOH A O   1 
HETATM 1563 O  O   . HOH C 3 .   ? -12.358 12.541  8.368   1.00 27.51 ? 427 HOH A O   1 
HETATM 1564 O  O   . HOH C 3 .   ? -0.135  -10.576 4.065   1.00 32.10 ? 428 HOH A O   1 
HETATM 1565 O  O   . HOH C 3 .   ? -6.917  9.894   14.275  1.00 28.22 ? 429 HOH A O   1 
HETATM 1566 O  O   . HOH C 3 .   ? 0.275   -4.745  -8.146  1.00 24.53 ? 430 HOH A O   1 
HETATM 1567 O  O   . HOH C 3 .   ? 3.369   10.934  14.725  1.00 36.98 ? 431 HOH A O   1 
HETATM 1568 O  O   . HOH C 3 .   ? -5.658  4.502   17.847  1.00 34.03 ? 432 HOH A O   1 
HETATM 1569 O  O   . HOH C 3 .   ? 0.639   2.587   -19.701 1.00 21.51 ? 433 HOH A O   1 
HETATM 1570 O  O   . HOH C 3 .   ? -6.562  21.276  10.082  1.00 39.64 ? 434 HOH A O   1 
HETATM 1571 O  O   . HOH C 3 .   ? 1.684   -12.102 6.425   1.00 45.97 ? 435 HOH A O   1 
HETATM 1572 O  O   . HOH C 3 .   ? -12.461 5.126   -8.752  1.00 31.93 ? 436 HOH A O   1 
HETATM 1573 O  O   . HOH C 3 .   ? -17.242 -1.431  18.968  1.00 36.94 ? 437 HOH A O   1 
HETATM 1574 O  O   . HOH C 3 .   ? 12.762  4.132   10.309  1.00 30.37 ? 438 HOH A O   1 
HETATM 1575 O  O   . HOH C 3 .   ? 15.478  4.183   -7.086  1.00 36.36 ? 439 HOH A O   1 
HETATM 1576 O  O   . HOH C 3 .   ? 14.029  5.836   -10.495 1.00 40.11 ? 440 HOH A O   1 
HETATM 1577 O  O   . HOH C 3 .   ? 2.801   -9.001  -19.823 1.00 33.62 ? 441 HOH A O   1 
HETATM 1578 O  O   . HOH C 3 .   ? -2.280  -11.890 13.352  1.00 34.34 ? 442 HOH A O   1 
HETATM 1579 O  O   . HOH C 3 .   ? 18.541  2.064   -3.224  1.00 38.16 ? 443 HOH A O   1 
HETATM 1580 O  O   . HOH C 3 .   ? 9.641   5.392   -13.839 1.00 42.86 ? 444 HOH A O   1 
HETATM 1581 O  O   . HOH C 3 .   ? 1.293   3.397   -17.449 1.00 36.64 ? 445 HOH A O   1 
HETATM 1582 O  O   . HOH C 3 .   ? 12.879  6.263   -7.330  1.00 31.06 ? 446 HOH A O   1 
# 
